data_3RUE
#
_entry.id   3RUE
#
_cell.length_a   78.449
_cell.length_b   78.449
_cell.length_c   226.543
_cell.angle_alpha   90.00
_cell.angle_beta   90.00
_cell.angle_gamma   120.00
#
_symmetry.space_group_name_H-M   'P 32'
#
loop_
_entity.id
_entity.type
_entity.pdbx_description
1 polymer WbgU
2 non-polymer NICOTINAMIDE-ADENINE-DINUCLEOTIDE
3 non-polymer 'UNKNOWN LIGAND'
4 water water
#
_entity_poly.entity_id   1
_entity_poly.type   'polypeptide(L)'
_entity_poly.pdbx_seq_one_letter_code
;HHHHHHMDIYMSRYEEITQQLIFSPKTWLITGVAGFIGSNLLEKLLKLNQVVIGLDNFSTGHQYNLDEVKTLVSTEQWSR
FCFIEGDIRDLTTCEQVMKGVDHVLHQAALGSVPRSIVDPITTNATNITGFLNILHAAKNAQVQSFTYAASSSTYGDHPA
LPKVEENIGNPLSPYAVTKYVNEIYAQVYARTYGFKTIGLRYFNVFGRRQDPNGAYAAVIPKWTAAMLKGDDVYINGDGE
TSRDFCYIDNVIQMNILSALAKDSAKDNIYNVAVGDRTTLNELSGYIYDELNLIHHIDKLSIKYREFRSGDVRHSQADVT
KAIDLLKYRPNIKIREGLRLSMPWYVRFLKG
;
_entity_poly.pdbx_strand_id   A,B,S,b
#
# COMPACT_ATOMS: atom_id res chain seq x y z
N TYR A 10 32.38 -32.03 10.74
CA TYR A 10 31.62 -32.39 9.54
C TYR A 10 30.14 -32.10 9.68
N MET A 11 29.56 -31.45 8.69
CA MET A 11 28.12 -31.26 8.64
C MET A 11 27.57 -32.11 7.49
N SER A 12 27.20 -33.34 7.81
CA SER A 12 27.01 -34.40 6.82
C SER A 12 25.79 -34.26 5.93
N ARG A 13 24.61 -34.08 6.50
CA ARG A 13 23.43 -33.97 5.66
C ARG A 13 23.65 -32.70 4.85
N TYR A 14 24.17 -31.70 5.54
CA TYR A 14 24.41 -30.40 4.96
C TYR A 14 25.36 -30.51 3.76
N GLU A 15 26.46 -31.25 3.95
CA GLU A 15 27.40 -31.54 2.86
C GLU A 15 26.66 -32.20 1.70
N GLU A 16 25.95 -33.27 2.01
CA GLU A 16 25.08 -33.93 1.05
C GLU A 16 24.14 -32.98 0.27
N ILE A 17 23.39 -32.14 0.99
CA ILE A 17 22.54 -31.15 0.34
C ILE A 17 23.32 -30.20 -0.60
N THR A 18 24.44 -29.65 -0.14
CA THR A 18 25.21 -28.73 -0.97
C THR A 18 25.72 -29.37 -2.26
N GLN A 19 26.08 -30.65 -2.21
CA GLN A 19 26.53 -31.37 -3.40
C GLN A 19 25.40 -31.38 -4.43
N GLN A 20 24.25 -31.87 -4.00
CA GLN A 20 23.06 -31.88 -4.85
C GLN A 20 22.83 -30.56 -5.59
N LEU A 21 22.93 -29.46 -4.88
CA LEU A 21 22.74 -28.13 -5.46
C LEU A 21 23.78 -27.76 -6.49
N ILE A 22 25.05 -28.00 -6.17
CA ILE A 22 26.14 -27.68 -7.08
C ILE A 22 25.92 -28.34 -8.46
N PHE A 23 25.07 -29.38 -8.50
CA PHE A 23 24.81 -30.13 -9.73
C PHE A 23 23.54 -29.77 -10.45
N SER A 24 22.45 -29.73 -9.70
CA SER A 24 21.15 -29.28 -10.19
C SER A 24 20.87 -27.91 -9.58
N PRO A 25 21.60 -26.86 -10.04
CA PRO A 25 21.42 -25.50 -9.51
C PRO A 25 20.00 -24.98 -9.66
N LYS A 26 19.57 -24.22 -8.67
CA LYS A 26 18.21 -23.71 -8.62
C LYS A 26 18.24 -22.18 -8.56
N THR A 27 17.07 -21.57 -8.72
CA THR A 27 16.93 -20.12 -8.61
C THR A 27 16.38 -19.77 -7.23
N TRP A 28 17.10 -18.93 -6.51
CA TRP A 28 16.74 -18.57 -5.13
C TRP A 28 16.31 -17.12 -5.08
N LEU A 29 15.44 -16.78 -4.13
CA LEU A 29 15.15 -15.38 -3.85
C LEU A 29 15.51 -15.05 -2.41
N ILE A 30 16.44 -14.12 -2.22
CA ILE A 30 16.77 -13.66 -0.90
C ILE A 30 16.29 -12.23 -0.73
N THR A 31 15.31 -12.04 0.16
CA THR A 31 14.92 -10.68 0.58
C THR A 31 15.81 -10.29 1.75
N GLY A 32 16.09 -8.99 1.90
CA GLY A 32 17.00 -8.51 2.92
C GLY A 32 18.42 -8.96 2.64
N VAL A 33 18.72 -9.03 1.35
CA VAL A 33 19.93 -9.65 0.83
C VAL A 33 21.17 -8.79 1.05
N ALA A 34 20.95 -7.49 1.28
CA ALA A 34 22.05 -6.57 1.57
C ALA A 34 22.24 -6.42 3.07
N GLY A 35 21.35 -7.04 3.83
CA GLY A 35 21.47 -7.02 5.27
C GLY A 35 22.59 -7.95 5.68
N PHE A 36 22.76 -8.13 6.99
CA PHE A 36 23.75 -9.04 7.53
C PHE A 36 23.49 -10.50 7.15
N ILE A 37 22.34 -11.03 7.52
CA ILE A 37 22.08 -12.46 7.31
C ILE A 37 21.85 -12.76 5.83
N GLY A 38 21.16 -11.85 5.14
CA GLY A 38 20.93 -12.02 3.73
C GLY A 38 22.21 -11.99 2.92
N SER A 39 23.14 -11.11 3.26
CA SER A 39 24.39 -11.04 2.49
C SER A 39 25.25 -12.30 2.72
N ASN A 40 25.26 -12.77 3.96
CA ASN A 40 25.87 -14.08 4.24
C ASN A 40 25.30 -15.23 3.40
N LEU A 41 23.97 -15.32 3.32
CA LEU A 41 23.32 -16.30 2.46
C LEU A 41 23.71 -16.09 0.99
N LEU A 42 23.89 -14.84 0.57
CA LEU A 42 24.26 -14.57 -0.82
C LEU A 42 25.60 -15.17 -1.11
N GLU A 43 26.56 -14.91 -0.20
CA GLU A 43 27.92 -15.42 -0.33
C GLU A 43 27.87 -16.92 -0.59
N LYS A 44 27.22 -17.62 0.33
CA LYS A 44 27.20 -19.07 0.27
C LYS A 44 26.55 -19.60 -1.01
N LEU A 45 25.39 -19.05 -1.39
CA LEU A 45 24.66 -19.56 -2.55
C LEU A 45 25.39 -19.33 -3.89
N LEU A 46 26.07 -18.19 -4.02
CA LEU A 46 26.85 -17.91 -5.23
C LEU A 46 28.05 -18.85 -5.36
N LYS A 47 28.67 -19.15 -4.22
CA LYS A 47 29.78 -20.11 -4.17
C LYS A 47 29.32 -21.52 -4.56
N LEU A 48 28.02 -21.79 -4.45
CA LEU A 48 27.46 -23.06 -4.91
C LEU A 48 26.85 -22.91 -6.30
N ASN A 49 27.29 -21.88 -7.02
CA ASN A 49 26.87 -21.63 -8.39
C ASN A 49 25.36 -21.54 -8.59
N GLN A 50 24.64 -21.11 -7.56
CA GLN A 50 23.20 -20.94 -7.69
C GLN A 50 22.84 -19.65 -8.43
N VAL A 51 21.62 -19.57 -8.94
CA VAL A 51 21.14 -18.35 -9.52
C VAL A 51 20.38 -17.65 -8.41
N VAL A 52 20.74 -16.41 -8.16
CA VAL A 52 20.12 -15.70 -7.06
C VAL A 52 19.48 -14.41 -7.54
N ILE A 53 18.27 -14.17 -7.06
CA ILE A 53 17.58 -12.91 -7.29
C ILE A 53 17.46 -12.26 -5.93
N GLY A 54 17.94 -11.04 -5.82
CA GLY A 54 18.00 -10.38 -4.52
C GLY A 54 17.11 -9.17 -4.39
N LEU A 55 16.58 -8.94 -3.20
CA LEU A 55 15.67 -7.84 -2.95
C LEU A 55 16.06 -7.21 -1.64
N ASP A 56 16.26 -5.90 -1.66
CA ASP A 56 16.49 -5.12 -0.44
C ASP A 56 16.12 -3.68 -0.78
N ASN A 57 15.83 -2.87 0.24
CA ASN A 57 15.49 -1.47 0.01
C ASN A 57 16.46 -0.49 0.72
N PHE A 58 17.67 -0.98 1.02
CA PHE A 58 18.66 -0.25 1.80
C PHE A 58 18.10 0.54 3.01
N SER A 59 17.04 0.02 3.62
CA SER A 59 16.66 0.48 4.95
C SER A 59 17.81 0.31 5.95
N THR A 60 18.10 -0.94 6.31
CA THR A 60 19.18 -1.22 7.23
C THR A 60 20.30 -1.95 6.48
N GLY A 61 20.04 -2.28 5.22
CA GLY A 61 21.03 -2.96 4.42
C GLY A 61 21.99 -1.99 3.78
N HIS A 62 23.08 -2.51 3.23
CA HIS A 62 24.13 -1.67 2.67
C HIS A 62 24.60 -2.12 1.29
N GLN A 63 24.80 -1.16 0.40
CA GLN A 63 25.41 -1.44 -0.90
C GLN A 63 26.81 -2.03 -0.72
N TYR A 64 27.52 -1.56 0.30
CA TYR A 64 28.87 -2.06 0.56
C TYR A 64 28.91 -3.54 0.94
N ASN A 65 27.84 -4.04 1.56
CA ASN A 65 27.71 -5.47 1.85
C ASN A 65 27.60 -6.30 0.58
N LEU A 66 26.90 -5.77 -0.42
CA LEU A 66 26.87 -6.42 -1.72
C LEU A 66 28.24 -6.37 -2.37
N ASP A 67 28.88 -5.20 -2.33
CA ASP A 67 30.22 -5.03 -2.87
C ASP A 67 31.19 -6.07 -2.29
N GLU A 68 31.25 -6.14 -0.97
CA GLU A 68 32.17 -7.07 -0.35
C GLU A 68 31.95 -8.47 -0.88
N VAL A 69 30.68 -8.85 -1.03
CA VAL A 69 30.38 -10.19 -1.50
C VAL A 69 30.95 -10.40 -2.92
N LYS A 70 30.92 -9.35 -3.74
CA LYS A 70 31.43 -9.47 -5.10
C LYS A 70 32.94 -9.80 -5.13
N THR A 71 33.67 -9.39 -4.08
CA THR A 71 35.10 -9.62 -4.04
C THR A 71 35.42 -11.01 -3.51
N LEU A 72 34.39 -11.70 -3.01
CA LEU A 72 34.60 -13.01 -2.41
C LEU A 72 34.23 -14.16 -3.32
N VAL A 73 33.80 -13.85 -4.55
CA VAL A 73 33.30 -14.89 -5.44
C VAL A 73 33.72 -14.69 -6.87
N SER A 74 33.86 -15.81 -7.59
CA SER A 74 34.06 -15.82 -9.02
C SER A 74 33.21 -14.77 -9.75
N THR A 75 33.64 -14.32 -10.93
CA THR A 75 32.86 -13.34 -11.67
C THR A 75 31.82 -14.05 -12.56
N GLU A 76 31.97 -15.35 -12.77
CA GLU A 76 30.92 -16.15 -13.41
C GLU A 76 29.86 -16.47 -12.38
N GLN A 77 30.30 -16.63 -11.14
CA GLN A 77 29.39 -16.81 -10.01
C GLN A 77 28.54 -15.57 -9.75
N TRP A 78 29.15 -14.39 -9.90
CA TRP A 78 28.48 -13.13 -9.63
C TRP A 78 27.49 -12.80 -10.74
N SER A 79 27.80 -13.23 -11.96
CA SER A 79 26.96 -12.93 -13.12
C SER A 79 25.55 -13.51 -12.93
N ARG A 80 25.43 -14.46 -12.01
CA ARG A 80 24.16 -15.12 -11.77
C ARG A 80 23.26 -14.41 -10.76
N PHE A 81 23.75 -13.30 -10.21
CA PHE A 81 23.00 -12.53 -9.23
C PHE A 81 22.29 -11.40 -9.92
N CYS A 82 20.96 -11.41 -9.82
CA CYS A 82 20.18 -10.27 -10.27
C CYS A 82 19.69 -9.50 -9.04
N PHE A 83 20.34 -8.37 -8.74
CA PHE A 83 19.92 -7.56 -7.61
C PHE A 83 18.81 -6.62 -7.99
N ILE A 84 17.90 -6.38 -7.06
CA ILE A 84 16.77 -5.48 -7.30
C ILE A 84 16.57 -4.53 -6.13
N GLU A 85 16.59 -3.24 -6.41
CA GLU A 85 16.29 -2.26 -5.37
C GLU A 85 14.79 -2.06 -5.28
N GLY A 86 14.20 -2.51 -4.17
CA GLY A 86 12.76 -2.50 -4.03
C GLY A 86 12.26 -2.79 -2.65
N ASP A 87 10.93 -2.77 -2.52
CA ASP A 87 10.29 -2.91 -1.22
C ASP A 87 9.31 -4.09 -1.15
N ILE A 88 9.44 -4.91 -0.11
CA ILE A 88 8.51 -6.00 0.09
C ILE A 88 7.13 -5.46 0.47
N ARG A 89 7.09 -4.17 0.80
CA ARG A 89 5.84 -3.48 1.13
C ARG A 89 4.96 -3.23 -0.08
N ASP A 90 5.57 -3.34 -1.27
CA ASP A 90 4.81 -3.15 -2.49
C ASP A 90 4.59 -4.49 -3.18
N LEU A 91 3.34 -4.96 -3.13
CA LEU A 91 3.01 -6.29 -3.61
C LEU A 91 3.44 -6.57 -5.04
N THR A 92 3.37 -5.55 -5.90
CA THR A 92 3.78 -5.71 -7.30
C THR A 92 5.26 -6.14 -7.42
N THR A 93 6.15 -5.45 -6.70
CA THR A 93 7.57 -5.82 -6.64
C THR A 93 7.66 -7.31 -6.27
N CYS A 94 7.02 -7.67 -5.15
CA CYS A 94 7.02 -9.04 -4.70
C CYS A 94 6.72 -10.05 -5.81
N GLU A 95 5.89 -9.68 -6.77
CA GLU A 95 5.50 -10.64 -7.79
C GLU A 95 6.49 -10.71 -8.94
N GLN A 96 7.05 -9.57 -9.31
CA GLN A 96 8.00 -9.54 -10.42
C GLN A 96 9.19 -10.40 -10.04
N VAL A 97 9.53 -10.34 -8.77
CA VAL A 97 10.71 -10.96 -8.22
C VAL A 97 10.55 -12.48 -7.98
N MET A 98 9.29 -12.94 -7.92
CA MET A 98 9.01 -14.36 -7.79
C MET A 98 9.21 -15.12 -9.10
N LYS A 99 9.02 -14.45 -10.22
CA LYS A 99 9.13 -15.10 -11.52
C LYS A 99 10.27 -16.10 -11.54
N GLY A 100 9.91 -17.37 -11.68
CA GLY A 100 10.86 -18.44 -11.92
C GLY A 100 11.68 -18.87 -10.72
N VAL A 101 11.32 -18.37 -9.53
CA VAL A 101 12.04 -18.72 -8.33
C VAL A 101 11.70 -20.13 -7.86
N ASP A 102 12.68 -20.81 -7.29
CA ASP A 102 12.46 -22.16 -6.75
C ASP A 102 12.37 -22.10 -5.26
N HIS A 103 13.41 -21.56 -4.62
CA HIS A 103 13.47 -21.48 -3.17
C HIS A 103 13.43 -20.02 -2.70
N VAL A 104 12.61 -19.75 -1.70
CA VAL A 104 12.54 -18.43 -1.12
C VAL A 104 13.21 -18.43 0.25
N LEU A 105 14.09 -17.47 0.44
CA LEU A 105 14.67 -17.22 1.75
C LEU A 105 14.34 -15.79 2.14
N HIS A 106 13.28 -15.66 2.93
CA HIS A 106 12.82 -14.36 3.37
C HIS A 106 13.55 -13.87 4.63
N GLN A 107 14.39 -12.84 4.49
CA GLN A 107 15.07 -12.24 5.65
C GLN A 107 14.74 -10.75 5.83
N ALA A 108 14.03 -10.17 4.86
CA ALA A 108 13.75 -8.73 4.92
C ALA A 108 12.76 -8.36 6.05
N ALA A 109 13.24 -7.54 6.99
CA ALA A 109 12.45 -7.05 8.11
C ALA A 109 13.19 -5.98 8.90
N LEU A 110 12.47 -5.12 9.60
CA LEU A 110 13.13 -4.22 10.54
C LEU A 110 13.22 -4.91 11.89
N GLY A 111 14.44 -5.22 12.31
CA GLY A 111 14.65 -5.89 13.59
C GLY A 111 14.67 -4.95 14.76
N SER A 112 15.00 -5.48 15.95
CA SER A 112 15.14 -4.68 17.16
C SER A 112 13.86 -4.40 17.97
N VAL A 113 13.90 -4.71 19.25
CA VAL A 113 12.79 -4.45 20.14
C VAL A 113 12.55 -2.97 20.44
N PRO A 114 13.62 -2.22 20.74
CA PRO A 114 13.38 -0.79 21.02
C PRO A 114 12.75 -0.10 19.81
N ARG A 115 13.17 -0.46 18.59
CA ARG A 115 12.66 0.19 17.37
C ARG A 115 11.13 0.07 17.20
N SER A 116 10.61 -1.11 17.46
CA SER A 116 9.18 -1.34 17.35
C SER A 116 8.43 -0.55 18.42
N ILE A 117 9.01 -0.49 19.63
CA ILE A 117 8.42 0.25 20.75
C ILE A 117 8.22 1.75 20.44
N VAL A 118 9.07 2.35 19.61
CA VAL A 118 8.90 3.76 19.32
C VAL A 118 8.17 4.05 18.04
N ASP A 119 8.44 3.25 17.02
CA ASP A 119 7.65 3.32 15.80
C ASP A 119 7.17 1.94 15.42
N PRO A 120 6.04 1.51 16.02
CA PRO A 120 5.31 0.27 15.70
C PRO A 120 4.66 0.29 14.32
N ILE A 121 4.26 1.45 13.85
CA ILE A 121 3.57 1.55 12.57
C ILE A 121 4.44 1.05 11.41
N THR A 122 5.68 1.52 11.39
CA THR A 122 6.58 1.20 10.31
C THR A 122 7.04 -0.25 10.40
N THR A 123 7.43 -0.68 11.61
CA THR A 123 7.72 -2.07 11.95
C THR A 123 6.56 -2.97 11.53
N ASN A 124 5.33 -2.57 11.85
CA ASN A 124 4.21 -3.39 11.44
C ASN A 124 4.19 -3.52 9.93
N ALA A 125 4.38 -2.39 9.24
CA ALA A 125 4.18 -2.36 7.81
C ALA A 125 5.18 -3.27 7.09
N THR A 126 6.39 -3.33 7.62
CA THR A 126 7.47 -4.05 6.97
C THR A 126 7.40 -5.52 7.34
N ASN A 127 7.16 -5.79 8.63
CA ASN A 127 7.23 -7.13 9.18
C ASN A 127 5.99 -7.99 8.98
N ILE A 128 4.84 -7.36 8.93
CA ILE A 128 3.61 -8.09 8.69
C ILE A 128 3.11 -7.89 7.26
N THR A 129 2.85 -6.64 6.86
CA THR A 129 2.37 -6.37 5.51
C THR A 129 3.39 -6.86 4.49
N GLY A 130 4.66 -6.60 4.77
CA GLY A 130 5.76 -6.98 3.92
C GLY A 130 5.91 -8.49 3.86
N PHE A 131 5.72 -9.15 5.00
CA PHE A 131 5.81 -10.60 5.07
C PHE A 131 4.69 -11.28 4.30
N LEU A 132 3.44 -10.84 4.55
CA LEU A 132 2.28 -11.42 3.89
C LEU A 132 2.41 -11.29 2.37
N ASN A 133 2.93 -10.15 1.91
CA ASN A 133 3.10 -9.92 0.49
C ASN A 133 3.97 -10.97 -0.13
N ILE A 134 5.16 -11.13 0.46
CA ILE A 134 6.09 -12.12 -0.04
C ILE A 134 5.44 -13.52 0.00
N LEU A 135 4.86 -13.86 1.14
CA LEU A 135 4.25 -15.17 1.32
C LEU A 135 3.17 -15.47 0.29
N HIS A 136 2.35 -14.48 -0.02
CA HIS A 136 1.28 -14.64 -0.98
C HIS A 136 1.90 -14.79 -2.36
N ALA A 137 2.78 -13.86 -2.70
CA ALA A 137 3.44 -13.90 -4.01
C ALA A 137 4.05 -15.28 -4.27
N ALA A 138 4.75 -15.80 -3.26
CA ALA A 138 5.37 -17.11 -3.38
C ALA A 138 4.33 -18.21 -3.57
N LYS A 139 3.23 -18.13 -2.84
CA LYS A 139 2.17 -19.12 -3.00
C LYS A 139 1.70 -19.18 -4.45
N ASN A 140 1.37 -18.02 -4.99
CA ASN A 140 0.90 -17.95 -6.37
C ASN A 140 1.94 -18.35 -7.39
N ALA A 141 3.20 -17.99 -7.15
CA ALA A 141 4.26 -18.35 -8.09
C ALA A 141 4.49 -19.85 -8.04
N GLN A 142 3.94 -20.47 -7.00
CA GLN A 142 4.10 -21.91 -6.76
C GLN A 142 5.55 -22.35 -6.66
N VAL A 143 6.28 -21.76 -5.71
CA VAL A 143 7.67 -22.12 -5.43
C VAL A 143 7.76 -23.51 -4.80
N GLN A 144 8.98 -24.01 -4.67
CA GLN A 144 9.19 -25.34 -4.14
C GLN A 144 9.39 -25.33 -2.62
N SER A 145 9.89 -24.22 -2.10
CA SER A 145 10.07 -24.06 -0.65
C SER A 145 9.94 -22.59 -0.20
N PHE A 146 9.72 -22.40 1.08
CA PHE A 146 9.60 -21.05 1.60
C PHE A 146 10.08 -21.07 3.04
N THR A 147 11.18 -20.36 3.30
CA THR A 147 11.83 -20.38 4.59
C THR A 147 11.91 -18.92 5.04
N TYR A 148 11.44 -18.62 6.24
CA TYR A 148 11.44 -17.22 6.69
C TYR A 148 12.10 -17.04 8.06
N ALA A 149 12.68 -15.87 8.26
CA ALA A 149 13.27 -15.49 9.54
C ALA A 149 12.23 -15.16 10.62
N ALA A 150 12.20 -15.97 11.67
CA ALA A 150 11.38 -15.73 12.85
C ALA A 150 12.29 -15.39 14.03
N SER A 151 11.74 -15.24 15.23
CA SER A 151 12.54 -14.66 16.30
C SER A 151 12.41 -15.41 17.60
N SER A 152 13.52 -15.61 18.30
CA SER A 152 13.44 -16.24 19.60
C SER A 152 12.53 -15.44 20.51
N SER A 153 12.22 -14.21 20.11
CA SER A 153 11.43 -13.32 20.97
C SER A 153 10.00 -13.80 21.16
N THR A 154 9.54 -14.67 20.28
CA THR A 154 8.18 -15.16 20.34
C THR A 154 7.92 -15.99 21.61
N TYR A 155 8.99 -16.36 22.32
CA TYR A 155 8.84 -17.06 23.61
C TYR A 155 8.25 -16.11 24.64
N GLY A 156 8.62 -14.85 24.55
CA GLY A 156 8.06 -13.82 25.41
C GLY A 156 8.29 -14.12 26.88
N ASP A 157 7.20 -14.21 27.64
CA ASP A 157 7.28 -14.37 29.08
C ASP A 157 7.25 -15.84 29.56
N HIS A 158 7.40 -16.81 28.66
CA HIS A 158 7.49 -18.21 29.09
C HIS A 158 8.75 -18.39 29.92
N PRO A 159 8.63 -19.07 31.07
CA PRO A 159 9.76 -19.10 32.01
C PRO A 159 10.67 -20.32 31.82
N ALA A 160 10.27 -21.28 30.99
CA ALA A 160 11.11 -22.46 30.76
C ALA A 160 12.50 -22.17 30.12
N LEU A 161 13.53 -22.84 30.61
CA LEU A 161 14.88 -22.86 30.02
C LEU A 161 15.38 -24.29 29.99
N PRO A 162 15.87 -24.73 28.82
CA PRO A 162 15.90 -23.95 27.57
C PRO A 162 14.50 -23.82 26.96
N LYS A 163 14.38 -23.08 25.85
CA LYS A 163 13.08 -22.86 25.20
C LYS A 163 12.76 -23.94 24.17
N VAL A 164 11.52 -24.42 24.19
CA VAL A 164 11.12 -25.48 23.29
C VAL A 164 9.97 -24.98 22.43
N GLU A 165 10.05 -25.25 21.13
CA GLU A 165 9.13 -24.66 20.14
C GLU A 165 7.63 -24.66 20.49
N GLU A 166 7.12 -25.75 21.06
CA GLU A 166 5.68 -25.87 21.34
C GLU A 166 5.22 -24.96 22.47
N ASN A 167 6.17 -24.50 23.29
CA ASN A 167 5.80 -23.71 24.47
C ASN A 167 6.25 -22.26 24.42
N ILE A 168 5.37 -21.38 23.95
CA ILE A 168 5.65 -19.95 23.99
C ILE A 168 4.67 -19.28 24.97
N GLY A 169 5.00 -18.07 25.35
CA GLY A 169 4.11 -17.31 26.20
C GLY A 169 3.67 -16.04 25.51
N ASN A 170 3.47 -15.01 26.31
CA ASN A 170 2.94 -13.74 25.82
C ASN A 170 4.06 -12.86 25.30
N PRO A 171 3.83 -12.22 24.14
CA PRO A 171 4.77 -11.31 23.48
C PRO A 171 4.88 -10.02 24.27
N LEU A 172 6.09 -9.48 24.40
CA LEU A 172 6.33 -8.32 25.26
C LEU A 172 6.77 -7.06 24.52
N SER A 173 6.39 -6.97 23.24
CA SER A 173 6.77 -5.84 22.41
C SER A 173 6.20 -5.99 21.02
N PRO A 174 5.93 -4.85 20.34
CA PRO A 174 5.45 -4.87 18.96
C PRO A 174 6.33 -5.79 18.10
N TYR A 175 7.64 -5.74 18.33
CA TYR A 175 8.51 -6.54 17.48
C TYR A 175 8.17 -8.00 17.60
N ALA A 176 8.12 -8.52 18.83
CA ALA A 176 7.71 -9.91 19.06
C ALA A 176 6.37 -10.29 18.37
N VAL A 177 5.36 -9.43 18.47
CA VAL A 177 4.12 -9.64 17.78
C VAL A 177 4.28 -9.86 16.28
N THR A 178 4.99 -8.98 15.60
CA THR A 178 5.08 -9.11 14.15
C THR A 178 5.63 -10.48 13.79
N LYS A 179 6.61 -10.92 14.57
CA LYS A 179 7.28 -12.19 14.27
C LYS A 179 6.36 -13.36 14.57
N TYR A 180 5.68 -13.31 15.70
CA TYR A 180 4.66 -14.30 15.99
C TYR A 180 3.64 -14.35 14.85
N VAL A 181 3.31 -13.18 14.31
CA VAL A 181 2.28 -13.09 13.30
C VAL A 181 2.75 -13.70 11.98
N ASN A 182 4.04 -13.68 11.76
CA ASN A 182 4.59 -14.38 10.60
C ASN A 182 4.28 -15.87 10.68
N GLU A 183 4.51 -16.45 11.85
CA GLU A 183 4.32 -17.88 12.02
C GLU A 183 2.86 -18.23 11.81
N ILE A 184 1.99 -17.53 12.51
CA ILE A 184 0.56 -17.80 12.45
C ILE A 184 0.08 -17.76 11.00
N TYR A 185 0.49 -16.74 10.26
CA TYR A 185 0.12 -16.63 8.86
C TYR A 185 0.64 -17.85 8.11
N ALA A 186 1.93 -18.14 8.29
CA ALA A 186 2.53 -19.34 7.70
C ALA A 186 1.71 -20.61 7.93
N GLN A 187 1.18 -20.78 9.14
CA GLN A 187 0.37 -21.96 9.42
C GLN A 187 -0.94 -21.96 8.65
N VAL A 188 -1.71 -20.89 8.79
CA VAL A 188 -2.95 -20.73 8.07
C VAL A 188 -2.77 -20.97 6.57
N TYR A 189 -1.65 -20.53 6.01
CA TYR A 189 -1.36 -20.78 4.60
C TYR A 189 -1.25 -22.27 4.30
N ALA A 190 -0.73 -23.03 5.25
CA ALA A 190 -0.71 -24.49 5.12
C ALA A 190 -2.14 -25.08 5.18
N ARG A 191 -2.94 -24.63 6.13
CA ARG A 191 -4.31 -25.12 6.26
C ARG A 191 -5.09 -24.84 4.99
N THR A 192 -5.07 -23.58 4.54
CA THR A 192 -6.01 -23.10 3.55
C THR A 192 -5.57 -23.18 2.09
N TYR A 193 -4.27 -23.20 1.82
CA TYR A 193 -3.83 -23.37 0.43
C TYR A 193 -2.94 -24.59 0.25
N GLY A 194 -2.59 -25.23 1.37
CA GLY A 194 -1.72 -26.37 1.34
C GLY A 194 -0.30 -25.99 0.98
N PHE A 195 0.12 -24.81 1.43
CA PHE A 195 1.42 -24.26 1.05
C PHE A 195 2.37 -24.29 2.25
N LYS A 196 3.33 -25.23 2.22
CA LYS A 196 4.12 -25.60 3.40
C LYS A 196 5.44 -24.84 3.58
N THR A 197 5.56 -24.17 4.72
CA THR A 197 6.74 -23.37 5.03
C THR A 197 7.59 -23.91 6.18
N ILE A 198 8.75 -23.29 6.38
CA ILE A 198 9.57 -23.55 7.54
C ILE A 198 9.99 -22.18 8.08
N GLY A 199 9.66 -21.95 9.35
CA GLY A 199 10.03 -20.74 10.02
C GLY A 199 11.16 -21.00 11.01
N LEU A 200 12.17 -20.15 10.97
CA LEU A 200 13.34 -20.32 11.81
C LEU A 200 13.36 -19.27 12.91
N ARG A 201 13.23 -19.70 14.16
CA ARG A 201 13.41 -18.81 15.28
C ARG A 201 14.90 -18.63 15.58
N TYR A 202 15.52 -17.62 14.97
CA TYR A 202 16.89 -17.22 15.28
C TYR A 202 17.02 -16.77 16.73
N PHE A 203 18.22 -16.98 17.27
CA PHE A 203 18.57 -16.60 18.64
C PHE A 203 19.87 -15.82 18.60
N ASN A 204 19.80 -14.50 18.47
CA ASN A 204 21.02 -13.68 18.64
C ASN A 204 22.19 -14.11 17.76
N VAL A 205 22.00 -13.99 16.45
CA VAL A 205 22.99 -14.32 15.44
C VAL A 205 24.12 -13.28 15.44
N PHE A 206 25.36 -13.74 15.23
CA PHE A 206 26.50 -12.82 15.10
C PHE A 206 27.46 -13.36 14.04
N GLY A 207 28.40 -12.52 13.61
CA GLY A 207 29.33 -12.86 12.55
C GLY A 207 29.62 -11.72 11.59
N ARG A 208 30.29 -12.01 10.48
CA ARG A 208 30.72 -10.97 9.56
C ARG A 208 29.55 -10.16 8.99
N ARG A 209 29.75 -8.85 8.86
CA ARG A 209 28.80 -7.89 8.25
C ARG A 209 27.55 -7.59 9.07
N GLN A 210 27.66 -7.71 10.39
CA GLN A 210 26.59 -7.25 11.26
C GLN A 210 26.91 -5.82 11.68
N ASP A 211 25.99 -4.92 11.34
CA ASP A 211 26.23 -3.50 11.51
C ASP A 211 26.52 -3.12 12.98
N PRO A 212 27.75 -2.64 13.26
CA PRO A 212 28.17 -2.22 14.59
C PRO A 212 27.84 -0.75 14.83
N ASN A 213 27.44 -0.07 13.75
CA ASN A 213 27.01 1.31 13.85
C ASN A 213 25.49 1.36 13.99
N GLY A 214 25.00 2.38 14.71
CA GLY A 214 23.57 2.58 14.84
C GLY A 214 23.10 2.62 16.28
N ALA A 215 21.93 3.24 16.49
CA ALA A 215 21.34 3.22 17.82
C ALA A 215 20.91 1.79 18.14
N TYR A 216 20.56 1.01 17.10
CA TYR A 216 20.10 -0.37 17.32
C TYR A 216 21.16 -1.44 17.07
N ALA A 217 22.43 -1.05 17.08
CA ALA A 217 23.46 -2.03 16.86
C ALA A 217 23.30 -3.19 17.85
N ALA A 218 23.53 -4.40 17.37
CA ALA A 218 23.47 -5.56 18.23
C ALA A 218 24.76 -5.63 19.05
N VAL A 219 24.71 -6.37 20.16
CA VAL A 219 25.71 -6.26 21.20
C VAL A 219 27.14 -6.65 20.77
N ILE A 220 27.31 -7.84 20.21
CA ILE A 220 28.67 -8.27 19.87
C ILE A 220 29.40 -7.30 18.94
N PRO A 221 28.73 -6.78 17.92
CA PRO A 221 29.41 -5.81 17.07
C PRO A 221 29.49 -4.39 17.68
N LYS A 222 28.54 -4.04 18.55
CA LYS A 222 28.59 -2.78 19.31
C LYS A 222 29.79 -2.75 20.29
N TRP A 223 30.01 -3.83 21.04
CA TRP A 223 31.15 -3.90 21.96
C TRP A 223 32.47 -3.98 21.24
N THR A 224 32.50 -4.75 20.17
CA THR A 224 33.73 -4.99 19.44
C THR A 224 34.24 -3.68 18.86
N ALA A 225 33.32 -2.86 18.36
CA ALA A 225 33.70 -1.58 17.76
C ALA A 225 34.18 -0.61 18.81
N ALA A 226 33.61 -0.73 20.01
CA ALA A 226 33.99 0.14 21.12
C ALA A 226 35.33 -0.27 21.72
N MET A 227 35.55 -1.58 21.90
CA MET A 227 36.84 -2.05 22.37
C MET A 227 38.00 -1.64 21.45
N LEU A 228 37.70 -1.27 20.21
CA LEU A 228 38.75 -0.83 19.29
C LEU A 228 38.92 0.68 19.36
N LYS A 229 37.86 1.44 19.13
CA LYS A 229 37.93 2.90 19.24
C LYS A 229 38.44 3.27 20.63
N GLY A 230 38.37 2.34 21.57
CA GLY A 230 38.79 2.58 22.94
C GLY A 230 37.69 3.22 23.77
N ASP A 231 36.46 3.22 23.24
CA ASP A 231 35.33 3.83 23.93
C ASP A 231 34.84 2.98 25.09
N ASP A 232 33.90 3.53 25.85
CA ASP A 232 33.32 2.80 26.96
C ASP A 232 32.51 1.62 26.44
N VAL A 233 32.35 0.61 27.29
CA VAL A 233 31.55 -0.56 26.96
C VAL A 233 30.39 -0.66 27.96
N TYR A 234 29.18 -0.34 27.52
CA TYR A 234 28.01 -0.33 28.40
C TYR A 234 27.31 -1.70 28.55
N ILE A 235 27.02 -2.08 29.80
CA ILE A 235 26.30 -3.32 30.13
C ILE A 235 24.89 -3.04 30.66
N ASN A 236 23.89 -3.12 29.79
CA ASN A 236 22.50 -2.75 30.12
C ASN A 236 21.85 -3.60 31.20
N GLY A 237 22.19 -3.32 32.47
CA GLY A 237 21.69 -4.07 33.61
C GLY A 237 22.82 -4.57 34.49
N ASP A 238 22.53 -5.52 35.37
CA ASP A 238 23.52 -6.00 36.33
C ASP A 238 24.56 -6.91 35.69
N GLY A 239 24.47 -7.06 34.37
CA GLY A 239 25.41 -7.89 33.64
C GLY A 239 25.35 -9.34 34.08
N GLU A 240 24.15 -9.90 34.05
CA GLU A 240 23.96 -11.32 34.37
C GLU A 240 23.07 -11.98 33.33
N THR A 241 22.34 -11.14 32.60
CA THR A 241 21.57 -11.58 31.44
C THR A 241 22.39 -12.53 30.57
N SER A 242 21.74 -13.58 30.08
CA SER A 242 22.42 -14.60 29.25
C SER A 242 21.69 -14.83 27.93
N ARG A 243 22.42 -15.33 26.94
CA ARG A 243 21.90 -15.52 25.58
C ARG A 243 22.56 -16.73 24.89
N ASP A 244 21.90 -17.24 23.85
CA ASP A 244 22.47 -18.31 23.03
C ASP A 244 23.04 -17.73 21.74
N PHE A 245 24.27 -17.24 21.79
CA PHE A 245 24.89 -16.60 20.64
C PHE A 245 25.18 -17.60 19.53
N CYS A 246 24.76 -17.25 18.31
CA CYS A 246 24.75 -18.20 17.20
C CYS A 246 25.49 -17.64 16.02
N TYR A 247 26.61 -18.27 15.66
CA TYR A 247 27.42 -17.80 14.55
C TYR A 247 26.66 -18.02 13.24
N ILE A 248 26.83 -17.12 12.28
CA ILE A 248 26.07 -17.15 11.03
C ILE A 248 26.09 -18.49 10.36
N ASP A 249 27.25 -19.16 10.40
CA ASP A 249 27.42 -20.38 9.62
C ASP A 249 26.41 -21.46 10.03
N ASN A 250 25.91 -21.37 11.25
CA ASN A 250 24.81 -22.24 11.66
C ASN A 250 23.50 -21.82 11.03
N VAL A 251 23.25 -20.53 11.06
CA VAL A 251 22.06 -19.98 10.44
C VAL A 251 22.08 -20.22 8.93
N ILE A 252 23.22 -19.99 8.28
CA ILE A 252 23.32 -20.30 6.85
C ILE A 252 22.99 -21.77 6.65
N GLN A 253 23.62 -22.65 7.43
CA GLN A 253 23.29 -24.07 7.36
C GLN A 253 21.80 -24.34 7.56
N MET A 254 21.22 -23.74 8.57
CA MET A 254 19.82 -24.04 8.85
C MET A 254 18.86 -23.62 7.73
N ASN A 255 19.17 -22.54 7.01
CA ASN A 255 18.37 -22.12 5.86
C ASN A 255 18.33 -23.13 4.71
N ILE A 256 19.51 -23.64 4.36
CA ILE A 256 19.64 -24.63 3.29
C ILE A 256 18.97 -25.97 3.64
N LEU A 257 19.28 -26.52 4.81
CA LEU A 257 18.60 -27.72 5.28
C LEU A 257 17.10 -27.59 5.07
N SER A 258 16.56 -26.43 5.45
CA SER A 258 15.13 -26.18 5.38
C SER A 258 14.61 -26.06 3.96
N ALA A 259 15.29 -25.29 3.11
CA ALA A 259 14.77 -25.11 1.76
C ALA A 259 14.62 -26.46 1.05
N LEU A 260 15.49 -27.40 1.37
CA LEU A 260 15.47 -28.70 0.69
C LEU A 260 14.95 -29.83 1.56
N ALA A 261 14.33 -29.45 2.68
CA ALA A 261 13.81 -30.41 3.64
C ALA A 261 12.70 -31.23 3.03
N LYS A 262 12.48 -32.43 3.57
CA LYS A 262 11.43 -33.29 3.07
C LYS A 262 10.09 -32.71 3.49
N ASP A 263 9.06 -32.98 2.69
CA ASP A 263 7.75 -32.37 2.90
C ASP A 263 7.19 -32.58 4.31
N SER A 264 7.45 -33.74 4.91
CA SER A 264 6.94 -34.00 6.27
C SER A 264 7.58 -33.10 7.34
N ALA A 265 8.66 -32.43 6.96
CA ALA A 265 9.39 -31.58 7.89
C ALA A 265 8.93 -30.13 7.77
N LYS A 266 8.20 -29.84 6.71
CA LYS A 266 7.74 -28.49 6.48
C LYS A 266 6.53 -28.21 7.36
N ASP A 267 5.87 -27.08 7.14
CA ASP A 267 4.92 -26.50 8.11
C ASP A 267 5.43 -26.67 9.56
N ASN A 268 6.69 -26.35 9.79
CA ASN A 268 7.24 -26.47 11.13
C ASN A 268 8.03 -25.25 11.56
N ILE A 269 8.05 -25.00 12.87
CA ILE A 269 8.89 -23.97 13.41
C ILE A 269 10.10 -24.66 14.07
N TYR A 270 11.29 -24.12 13.83
CA TYR A 270 12.52 -24.63 14.46
C TYR A 270 13.40 -23.52 15.08
N ASN A 271 13.78 -23.69 16.36
CA ASN A 271 14.87 -22.89 16.94
C ASN A 271 16.16 -22.99 16.12
N VAL A 272 16.89 -21.90 15.99
CA VAL A 272 18.20 -21.94 15.34
C VAL A 272 19.22 -21.32 16.26
N ALA A 273 20.05 -22.16 16.84
CA ALA A 273 21.00 -21.71 17.84
C ALA A 273 21.96 -22.87 18.12
N VAL A 274 22.63 -22.85 19.25
CA VAL A 274 23.68 -23.83 19.52
C VAL A 274 23.37 -24.67 20.75
N GLY A 275 22.60 -24.12 21.69
CA GLY A 275 22.18 -24.84 22.87
C GLY A 275 22.91 -24.38 24.11
N ASP A 276 23.82 -23.43 23.92
CA ASP A 276 24.67 -22.95 25.00
C ASP A 276 24.08 -21.69 25.61
N ARG A 277 24.70 -21.23 26.70
CA ARG A 277 24.28 -19.99 27.35
C ARG A 277 25.48 -19.18 27.89
N THR A 278 25.68 -17.99 27.32
CA THR A 278 26.79 -17.09 27.70
C THR A 278 26.23 -15.82 28.35
N THR A 279 26.88 -15.30 29.39
CA THR A 279 26.38 -14.10 30.09
C THR A 279 27.00 -12.82 29.54
N LEU A 280 26.28 -11.70 29.68
CA LEU A 280 26.83 -10.41 29.25
C LEU A 280 28.19 -10.11 29.91
N ASN A 281 28.42 -10.63 31.11
CA ASN A 281 29.73 -10.51 31.75
C ASN A 281 30.78 -11.42 31.10
N GLU A 282 30.41 -12.67 30.83
CA GLU A 282 31.33 -13.63 30.23
C GLU A 282 31.68 -13.22 28.81
N LEU A 283 30.70 -12.69 28.10
CA LEU A 283 30.91 -12.28 26.71
C LEU A 283 32.00 -11.22 26.65
N SER A 284 31.87 -10.18 27.47
CA SER A 284 32.87 -9.14 27.56
C SER A 284 34.26 -9.76 27.76
N GLY A 285 34.33 -10.84 28.53
CA GLY A 285 35.54 -11.61 28.65
C GLY A 285 36.04 -12.10 27.30
N TYR A 286 35.26 -12.97 26.65
CA TYR A 286 35.67 -13.57 25.38
C TYR A 286 36.00 -12.56 24.29
N ILE A 287 35.25 -11.46 24.22
CA ILE A 287 35.47 -10.45 23.17
C ILE A 287 36.81 -9.74 23.34
N TYR A 288 37.21 -9.54 24.59
CA TYR A 288 38.52 -8.96 24.89
C TYR A 288 39.65 -9.97 24.64
N ASP A 289 39.61 -11.11 25.34
CA ASP A 289 40.66 -12.11 25.20
C ASP A 289 41.01 -12.34 23.72
N GLU A 290 39.97 -12.38 22.88
CA GLU A 290 40.12 -12.65 21.45
C GLU A 290 40.61 -11.45 20.65
N LEU A 291 40.38 -10.24 21.16
CA LEU A 291 40.79 -9.01 20.47
C LEU A 291 42.23 -8.58 20.78
N ASN A 292 42.71 -8.90 21.98
CA ASN A 292 44.10 -8.63 22.33
C ASN A 292 45.09 -9.63 21.72
N LEU A 293 44.56 -10.77 21.27
CA LEU A 293 45.33 -11.69 20.45
C LEU A 293 45.43 -11.16 19.02
N ILE A 294 44.97 -9.92 18.84
CA ILE A 294 45.22 -9.15 17.62
C ILE A 294 45.50 -7.68 17.96
N HIS A 295 46.04 -7.47 19.16
CA HIS A 295 46.90 -6.33 19.54
C HIS A 295 46.30 -4.91 19.52
N HIS A 296 45.56 -4.53 20.56
CA HIS A 296 44.99 -3.18 20.61
C HIS A 296 44.82 -2.61 22.03
N ILE A 302 34.74 -0.74 31.56
CA ILE A 302 33.41 -1.35 31.63
C ILE A 302 32.49 -0.60 32.60
N LYS A 303 31.46 0.06 32.06
CA LYS A 303 30.48 0.78 32.86
C LYS A 303 29.17 -0.01 32.96
N TYR A 304 28.37 0.28 33.99
CA TYR A 304 27.09 -0.39 34.22
C TYR A 304 25.93 0.59 34.22
N ARG A 305 24.80 0.17 33.68
CA ARG A 305 23.59 0.99 33.72
C ARG A 305 22.34 0.16 34.06
N GLU A 306 21.17 0.69 33.72
CA GLU A 306 19.93 -0.03 33.98
C GLU A 306 19.68 -1.04 32.86
N PHE A 307 18.75 -1.96 33.09
CA PHE A 307 18.31 -2.87 32.05
C PHE A 307 17.55 -2.07 30.99
N ARG A 308 17.11 -2.75 29.93
CA ARG A 308 16.22 -2.14 28.97
C ARG A 308 14.76 -2.52 29.23
N SER A 309 13.85 -1.65 28.81
CA SER A 309 12.43 -1.96 28.82
C SER A 309 12.13 -2.93 27.68
N GLY A 310 11.66 -4.11 28.03
CA GLY A 310 11.46 -5.17 27.04
C GLY A 310 12.62 -6.15 26.99
N ASP A 311 13.67 -5.86 27.75
CA ASP A 311 14.84 -6.73 27.79
C ASP A 311 14.45 -8.09 28.37
N VAL A 312 15.18 -9.12 28.00
CA VAL A 312 14.93 -10.49 28.46
C VAL A 312 16.03 -10.96 29.41
N ARG A 313 15.66 -11.76 30.40
CA ARG A 313 16.61 -12.16 31.43
C ARG A 313 17.55 -13.30 31.03
N HIS A 314 17.00 -14.47 30.72
CA HIS A 314 17.80 -15.60 30.29
C HIS A 314 17.26 -16.16 28.99
N SER A 315 18.15 -16.64 28.13
CA SER A 315 17.76 -17.15 26.82
C SER A 315 18.68 -18.27 26.34
N GLN A 316 18.15 -19.47 26.22
CA GLN A 316 18.92 -20.62 25.80
C GLN A 316 18.01 -21.56 24.99
N ALA A 317 18.48 -22.02 23.83
CA ALA A 317 17.62 -22.82 22.96
C ALA A 317 17.77 -24.33 23.12
N ASP A 318 16.67 -25.02 22.80
CA ASP A 318 16.69 -26.46 22.70
C ASP A 318 16.63 -26.74 21.19
N VAL A 319 17.75 -27.19 20.63
CA VAL A 319 17.76 -27.44 19.18
C VAL A 319 17.56 -28.91 18.78
N THR A 320 17.00 -29.74 19.65
CA THR A 320 16.91 -31.15 19.28
C THR A 320 15.91 -31.36 18.15
N LYS A 321 14.91 -30.48 18.04
CA LYS A 321 13.95 -30.65 16.96
C LYS A 321 14.69 -30.52 15.63
N ALA A 322 15.54 -29.51 15.53
CA ALA A 322 16.31 -29.28 14.31
C ALA A 322 17.18 -30.47 14.02
N ILE A 323 17.83 -30.94 15.07
CA ILE A 323 18.75 -32.06 14.96
C ILE A 323 17.99 -33.29 14.45
N ASP A 324 16.83 -33.54 15.05
CA ASP A 324 16.00 -34.68 14.69
C ASP A 324 15.54 -34.67 13.23
N LEU A 325 14.77 -33.65 12.86
CA LEU A 325 13.97 -33.65 11.63
C LEU A 325 14.72 -33.17 10.38
N LEU A 326 15.78 -32.39 10.60
CA LEU A 326 16.49 -31.76 9.50
C LEU A 326 17.94 -32.21 9.49
N LYS A 327 18.33 -32.99 10.50
CA LYS A 327 19.70 -33.47 10.66
C LYS A 327 20.70 -32.30 10.76
N TYR A 328 20.36 -31.34 11.62
CA TYR A 328 21.15 -30.12 11.85
C TYR A 328 22.38 -30.41 12.71
N ARG A 329 23.44 -29.63 12.50
CA ARG A 329 24.68 -29.80 13.23
C ARG A 329 25.28 -28.45 13.64
N PRO A 330 24.95 -27.97 14.83
CA PRO A 330 25.61 -26.75 15.33
C PRO A 330 27.09 -27.02 15.59
N ASN A 331 27.92 -26.87 14.57
CA ASN A 331 29.34 -27.20 14.71
C ASN A 331 30.18 -26.07 15.33
N ILE A 332 29.73 -24.83 15.20
CA ILE A 332 30.52 -23.70 15.69
C ILE A 332 29.94 -23.01 16.94
N LYS A 333 30.56 -23.26 18.09
CA LYS A 333 30.12 -22.63 19.33
C LYS A 333 30.66 -21.21 19.43
N ILE A 334 30.35 -20.53 20.52
CA ILE A 334 30.65 -19.10 20.59
C ILE A 334 32.13 -18.72 20.47
N ARG A 335 32.98 -19.34 21.28
CA ARG A 335 34.41 -18.98 21.25
C ARG A 335 34.97 -18.93 19.84
N GLU A 336 34.93 -20.07 19.16
CA GLU A 336 35.45 -20.19 17.81
C GLU A 336 34.82 -19.16 16.90
N GLY A 337 33.56 -18.85 17.16
CA GLY A 337 32.80 -17.95 16.30
C GLY A 337 33.31 -16.53 16.41
N LEU A 338 33.53 -16.10 17.64
CA LEU A 338 34.18 -14.82 17.87
C LEU A 338 35.54 -14.77 17.19
N ARG A 339 36.30 -15.84 17.31
CA ARG A 339 37.62 -15.87 16.72
C ARG A 339 37.59 -15.72 15.20
N LEU A 340 36.58 -16.30 14.55
CA LEU A 340 36.45 -16.22 13.09
C LEU A 340 35.94 -14.84 12.66
N SER A 341 35.41 -14.09 13.64
CA SER A 341 34.76 -12.81 13.37
C SER A 341 35.67 -11.57 13.50
N MET A 342 36.42 -11.51 14.59
CA MET A 342 37.17 -10.30 14.91
C MET A 342 38.01 -9.73 13.76
N PRO A 343 38.71 -10.60 13.01
CA PRO A 343 39.44 -10.10 11.86
C PRO A 343 38.59 -9.26 10.91
N TRP A 344 37.36 -9.70 10.66
CA TRP A 344 36.47 -8.96 9.75
C TRP A 344 36.21 -7.52 10.21
N TYR A 345 36.13 -7.34 11.53
CA TYR A 345 35.81 -6.05 12.13
C TYR A 345 37.03 -5.13 12.16
N VAL A 346 38.22 -5.71 12.24
CA VAL A 346 39.44 -4.93 12.10
C VAL A 346 39.49 -4.32 10.70
N ARG A 347 39.50 -5.15 9.66
CA ARG A 347 39.45 -4.63 8.30
C ARG A 347 38.39 -3.54 8.18
N PHE A 348 37.18 -3.88 8.61
CA PHE A 348 36.03 -3.01 8.43
C PHE A 348 36.09 -1.71 9.24
N LEU A 349 36.88 -1.70 10.30
CA LEU A 349 36.90 -0.56 11.22
C LEU A 349 38.13 0.35 11.09
N LYS A 350 39.11 -0.06 10.28
CA LYS A 350 40.31 0.76 10.05
C LYS A 350 39.94 2.17 9.59
N TYR B 10 7.83 5.33 -0.51
CA TYR B 10 8.67 5.04 0.66
C TYR B 10 10.04 5.66 0.55
N MET B 11 10.48 6.31 1.62
CA MET B 11 11.84 6.80 1.73
C MET B 11 12.57 5.98 2.78
N SER B 12 13.19 4.90 2.34
CA SER B 12 13.64 3.81 3.21
C SER B 12 14.80 4.14 4.14
N ARG B 13 15.92 4.61 3.60
CA ARG B 13 17.04 4.93 4.46
C ARG B 13 16.57 6.02 5.41
N TYR B 14 15.85 6.96 4.82
CA TYR B 14 15.31 8.09 5.54
C TYR B 14 14.41 7.64 6.69
N GLU B 15 13.50 6.71 6.42
CA GLU B 15 12.68 6.09 7.47
C GLU B 15 13.56 5.49 8.54
N GLU B 16 14.49 4.66 8.12
CA GLU B 16 15.48 4.09 9.03
C GLU B 16 16.19 5.14 9.91
N ILE B 17 16.72 6.21 9.30
CA ILE B 17 17.35 7.29 10.07
C ILE B 17 16.40 7.93 11.10
N THR B 18 15.18 8.27 10.69
CA THR B 18 14.22 8.90 11.60
C THR B 18 13.90 8.03 12.81
N GLN B 19 13.83 6.71 12.61
CA GLN B 19 13.55 5.78 13.70
C GLN B 19 14.65 5.88 14.75
N GLN B 20 15.89 5.71 14.29
CA GLN B 20 17.07 5.89 15.14
C GLN B 20 17.01 7.15 16.02
N LEU B 21 16.63 8.27 15.42
CA LEU B 21 16.56 9.53 16.14
C LEU B 21 15.48 9.55 17.20
N ILE B 22 14.28 9.07 16.83
CA ILE B 22 13.17 9.04 17.77
C ILE B 22 13.54 8.31 19.08
N PHE B 23 14.60 7.49 19.01
CA PHE B 23 15.04 6.70 20.15
C PHE B 23 16.21 7.26 20.92
N SER B 24 17.24 7.61 20.18
CA SER B 24 18.41 8.27 20.73
C SER B 24 18.37 9.73 20.28
N PRO B 25 17.45 10.54 20.85
CA PRO B 25 17.30 11.95 20.48
C PRO B 25 18.57 12.76 20.70
N LYS B 26 18.82 13.68 19.78
CA LYS B 26 20.02 14.49 19.79
C LYS B 26 19.66 15.97 19.90
N THR B 27 20.67 16.80 20.15
CA THR B 27 20.50 18.25 20.19
C THR B 27 20.94 18.87 18.86
N TRP B 28 20.03 19.62 18.23
CA TRP B 28 20.28 20.18 16.91
C TRP B 28 20.38 21.69 17.01
N LEU B 29 21.15 22.29 16.09
CA LEU B 29 21.13 23.74 15.96
C LEU B 29 20.69 24.14 14.56
N ILE B 30 19.57 24.85 14.47
CA ILE B 30 19.13 25.38 13.19
C ILE B 30 19.29 26.89 13.18
N THR B 31 20.16 27.38 12.31
CA THR B 31 20.24 28.82 12.08
C THR B 31 19.27 29.13 10.96
N GLY B 32 18.74 30.36 10.93
CA GLY B 32 17.72 30.74 9.95
C GLY B 32 16.45 29.95 10.17
N VAL B 33 16.19 29.67 11.44
CA VAL B 33 15.14 28.75 11.89
C VAL B 33 13.74 29.35 11.75
N ALA B 34 13.67 30.68 11.65
CA ALA B 34 12.38 31.34 11.45
C ALA B 34 12.13 31.58 9.97
N GLY B 35 13.14 31.24 9.16
CA GLY B 35 13.02 31.40 7.73
C GLY B 35 12.12 30.32 7.20
N PHE B 36 11.99 30.25 5.88
CA PHE B 36 11.21 29.21 5.23
C PHE B 36 11.80 27.80 5.47
N ILE B 37 13.04 27.59 5.07
CA ILE B 37 13.59 26.24 5.12
C ILE B 37 13.89 25.84 6.57
N GLY B 38 14.35 26.80 7.36
CA GLY B 38 14.65 26.53 8.75
C GLY B 38 13.40 26.19 9.53
N SER B 39 12.28 26.87 9.26
CA SER B 39 11.07 26.59 10.03
C SER B 39 10.52 25.20 9.67
N ASN B 40 10.63 24.85 8.39
CA ASN B 40 10.31 23.50 7.96
C ASN B 40 11.12 22.43 8.67
N LEU B 41 12.43 22.64 8.77
CA LEU B 41 13.29 21.73 9.51
C LEU B 41 12.88 21.67 10.98
N LEU B 42 12.43 22.80 11.54
CA LEU B 42 12.02 22.84 12.94
C LEU B 42 10.84 21.92 13.15
N GLU B 43 9.83 22.07 12.28
CA GLU B 43 8.62 21.27 12.35
C GLU B 43 9.01 19.78 12.44
N LYS B 44 9.78 19.34 11.46
CA LYS B 44 10.14 17.93 11.37
C LYS B 44 10.90 17.44 12.59
N LEU B 45 11.94 18.18 13.01
CA LEU B 45 12.76 17.74 14.15
C LEU B 45 12.01 17.65 15.48
N LEU B 46 11.09 18.58 15.72
CA LEU B 46 10.29 18.57 16.94
C LEU B 46 9.33 17.40 16.96
N LYS B 47 8.78 17.08 15.79
CA LYS B 47 7.91 15.91 15.64
C LYS B 47 8.66 14.59 15.90
N LEU B 48 9.99 14.63 15.76
CA LEU B 48 10.82 13.47 16.09
C LEU B 48 11.39 13.62 17.50
N ASN B 49 10.75 14.44 18.31
CA ASN B 49 11.11 14.64 19.72
C ASN B 49 12.57 15.02 19.94
N GLN B 50 13.17 15.71 18.98
CA GLN B 50 14.54 16.18 19.13
C GLN B 50 14.61 17.43 20.00
N VAL B 51 15.78 17.69 20.56
CA VAL B 51 16.01 18.94 21.25
C VAL B 51 16.58 19.92 20.24
N VAL B 52 15.96 21.07 20.12
CA VAL B 52 16.40 22.00 19.11
C VAL B 52 16.72 23.35 19.71
N ILE B 53 17.86 23.89 19.29
CA ILE B 53 18.25 25.24 19.64
C ILE B 53 18.18 26.03 18.35
N GLY B 54 17.46 27.15 18.37
CA GLY B 54 17.23 27.91 17.16
C GLY B 54 17.86 29.29 17.18
N LEU B 55 18.31 29.74 16.01
CA LEU B 55 18.94 31.04 15.88
C LEU B 55 18.41 31.71 14.64
N ASP B 56 17.92 32.94 14.80
CA ASP B 56 17.50 33.76 13.68
C ASP B 56 17.54 35.20 14.16
N ASN B 57 17.64 36.14 13.23
CA ASN B 57 17.67 37.57 13.61
C ASN B 57 16.48 38.38 13.00
N PHE B 58 15.43 37.67 12.61
CA PHE B 58 14.28 38.24 11.91
C PHE B 58 14.63 39.27 10.82
N SER B 59 15.77 39.06 10.16
CA SER B 59 16.03 39.73 8.90
C SER B 59 14.95 39.40 7.87
N THR B 60 14.93 38.17 7.37
CA THR B 60 13.91 37.75 6.41
C THR B 60 13.00 36.73 7.07
N GLY B 61 13.34 36.32 8.29
CA GLY B 61 12.53 35.36 9.01
C GLY B 61 11.39 36.03 9.73
N HIS B 62 10.47 35.21 10.22
CA HIS B 62 9.26 35.74 10.85
C HIS B 62 8.92 35.06 12.17
N GLN B 63 8.52 35.85 13.14
CA GLN B 63 8.01 35.31 14.39
C GLN B 63 6.77 34.46 14.13
N TYR B 64 5.95 34.88 13.17
CA TYR B 64 4.75 34.11 12.84
C TYR B 64 5.04 32.69 12.31
N ASN B 65 6.18 32.51 11.65
CA ASN B 65 6.61 31.18 11.20
C ASN B 65 6.91 30.26 12.39
N LEU B 66 7.49 30.82 13.45
CA LEU B 66 7.69 30.07 14.67
C LEU B 66 6.35 29.75 15.31
N ASP B 67 5.47 30.74 15.39
CA ASP B 67 4.13 30.55 15.93
C ASP B 67 3.40 29.41 15.22
N GLU B 68 3.34 29.47 13.90
CA GLU B 68 2.65 28.42 13.17
C GLU B 68 3.19 27.04 13.55
N VAL B 69 4.51 26.94 13.66
CA VAL B 69 5.11 25.67 14.03
C VAL B 69 4.61 25.18 15.41
N LYS B 70 4.40 26.12 16.33
CA LYS B 70 3.95 25.74 17.67
C LYS B 70 2.54 25.11 17.64
N THR B 71 1.74 25.46 16.65
CA THR B 71 0.39 24.91 16.55
C THR B 71 0.40 23.55 15.86
N LEU B 72 1.53 23.17 15.29
CA LEU B 72 1.62 21.91 14.56
C LEU B 72 2.25 20.77 15.37
N VAL B 73 2.60 21.03 16.62
CA VAL B 73 3.34 20.05 17.41
C VAL B 73 2.89 20.00 18.85
N SER B 74 3.02 18.81 19.44
CA SER B 74 2.83 18.59 20.86
C SER B 74 3.46 19.72 21.70
N THR B 75 2.92 19.95 22.89
CA THR B 75 3.49 20.99 23.76
C THR B 75 4.66 20.45 24.59
N GLU B 76 4.81 19.13 24.65
CA GLU B 76 6.02 18.51 25.21
C GLU B 76 7.12 18.54 24.18
N GLN B 77 6.71 18.44 22.92
CA GLN B 77 7.63 18.57 21.79
C GLN B 77 8.18 19.99 21.66
N TRP B 78 7.33 20.98 21.95
CA TRP B 78 7.69 22.37 21.82
C TRP B 78 8.61 22.79 22.97
N SER B 79 8.42 22.17 24.12
CA SER B 79 9.18 22.53 25.31
C SER B 79 10.66 22.30 25.08
N ARG B 80 10.98 21.52 24.06
CA ARG B 80 12.37 21.17 23.79
C ARG B 80 13.06 22.15 22.85
N PHE B 81 12.34 23.18 22.42
CA PHE B 81 12.88 24.20 21.55
C PHE B 81 13.35 25.38 22.35
N CYS B 82 14.64 25.68 22.26
CA CYS B 82 15.17 26.91 22.83
C CYS B 82 15.45 27.90 21.71
N PHE B 83 14.56 28.87 21.52
CA PHE B 83 14.78 29.88 20.49
C PHE B 83 15.68 31.00 20.97
N ILE B 84 16.51 31.52 20.09
CA ILE B 84 17.41 32.61 20.44
C ILE B 84 17.39 33.70 19.38
N GLU B 85 17.08 34.93 19.79
CA GLU B 85 17.13 36.05 18.86
C GLU B 85 18.55 36.58 18.82
N GLY B 86 19.21 36.37 17.68
CA GLY B 86 20.61 36.74 17.56
C GLY B 86 21.14 36.71 16.16
N ASP B 87 22.44 37.03 16.03
CA ASP B 87 23.08 37.19 14.74
C ASP B 87 24.30 36.28 14.56
N ILE B 88 24.35 35.58 13.43
CA ILE B 88 25.48 34.74 13.12
C ILE B 88 26.71 35.60 12.84
N ARG B 89 26.45 36.89 12.60
CA ARG B 89 27.51 37.88 12.38
C ARG B 89 28.33 38.18 13.65
N ASP B 90 27.78 37.84 14.80
CA ASP B 90 28.48 38.04 16.05
C ASP B 90 29.00 36.71 16.58
N LEU B 91 30.32 36.55 16.52
CA LEU B 91 30.94 35.27 16.85
C LEU B 91 30.58 34.75 18.24
N THR B 92 30.45 35.66 19.20
CA THR B 92 30.10 35.28 20.57
C THR B 92 28.76 34.53 20.64
N THR B 93 27.73 35.07 19.96
CA THR B 93 26.44 34.40 19.85
C THR B 93 26.67 32.97 19.32
N CYS B 94 27.35 32.88 18.19
CA CYS B 94 27.66 31.60 17.60
C CYS B 94 28.17 30.58 18.61
N GLU B 95 28.94 31.02 19.59
CA GLU B 95 29.52 30.06 20.52
C GLU B 95 28.58 29.66 21.65
N GLN B 96 27.80 30.61 22.14
CA GLN B 96 26.87 30.30 23.24
C GLN B 96 25.87 29.26 22.76
N VAL B 97 25.50 29.40 21.50
CA VAL B 97 24.50 28.56 20.86
C VAL B 97 25.02 27.15 20.47
N MET B 98 26.35 26.99 20.37
CA MET B 98 26.93 25.69 20.10
C MET B 98 26.92 24.75 21.30
N LYS B 99 26.94 25.34 22.49
CA LYS B 99 27.00 24.54 23.71
C LYS B 99 26.12 23.32 23.61
N GLY B 100 26.76 22.15 23.62
CA GLY B 100 26.08 20.87 23.74
C GLY B 100 25.37 20.40 22.48
N VAL B 101 25.59 21.08 21.37
CA VAL B 101 24.94 20.71 20.13
C VAL B 101 25.58 19.48 19.51
N ASP B 102 24.77 18.67 18.83
CA ASP B 102 25.27 17.47 18.18
C ASP B 102 25.33 17.72 16.69
N HIS B 103 24.18 18.07 16.12
CA HIS B 103 24.09 18.29 14.68
C HIS B 103 23.79 19.76 14.37
N VAL B 104 24.54 20.30 13.42
CA VAL B 104 24.31 21.66 12.97
C VAL B 104 23.64 21.67 11.61
N LEU B 105 22.56 22.42 11.52
CA LEU B 105 21.93 22.67 10.24
C LEU B 105 21.95 24.18 10.02
N HIS B 106 22.93 24.60 9.24
CA HIS B 106 23.11 26.03 8.94
C HIS B 106 22.27 26.49 7.75
N GLN B 107 21.22 27.28 8.00
CA GLN B 107 20.39 27.83 6.90
C GLN B 107 20.38 29.36 6.90
N ALA B 108 20.96 29.97 7.91
CA ALA B 108 20.92 31.42 7.99
C ALA B 108 21.78 32.10 6.92
N ALA B 109 21.13 32.91 6.08
CA ALA B 109 21.78 33.70 5.03
C ALA B 109 20.79 34.66 4.38
N LEU B 110 21.30 35.72 3.75
CA LEU B 110 20.45 36.54 2.89
C LEU B 110 20.50 36.00 1.47
N GLY B 111 19.37 35.47 1.01
CA GLY B 111 19.28 34.89 -0.33
C GLY B 111 19.03 35.94 -1.39
N SER B 112 18.85 35.48 -2.63
CA SER B 112 18.52 36.35 -3.76
C SER B 112 19.70 37.00 -4.51
N VAL B 113 19.72 36.80 -5.82
CA VAL B 113 20.74 37.42 -6.67
C VAL B 113 20.62 38.93 -6.82
N PRO B 114 19.42 39.45 -7.07
CA PRO B 114 19.31 40.92 -7.16
C PRO B 114 19.80 41.61 -5.89
N ARG B 115 19.49 41.04 -4.73
CA ARG B 115 19.85 41.65 -3.44
C ARG B 115 21.36 41.85 -3.25
N SER B 116 22.13 40.83 -3.62
CA SER B 116 23.57 40.92 -3.54
C SER B 116 24.13 41.97 -4.52
N ILE B 117 23.53 42.03 -5.71
CA ILE B 117 23.93 43.00 -6.73
C ILE B 117 23.80 44.46 -6.26
N VAL B 118 22.86 44.75 -5.37
CA VAL B 118 22.71 46.13 -4.95
C VAL B 118 23.36 46.44 -3.64
N ASP B 119 23.31 45.48 -2.72
CA ASP B 119 24.07 45.63 -1.48
C ASP B 119 24.86 44.35 -1.25
N PRO B 120 26.03 44.25 -1.88
CA PRO B 120 27.01 43.17 -1.67
C PRO B 120 27.65 43.20 -0.30
N ILE B 121 27.81 44.38 0.29
CA ILE B 121 28.47 44.47 1.58
C ILE B 121 27.75 43.69 2.67
N THR B 122 26.44 43.85 2.72
CA THR B 122 25.64 43.22 3.76
C THR B 122 25.51 41.72 3.51
N THR B 123 25.21 41.35 2.27
CA THR B 123 25.24 39.97 1.77
C THR B 123 26.58 39.29 2.11
N ASN B 124 27.68 40.00 1.87
CA ASN B 124 28.96 39.41 2.19
C ASN B 124 29.02 39.12 3.67
N ALA B 125 28.58 40.09 4.48
CA ALA B 125 28.78 40.01 5.92
C ALA B 125 28.03 38.84 6.51
N THR B 126 26.86 38.56 5.94
CA THR B 126 25.98 37.58 6.51
C THR B 126 26.37 36.21 5.98
N ASN B 127 26.63 36.15 4.68
CA ASN B 127 26.86 34.88 4.00
C ASN B 127 28.26 34.31 4.13
N ILE B 128 29.25 35.18 4.24
CA ILE B 128 30.61 34.71 4.43
C ILE B 128 31.06 34.85 5.90
N THR B 129 31.04 36.06 6.42
CA THR B 129 31.48 36.29 7.79
C THR B 129 30.61 35.47 8.74
N GLY B 130 29.31 35.45 8.46
CA GLY B 130 28.35 34.77 9.29
C GLY B 130 28.53 33.28 9.17
N PHE B 131 28.85 32.80 7.97
CA PHE B 131 29.08 31.38 7.73
C PHE B 131 30.32 30.90 8.45
N LEU B 132 31.43 31.63 8.27
CA LEU B 132 32.70 31.26 8.88
C LEU B 132 32.57 31.20 10.40
N ASN B 133 31.84 32.15 10.96
CA ASN B 133 31.64 32.17 12.41
C ASN B 133 31.00 30.89 12.88
N ILE B 134 29.88 30.54 12.27
CA ILE B 134 29.19 29.31 12.65
C ILE B 134 30.13 28.12 12.48
N LEU B 135 30.78 28.03 11.32
CA LEU B 135 31.65 26.90 11.02
C LEU B 135 32.76 26.75 12.03
N HIS B 136 33.37 27.86 12.41
CA HIS B 136 34.45 27.83 13.36
C HIS B 136 33.89 27.42 14.72
N ALA B 137 32.81 28.06 15.14
CA ALA B 137 32.22 27.76 16.45
C ALA B 137 31.92 26.27 16.56
N ALA B 138 31.39 25.71 15.48
CA ALA B 138 31.05 24.29 15.45
C ALA B 138 32.31 23.42 15.53
N LYS B 139 33.35 23.79 14.79
CA LYS B 139 34.60 23.07 14.90
C LYS B 139 35.10 22.99 16.34
N ASN B 140 35.16 24.13 17.00
CA ASN B 140 35.61 24.14 18.38
C ASN B 140 34.70 23.43 19.34
N ALA B 141 33.39 23.52 19.14
CA ALA B 141 32.45 22.83 20.02
C ALA B 141 32.57 21.32 19.81
N GLN B 142 33.21 20.95 18.71
CA GLN B 142 33.38 19.54 18.32
C GLN B 142 32.06 18.83 18.17
N VAL B 143 31.21 19.34 17.28
CA VAL B 143 29.93 18.72 16.94
C VAL B 143 30.14 17.41 16.16
N GLN B 144 29.07 16.68 15.94
CA GLN B 144 29.13 15.38 15.29
C GLN B 144 28.93 15.51 13.78
N SER B 145 28.20 16.53 13.36
CA SER B 145 27.98 16.79 11.94
C SER B 145 27.77 18.27 11.64
N PHE B 146 27.91 18.65 10.39
CA PHE B 146 27.73 20.04 10.03
C PHE B 146 27.24 20.07 8.60
N THR B 147 26.01 20.56 8.40
CA THR B 147 25.36 20.54 7.09
C THR B 147 24.95 21.97 6.80
N TYR B 148 25.33 22.50 5.64
CA TYR B 148 25.03 23.89 5.35
C TYR B 148 24.35 24.07 4.00
N ALA B 149 23.51 25.10 3.91
CA ALA B 149 22.83 25.49 2.68
C ALA B 149 23.77 26.15 1.66
N ALA B 150 23.96 25.47 0.52
CA ALA B 150 24.69 26.02 -0.61
C ALA B 150 23.70 26.27 -1.76
N SER B 151 24.19 26.68 -2.92
CA SER B 151 23.28 27.17 -3.95
C SER B 151 23.55 26.59 -5.32
N SER B 152 22.49 26.23 -6.05
CA SER B 152 22.69 25.77 -7.41
C SER B 152 23.39 26.86 -8.22
N SER B 153 23.42 28.08 -7.69
CA SER B 153 23.99 29.20 -8.43
C SER B 153 25.50 29.07 -8.65
N THR B 154 26.15 28.22 -7.86
CA THR B 154 27.59 28.06 -7.95
C THR B 154 28.00 27.47 -9.30
N TYR B 155 27.02 26.95 -10.06
CA TYR B 155 27.30 26.45 -11.41
C TYR B 155 27.68 27.60 -12.34
N GLY B 156 27.06 28.75 -12.11
CA GLY B 156 27.34 29.94 -12.87
C GLY B 156 27.18 29.73 -14.37
N ASP B 157 28.26 29.96 -15.12
CA ASP B 157 28.18 29.95 -16.57
C ASP B 157 28.54 28.59 -17.18
N HIS B 158 28.61 27.52 -16.39
CA HIS B 158 28.83 26.19 -16.97
C HIS B 158 27.63 25.84 -17.83
N PRO B 159 27.88 25.32 -19.05
CA PRO B 159 26.77 25.12 -20.00
C PRO B 159 26.16 23.72 -19.96
N ALA B 160 26.76 22.80 -19.23
CA ALA B 160 26.21 21.45 -19.13
C ALA B 160 24.79 21.37 -18.48
N LEU B 161 23.94 20.53 -19.06
CA LEU B 161 22.64 20.15 -18.48
C LEU B 161 22.48 18.64 -18.60
N PRO B 162 22.11 17.99 -17.50
CA PRO B 162 21.93 18.60 -16.18
C PRO B 162 23.28 18.97 -15.52
N LYS B 163 23.24 19.61 -14.36
CA LYS B 163 24.46 20.03 -13.69
C LYS B 163 25.02 18.95 -12.77
N VAL B 164 26.34 18.76 -12.83
CA VAL B 164 26.99 17.72 -12.04
C VAL B 164 28.01 18.37 -11.11
N GLU B 165 28.01 17.94 -9.85
CA GLU B 165 28.76 18.63 -8.78
C GLU B 165 30.23 18.99 -9.11
N GLU B 166 30.96 18.11 -9.79
CA GLU B 166 32.38 18.33 -10.06
C GLU B 166 32.60 19.43 -11.08
N ASN B 167 31.59 19.76 -11.86
CA ASN B 167 31.76 20.75 -12.93
C ASN B 167 30.99 22.04 -12.73
N ILE B 168 31.64 23.04 -12.15
CA ILE B 168 31.09 24.37 -12.06
C ILE B 168 31.87 25.32 -12.95
N GLY B 169 31.29 26.47 -13.24
CA GLY B 169 32.00 27.49 -13.99
C GLY B 169 32.16 28.75 -13.15
N ASN B 170 32.07 29.89 -13.83
CA ASN B 170 32.31 31.18 -13.20
C ASN B 170 31.03 31.74 -12.59
N PRO B 171 31.14 32.29 -11.38
CA PRO B 171 30.02 32.88 -10.63
C PRO B 171 29.62 34.20 -11.28
N LEU B 172 28.32 34.46 -11.36
CA LEU B 172 27.80 35.61 -12.11
C LEU B 172 27.13 36.67 -11.24
N SER B 173 27.48 36.69 -9.95
CA SER B 173 26.88 37.62 -9.01
C SER B 173 27.50 37.46 -7.63
N PRO B 174 27.51 38.55 -6.84
CA PRO B 174 27.99 38.49 -5.46
C PRO B 174 27.35 37.33 -4.71
N TYR B 175 26.06 37.12 -4.95
CA TYR B 175 25.38 36.06 -4.21
C TYR B 175 26.04 34.73 -4.47
N ALA B 176 26.18 34.37 -5.75
CA ALA B 176 26.88 33.13 -6.12
C ALA B 176 28.28 32.97 -5.46
N VAL B 177 29.09 34.02 -5.47
CA VAL B 177 30.37 34.03 -4.79
C VAL B 177 30.25 33.63 -3.31
N THR B 178 29.39 34.27 -2.55
CA THR B 178 29.34 33.96 -1.12
C THR B 178 29.12 32.48 -0.93
N LYS B 179 28.24 31.92 -1.75
CA LYS B 179 27.87 30.52 -1.60
C LYS B 179 29.02 29.60 -2.01
N TYR B 180 29.64 29.89 -3.14
CA TYR B 180 30.87 29.22 -3.52
C TYR B 180 31.90 29.27 -2.37
N VAL B 181 31.98 30.43 -1.72
CA VAL B 181 32.96 30.62 -0.67
C VAL B 181 32.65 29.78 0.57
N ASN B 182 31.38 29.48 0.77
CA ASN B 182 31.01 28.57 1.84
C ASN B 182 31.65 27.20 1.63
N GLU B 183 31.56 26.72 0.40
CA GLU B 183 32.06 25.40 0.07
C GLU B 183 33.56 25.35 0.26
N ILE B 184 34.25 26.31 -0.34
CA ILE B 184 35.70 26.36 -0.30
C ILE B 184 36.18 26.36 1.14
N TYR B 185 35.56 27.19 1.98
CA TYR B 185 35.91 27.21 3.39
C TYR B 185 35.67 25.84 3.99
N ALA B 186 34.48 25.29 3.77
CA ALA B 186 34.16 23.92 4.24
C ALA B 186 35.23 22.89 3.88
N GLN B 187 35.78 22.96 2.67
CA GLN B 187 36.83 22.03 2.28
C GLN B 187 38.11 22.25 3.06
N VAL B 188 38.59 23.50 3.06
CA VAL B 188 39.81 23.84 3.79
C VAL B 188 39.70 23.40 5.25
N TYR B 189 38.52 23.52 5.84
CA TYR B 189 38.31 23.05 7.19
C TYR B 189 38.53 21.54 7.36
N ALA B 190 38.18 20.79 6.32
CA ALA B 190 38.49 19.37 6.30
C ALA B 190 40.01 19.12 6.19
N ARG B 191 40.68 19.84 5.31
CA ARG B 191 42.12 19.68 5.13
C ARG B 191 42.84 20.00 6.43
N THR B 192 42.55 21.17 6.99
CA THR B 192 43.37 21.73 8.07
C THR B 192 42.97 21.39 9.49
N TYR B 193 41.70 21.07 9.75
CA TYR B 193 41.34 20.65 11.12
C TYR B 193 40.76 19.25 11.15
N GLY B 194 40.51 18.69 9.97
CA GLY B 194 39.93 17.37 9.86
C GLY B 194 38.46 17.39 10.23
N PHE B 195 37.80 18.50 9.92
CA PHE B 195 36.42 18.70 10.34
C PHE B 195 35.49 18.58 9.13
N LYS B 196 34.76 17.46 9.04
CA LYS B 196 34.05 17.06 7.81
C LYS B 196 32.60 17.52 7.71
N THR B 197 32.32 18.26 6.65
CA THR B 197 30.99 18.81 6.43
C THR B 197 30.27 18.22 5.21
N ILE B 198 29.00 18.58 5.08
CA ILE B 198 28.23 18.27 3.88
C ILE B 198 27.53 19.56 3.47
N GLY B 199 27.77 19.98 2.23
CA GLY B 199 27.13 21.15 1.68
C GLY B 199 26.07 20.74 0.68
N LEU B 200 24.91 21.37 0.78
CA LEU B 200 23.80 21.03 -0.08
C LEU B 200 23.51 22.17 -1.06
N ARG B 201 23.75 21.92 -2.35
CA ARG B 201 23.36 22.86 -3.37
C ARG B 201 21.86 22.75 -3.68
N TYR B 202 21.04 23.49 -2.95
CA TYR B 202 19.62 23.60 -3.25
C TYR B 202 19.37 24.16 -4.65
N PHE B 203 18.24 23.74 -5.22
CA PHE B 203 17.79 24.18 -6.53
C PHE B 203 16.35 24.66 -6.45
N ASN B 204 16.12 25.94 -6.18
CA ASN B 204 14.75 26.48 -6.27
C ASN B 204 13.71 25.70 -5.45
N VAL B 205 13.90 25.71 -4.13
CA VAL B 205 13.01 25.07 -3.17
C VAL B 205 11.69 25.83 -3.08
N PHE B 206 10.58 25.11 -2.92
CA PHE B 206 9.27 25.73 -2.72
C PHE B 206 8.46 24.88 -1.73
N GLY B 207 7.36 25.44 -1.24
CA GLY B 207 6.54 24.77 -0.23
C GLY B 207 6.01 25.71 0.84
N ARG B 208 5.45 25.17 1.92
CA ARG B 208 4.80 25.99 2.94
C ARG B 208 5.78 26.96 3.61
N ARG B 209 5.30 28.18 3.87
CA ARG B 209 6.02 29.25 4.60
C ARG B 209 7.16 29.93 3.83
N GLN B 210 7.04 29.94 2.51
CA GLN B 210 7.97 30.71 1.69
C GLN B 210 7.35 32.08 1.43
N ASP B 211 8.06 33.12 1.87
CA ASP B 211 7.50 34.46 1.83
C ASP B 211 7.13 34.88 0.42
N PRO B 212 5.83 35.12 0.18
CA PRO B 212 5.31 35.59 -1.12
C PRO B 212 5.33 37.12 -1.20
N ASN B 213 5.56 37.74 -0.05
CA ASN B 213 5.66 39.18 0.00
C ASN B 213 7.13 39.59 -0.12
N GLY B 214 7.38 40.76 -0.72
CA GLY B 214 8.73 41.28 -0.80
C GLY B 214 9.14 41.59 -2.23
N ALA B 215 10.14 42.46 -2.36
CA ALA B 215 10.71 42.71 -3.67
C ALA B 215 11.44 41.47 -4.12
N TYR B 216 11.94 40.67 -3.17
CA TYR B 216 12.72 39.47 -3.52
C TYR B 216 11.93 38.16 -3.41
N ALA B 217 10.61 38.25 -3.38
CA ALA B 217 9.81 37.05 -3.27
C ALA B 217 10.22 36.06 -4.39
N ALA B 218 10.27 34.78 -4.03
CA ALA B 218 10.56 33.76 -5.01
C ALA B 218 9.33 33.50 -5.88
N VAL B 219 9.54 32.94 -7.07
CA VAL B 219 8.51 32.92 -8.09
C VAL B 219 7.21 32.18 -7.72
N ILE B 220 7.31 30.93 -7.29
CA ILE B 220 6.09 30.17 -7.02
C ILE B 220 5.17 30.85 -6.00
N PRO B 221 5.73 31.39 -4.91
CA PRO B 221 4.85 32.09 -3.97
C PRO B 221 4.45 33.50 -4.45
N LYS B 222 5.28 34.15 -5.26
CA LYS B 222 4.96 35.44 -5.88
C LYS B 222 3.77 35.33 -6.85
N TRP B 223 3.78 34.31 -7.72
CA TRP B 223 2.68 34.09 -8.66
C TRP B 223 1.41 33.62 -7.97
N THR B 224 1.57 32.74 -7.00
CA THR B 224 0.43 32.18 -6.29
C THR B 224 -0.36 33.27 -5.59
N ALA B 225 0.36 34.23 -4.99
CA ALA B 225 -0.28 35.32 -4.25
C ALA B 225 -0.97 36.28 -5.20
N ALA B 226 -0.42 36.42 -6.40
CA ALA B 226 -0.99 37.29 -7.42
C ALA B 226 -2.21 36.65 -8.08
N MET B 227 -2.13 35.36 -8.38
CA MET B 227 -3.28 34.66 -8.92
C MET B 227 -4.50 34.70 -7.99
N LEU B 228 -4.28 34.99 -6.71
CA LEU B 228 -5.38 35.10 -5.76
C LEU B 228 -5.90 36.52 -5.68
N LYS B 229 -5.03 37.47 -5.35
CA LYS B 229 -5.40 38.88 -5.31
C LYS B 229 -6.00 39.28 -6.65
N GLY B 230 -5.74 38.48 -7.69
CA GLY B 230 -6.21 38.77 -9.03
C GLY B 230 -5.30 39.73 -9.78
N ASP B 231 -4.10 39.94 -9.24
CA ASP B 231 -3.14 40.86 -9.86
C ASP B 231 -2.48 40.26 -11.08
N ASP B 232 -1.70 41.09 -11.77
CA ASP B 232 -0.98 40.63 -12.95
C ASP B 232 0.09 39.62 -12.55
N VAL B 233 0.45 38.75 -13.49
CA VAL B 233 1.49 37.77 -13.28
C VAL B 233 2.62 38.03 -14.27
N TYR B 234 3.74 38.55 -13.78
CA TYR B 234 4.87 38.93 -14.64
C TYR B 234 5.86 37.78 -14.93
N ILE B 235 6.20 37.58 -16.21
CA ILE B 235 7.17 36.59 -16.64
C ILE B 235 8.49 37.21 -17.13
N ASN B 236 9.49 37.27 -16.26
CA ASN B 236 10.76 37.97 -16.53
C ASN B 236 11.55 37.38 -17.70
N GLY B 237 11.18 37.75 -18.92
CA GLY B 237 11.79 37.23 -20.14
C GLY B 237 10.79 36.60 -21.09
N ASP B 238 11.29 35.84 -22.06
CA ASP B 238 10.41 35.25 -23.08
C ASP B 238 9.61 34.07 -22.55
N GLY B 239 9.73 33.82 -21.25
CA GLY B 239 9.02 32.71 -20.61
C GLY B 239 9.39 31.38 -21.20
N GLU B 240 10.69 31.09 -21.23
CA GLU B 240 11.18 29.79 -21.69
C GLU B 240 12.21 29.24 -20.71
N THR B 241 12.77 30.13 -19.90
CA THR B 241 13.61 29.76 -18.78
C THR B 241 13.02 28.55 -18.04
N SER B 242 13.90 27.62 -17.66
CA SER B 242 13.48 26.40 -16.95
C SER B 242 14.26 26.19 -15.65
N ARG B 243 13.66 25.44 -14.72
CA ARG B 243 14.22 25.24 -13.38
C ARG B 243 13.85 23.85 -12.82
N ASP B 244 14.62 23.39 -11.83
CA ASP B 244 14.31 22.15 -11.14
C ASP B 244 13.65 22.47 -9.81
N PHE B 245 12.35 22.68 -9.82
CA PHE B 245 11.61 23.02 -8.60
C PHE B 245 11.59 21.86 -7.62
N CYS B 246 11.92 22.15 -6.37
CA CYS B 246 12.14 21.13 -5.36
C CYS B 246 11.29 21.39 -4.13
N TYR B 247 10.34 20.51 -3.86
CA TYR B 247 9.46 20.65 -2.70
C TYR B 247 10.28 20.47 -1.42
N ILE B 248 9.91 21.20 -0.37
CA ILE B 248 10.69 21.21 0.87
C ILE B 248 10.96 19.82 1.40
N ASP B 249 9.97 18.93 1.30
CA ASP B 249 10.10 17.61 1.92
C ASP B 249 11.34 16.85 1.40
N ASN B 250 11.78 17.17 0.19
CA ASN B 250 13.04 16.61 -0.28
C ASN B 250 14.23 17.23 0.41
N VAL B 251 14.18 18.55 0.54
CA VAL B 251 15.22 19.28 1.23
C VAL B 251 15.28 18.89 2.71
N ILE B 252 14.12 18.79 3.35
CA ILE B 252 14.10 18.30 4.73
C ILE B 252 14.76 16.93 4.76
N GLN B 253 14.34 16.02 3.89
CA GLN B 253 14.98 14.71 3.80
C GLN B 253 16.48 14.78 3.58
N MET B 254 16.91 15.61 2.66
CA MET B 254 18.33 15.66 2.37
C MET B 254 19.20 16.17 3.53
N ASN B 255 18.67 17.09 4.36
CA ASN B 255 19.37 17.53 5.57
C ASN B 255 19.63 16.45 6.62
N ILE B 256 18.60 15.64 6.91
CA ILE B 256 18.71 14.54 7.86
C ILE B 256 19.65 13.43 7.36
N LEU B 257 19.45 12.97 6.13
CA LEU B 257 20.38 12.00 5.55
C LEU B 257 21.81 12.43 5.82
N SER B 258 22.08 13.71 5.56
CA SER B 258 23.41 14.27 5.67
C SER B 258 23.93 14.36 7.09
N ALA B 259 23.11 14.83 8.01
CA ALA B 259 23.59 15.00 9.37
C ALA B 259 24.03 13.66 9.94
N LEU B 260 23.38 12.58 9.52
CA LEU B 260 23.70 11.26 10.05
C LEU B 260 24.45 10.36 9.07
N ALA B 261 24.96 10.99 8.02
CA ALA B 261 25.65 10.27 6.97
C ALA B 261 26.93 9.63 7.51
N LYS B 262 27.40 8.60 6.83
CA LYS B 262 28.63 7.94 7.26
C LYS B 262 29.80 8.83 6.91
N ASP B 263 30.87 8.72 7.70
CA ASP B 263 32.01 9.63 7.57
C ASP B 263 32.60 9.69 6.15
N SER B 264 32.57 8.59 5.40
CA SER B 264 33.12 8.60 4.06
C SER B 264 32.28 9.43 3.08
N ALA B 265 31.09 9.82 3.51
CA ALA B 265 30.18 10.59 2.68
C ALA B 265 30.31 12.08 2.96
N LYS B 266 30.99 12.40 4.05
CA LYS B 266 31.13 13.78 4.42
C LYS B 266 32.25 14.40 3.58
N ASP B 267 32.62 15.63 3.90
CA ASP B 267 33.42 16.51 3.02
C ASP B 267 32.97 16.37 1.55
N ASN B 268 31.67 16.45 1.34
CA ASN B 268 31.13 16.33 -0.01
C ASN B 268 30.07 17.39 -0.31
N ILE B 269 29.98 17.77 -1.59
CA ILE B 269 28.92 18.63 -2.03
C ILE B 269 27.88 17.78 -2.74
N TYR B 270 26.61 18.02 -2.47
CA TYR B 270 25.52 17.31 -3.16
C TYR B 270 24.39 18.25 -3.67
N ASN B 271 24.04 18.13 -4.97
CA ASN B 271 22.80 18.73 -5.47
C ASN B 271 21.58 18.25 -4.69
N VAL B 272 20.63 19.13 -4.45
CA VAL B 272 19.37 18.74 -3.83
C VAL B 272 18.23 19.22 -4.68
N ALA B 273 17.62 18.29 -5.39
CA ALA B 273 16.58 18.62 -6.33
C ALA B 273 15.89 17.31 -6.74
N VAL B 274 15.17 17.32 -7.85
CA VAL B 274 14.39 16.17 -8.25
C VAL B 274 14.86 15.54 -9.56
N GLY B 275 15.48 16.34 -10.41
CA GLY B 275 16.04 15.86 -11.67
C GLY B 275 15.21 16.30 -12.87
N ASP B 276 14.11 16.97 -12.58
CA ASP B 276 13.17 17.39 -13.62
C ASP B 276 13.45 18.80 -14.08
N ARG B 277 12.73 19.22 -15.11
CA ARG B 277 12.86 20.57 -15.63
C ARG B 277 11.50 21.16 -16.10
N THR B 278 11.06 22.21 -15.42
CA THR B 278 9.78 22.87 -15.71
C THR B 278 10.03 24.30 -16.20
N THR B 279 9.28 24.76 -17.20
CA THR B 279 9.49 26.11 -17.77
C THR B 279 8.61 27.15 -17.09
N LEU B 280 9.03 28.41 -17.10
CA LEU B 280 8.23 29.50 -16.55
C LEU B 280 6.83 29.57 -17.18
N ASN B 281 6.71 29.14 -18.44
CA ASN B 281 5.40 29.02 -19.08
C ASN B 281 4.59 27.83 -18.54
N GLU B 282 5.24 26.68 -18.41
CA GLU B 282 4.55 25.48 -17.92
C GLU B 282 4.14 25.65 -16.46
N LEU B 283 4.98 26.31 -15.68
CA LEU B 283 4.70 26.50 -14.27
C LEU B 283 3.40 27.29 -14.10
N SER B 284 3.30 28.41 -14.82
CA SER B 284 2.09 29.22 -14.80
C SER B 284 0.87 28.32 -15.07
N GLY B 285 1.04 27.34 -15.95
CA GLY B 285 0.01 26.34 -16.17
C GLY B 285 -0.35 25.61 -14.88
N TYR B 286 0.61 24.88 -14.32
CA TYR B 286 0.37 24.06 -13.12
C TYR B 286 -0.16 24.85 -11.94
N ILE B 287 0.33 26.09 -11.76
CA ILE B 287 -0.10 26.89 -10.60
C ILE B 287 -1.57 27.31 -10.71
N TYR B 288 -2.02 27.54 -11.94
CA TYR B 288 -3.42 27.85 -12.19
C TYR B 288 -4.30 26.60 -12.06
N ASP B 289 -4.03 25.58 -12.87
CA ASP B 289 -4.83 24.36 -12.85
C ASP B 289 -5.09 23.91 -11.41
N GLU B 290 -4.05 24.01 -10.57
CA GLU B 290 -4.12 23.55 -9.17
C GLU B 290 -4.86 24.53 -8.26
N LEU B 291 -4.91 25.80 -8.64
CA LEU B 291 -5.58 26.83 -7.83
C LEU B 291 -7.08 26.96 -8.11
N ASN B 292 -7.49 26.68 -9.34
CA ASN B 292 -8.92 26.67 -9.68
C ASN B 292 -9.63 25.42 -9.20
N LEU B 293 -8.86 24.39 -8.86
CA LEU B 293 -9.41 23.22 -8.15
C LEU B 293 -9.62 23.56 -6.67
N ILE B 294 -9.45 24.85 -6.35
CA ILE B 294 -9.85 25.40 -5.05
C ILE B 294 -10.44 26.81 -5.24
N HIS B 295 -11.03 27.02 -6.43
CA HIS B 295 -12.11 27.99 -6.69
C HIS B 295 -11.85 29.49 -6.51
N HIS B 296 -11.23 30.14 -7.50
CA HIS B 296 -10.97 31.57 -7.40
C HIS B 296 -10.94 32.30 -8.75
N ILE B 302 -1.63 37.34 -17.90
CA ILE B 302 -0.20 37.08 -18.03
C ILE B 302 0.53 38.10 -18.91
N LYS B 303 1.38 38.91 -18.28
CA LYS B 303 2.17 39.92 -18.98
C LYS B 303 3.63 39.45 -19.15
N TYR B 304 4.32 40.02 -20.14
CA TYR B 304 5.71 39.67 -20.41
C TYR B 304 6.62 40.88 -20.30
N ARG B 305 7.83 40.68 -19.79
CA ARG B 305 8.83 41.75 -19.74
C ARG B 305 10.22 41.24 -20.14
N GLU B 306 11.25 41.98 -19.73
CA GLU B 306 12.62 41.59 -20.06
C GLU B 306 13.09 40.55 -19.05
N PHE B 307 14.21 39.89 -19.36
CA PHE B 307 14.85 38.99 -18.42
C PHE B 307 15.42 39.81 -17.28
N ARG B 308 16.01 39.13 -16.29
CA ARG B 308 16.76 39.82 -15.26
C ARG B 308 18.27 39.80 -15.54
N SER B 309 18.97 40.81 -15.02
CA SER B 309 20.41 40.82 -15.05
C SER B 309 20.94 39.83 -14.01
N GLY B 310 21.66 38.82 -14.48
CA GLY B 310 22.10 37.74 -13.61
C GLY B 310 21.19 36.52 -13.68
N ASP B 311 20.09 36.65 -14.42
CA ASP B 311 19.14 35.56 -14.56
C ASP B 311 19.82 34.39 -15.27
N VAL B 312 19.34 33.18 -15.02
CA VAL B 312 19.88 31.97 -15.62
C VAL B 312 18.90 31.37 -16.64
N ARG B 313 19.43 30.77 -17.69
CA ARG B 313 18.58 30.28 -18.77
C ARG B 313 17.91 28.92 -18.51
N HIS B 314 18.71 27.88 -18.32
CA HIS B 314 18.19 26.54 -18.03
C HIS B 314 18.86 25.98 -16.79
N SER B 315 18.09 25.24 -15.99
CA SER B 315 18.60 24.69 -14.73
C SER B 315 17.97 23.36 -14.37
N GLN B 316 18.76 22.30 -14.37
CA GLN B 316 18.26 20.97 -14.10
C GLN B 316 19.34 20.17 -13.40
N ALA B 317 19.00 19.49 -12.29
CA ALA B 317 20.03 18.83 -11.49
C ALA B 317 20.24 17.35 -11.81
N ASP B 318 21.46 16.89 -11.55
CA ASP B 318 21.77 15.48 -11.61
C ASP B 318 21.90 15.06 -10.15
N VAL B 319 20.93 14.32 -9.64
CA VAL B 319 20.99 13.94 -8.22
C VAL B 319 21.51 12.52 -7.97
N THR B 320 22.23 11.93 -8.91
CA THR B 320 22.62 10.53 -8.70
C THR B 320 23.64 10.41 -7.59
N LYS B 321 24.44 11.46 -7.38
CA LYS B 321 25.42 11.41 -6.31
C LYS B 321 24.69 11.21 -5.00
N ALA B 322 23.62 11.97 -4.80
CA ALA B 322 22.87 11.93 -3.57
C ALA B 322 22.28 10.56 -3.41
N ILE B 323 21.74 10.05 -4.51
CA ILE B 323 21.08 8.77 -4.52
C ILE B 323 22.09 7.70 -4.12
N ASP B 324 23.26 7.76 -4.75
CA ASP B 324 24.34 6.81 -4.51
C ASP B 324 24.80 6.76 -3.05
N LEU B 325 25.32 7.89 -2.56
CA LEU B 325 26.12 7.94 -1.34
C LEU B 325 25.31 8.12 -0.04
N LEU B 326 24.10 8.64 -0.19
CA LEU B 326 23.28 8.98 0.96
C LEU B 326 21.96 8.22 0.90
N LYS B 327 21.75 7.49 -0.19
CA LYS B 327 20.51 6.75 -0.42
C LYS B 327 19.28 7.67 -0.41
N TYR B 328 19.39 8.77 -1.16
CA TYR B 328 18.35 9.80 -1.26
C TYR B 328 17.21 9.33 -2.15
N ARG B 329 16.00 9.82 -1.86
CA ARG B 329 14.81 9.48 -2.65
C ARG B 329 13.93 10.70 -2.90
N PRO B 330 14.13 11.36 -4.03
CA PRO B 330 13.22 12.45 -4.41
C PRO B 330 11.82 11.89 -4.72
N ASN B 331 11.00 11.74 -3.69
CA ASN B 331 9.68 11.13 -3.88
C ASN B 331 8.61 12.09 -4.38
N ILE B 332 8.76 13.38 -4.11
CA ILE B 332 7.75 14.36 -4.50
C ILE B 332 8.15 15.28 -5.66
N LYS B 333 7.58 15.04 -6.84
CA LYS B 333 7.86 15.88 -8.00
C LYS B 333 7.00 17.13 -7.96
N ILE B 334 7.14 17.98 -8.98
CA ILE B 334 6.53 19.32 -8.90
C ILE B 334 5.01 19.36 -8.77
N ARG B 335 4.30 18.64 -9.64
CA ARG B 335 2.83 18.66 -9.58
C ARG B 335 2.30 18.43 -8.18
N GLU B 336 2.59 17.25 -7.64
CA GLU B 336 2.13 16.88 -6.31
C GLU B 336 2.52 17.93 -5.29
N GLY B 337 3.69 18.55 -5.50
CA GLY B 337 4.24 19.49 -4.54
C GLY B 337 3.42 20.74 -4.50
N LEU B 338 3.10 21.26 -5.68
CA LEU B 338 2.18 22.40 -5.78
C LEU B 338 0.86 22.08 -5.12
N ARG B 339 0.35 20.88 -5.35
CA ARG B 339 -0.93 20.49 -4.79
C ARG B 339 -0.91 20.48 -3.25
N LEU B 340 0.21 20.08 -2.65
CA LEU B 340 0.33 20.02 -1.18
C LEU B 340 0.52 21.43 -0.60
N SER B 341 0.85 22.38 -1.49
CA SER B 341 1.21 23.75 -1.09
C SER B 341 0.06 24.76 -1.10
N MET B 342 -0.71 24.77 -2.19
CA MET B 342 -1.71 25.81 -2.40
C MET B 342 -2.64 26.05 -1.20
N PRO B 343 -3.12 24.97 -0.58
CA PRO B 343 -3.93 25.17 0.63
C PRO B 343 -3.26 26.08 1.67
N TRP B 344 -1.96 25.89 1.89
CA TRP B 344 -1.25 26.70 2.89
C TRP B 344 -1.33 28.20 2.58
N TYR B 345 -1.32 28.52 1.29
CA TYR B 345 -1.29 29.92 0.83
C TYR B 345 -2.69 30.55 0.89
N VAL B 346 -3.71 29.72 0.73
CA VAL B 346 -5.07 30.19 0.94
C VAL B 346 -5.25 30.64 2.39
N ARG B 347 -5.08 29.72 3.35
CA ARG B 347 -5.10 30.11 4.75
C ARG B 347 -4.30 31.37 4.99
N PHE B 348 -3.06 31.37 4.52
CA PHE B 348 -2.12 32.43 4.83
C PHE B 348 -2.47 33.77 4.16
N LEU B 349 -3.27 33.71 3.10
CA LEU B 349 -3.55 34.91 2.31
C LEU B 349 -4.94 35.50 2.53
N LYS B 350 -5.81 34.80 3.27
CA LYS B 350 -7.15 35.31 3.57
C LYS B 350 -7.08 36.71 4.18
N TYR C 10 -35.26 -5.15 32.35
CA TYR C 10 -34.38 -4.05 32.79
C TYR C 10 -32.89 -4.36 32.62
N MET C 11 -32.17 -3.39 32.04
CA MET C 11 -30.70 -3.43 31.97
C MET C 11 -30.13 -2.33 32.92
N SER C 12 -29.86 -2.73 34.18
CA SER C 12 -29.71 -1.77 35.29
C SER C 12 -28.41 -0.98 35.28
N ARG C 13 -27.28 -1.67 35.20
CA ARG C 13 -26.00 -0.95 35.14
C ARG C 13 -26.00 -0.12 33.87
N TYR C 14 -26.48 -0.74 32.80
CA TYR C 14 -26.62 -0.11 31.51
C TYR C 14 -27.48 1.16 31.57
N GLU C 15 -28.67 1.06 32.15
CA GLU C 15 -29.50 2.23 32.43
C GLU C 15 -28.70 3.30 33.19
N GLU C 16 -28.11 2.91 34.31
CA GLU C 16 -27.27 3.79 35.09
C GLU C 16 -26.22 4.51 34.21
N ILE C 17 -25.49 3.75 33.39
CA ILE C 17 -24.46 4.33 32.51
C ILE C 17 -25.06 5.36 31.52
N THR C 18 -26.19 5.01 30.91
CA THR C 18 -26.78 5.90 29.92
C THR C 18 -27.27 7.22 30.51
N GLN C 19 -27.76 7.19 31.74
CA GLN C 19 -28.13 8.42 32.42
C GLN C 19 -26.90 9.31 32.57
N GLN C 20 -25.86 8.77 33.20
CA GLN C 20 -24.63 9.53 33.35
C GLN C 20 -24.28 10.27 32.06
N LEU C 21 -24.41 9.58 30.93
CA LEU C 21 -23.94 10.13 29.65
C LEU C 21 -24.82 11.27 29.17
N ILE C 22 -26.12 11.06 29.27
CA ILE C 22 -27.08 12.08 28.88
C ILE C 22 -26.82 13.41 29.63
N PHE C 23 -26.06 13.35 30.73
CA PHE C 23 -25.76 14.54 31.50
C PHE C 23 -24.37 15.12 31.24
N SER C 24 -23.36 14.25 31.29
CA SER C 24 -22.00 14.66 31.01
C SER C 24 -21.64 14.06 29.64
N PRO C 25 -22.25 14.58 28.55
CA PRO C 25 -21.99 14.08 27.20
C PRO C 25 -20.51 14.13 26.80
N LYS C 26 -20.10 13.08 26.07
CA LYS C 26 -18.71 12.92 25.68
C LYS C 26 -18.60 12.89 24.17
N THR C 27 -17.36 12.97 23.69
CA THR C 27 -17.09 12.85 22.26
C THR C 27 -16.65 11.42 21.93
N TRP C 28 -17.36 10.80 21.00
CA TRP C 28 -17.12 9.41 20.62
C TRP C 28 -16.58 9.32 19.23
N LEU C 29 -15.76 8.32 18.98
CA LEU C 29 -15.36 8.04 17.62
C LEU C 29 -15.82 6.64 17.22
N ILE C 30 -16.69 6.57 16.22
CA ILE C 30 -17.08 5.29 15.63
C ILE C 30 -16.48 5.08 14.26
N THR C 31 -15.57 4.11 14.14
CA THR C 31 -15.12 3.66 12.82
C THR C 31 -16.10 2.59 12.33
N GLY C 32 -16.23 2.45 11.02
CA GLY C 32 -17.18 1.53 10.43
C GLY C 32 -18.61 1.93 10.77
N VAL C 33 -18.80 3.26 10.87
CA VAL C 33 -20.02 3.90 11.35
C VAL C 33 -21.18 3.81 10.35
N ALA C 34 -20.86 3.60 9.07
CA ALA C 34 -21.88 3.42 8.05
C ALA C 34 -22.22 1.93 7.87
N GLY C 35 -21.46 1.09 8.55
CA GLY C 35 -21.73 -0.34 8.51
C GLY C 35 -22.96 -0.68 9.31
N PHE C 36 -23.22 -1.96 9.46
CA PHE C 36 -24.35 -2.42 10.26
C PHE C 36 -24.19 -2.10 11.76
N ILE C 37 -23.11 -2.58 12.37
CA ILE C 37 -22.97 -2.39 13.82
C ILE C 37 -22.65 -0.94 14.16
N GLY C 38 -21.86 -0.30 13.29
CA GLY C 38 -21.48 1.07 13.52
C GLY C 38 -22.67 1.99 13.43
N SER C 39 -23.54 1.77 12.43
CA SER C 39 -24.71 2.64 12.30
C SER C 39 -25.70 2.48 13.45
N ASN C 40 -25.89 1.25 13.90
CA ASN C 40 -26.62 0.99 15.13
C ASN C 40 -26.07 1.74 16.36
N LEU C 41 -24.75 1.72 16.55
CA LEU C 41 -24.11 2.51 17.62
C LEU C 41 -24.38 4.01 17.42
N LEU C 42 -24.40 4.48 16.17
CA LEU C 42 -24.61 5.89 15.92
C LEU C 42 -26.00 6.28 16.41
N GLU C 43 -26.97 5.46 16.05
CA GLU C 43 -28.37 5.73 16.40
C GLU C 43 -28.43 5.94 17.91
N LYS C 44 -27.89 4.98 18.65
CA LYS C 44 -27.96 4.99 20.10
C LYS C 44 -27.27 6.21 20.72
N LEU C 45 -26.05 6.49 20.25
CA LEU C 45 -25.27 7.56 20.85
C LEU C 45 -25.87 8.97 20.62
N LEU C 46 -26.44 9.18 19.43
CA LEU C 46 -27.07 10.45 19.11
C LEU C 46 -28.35 10.67 19.92
N LYS C 47 -29.09 9.59 20.15
CA LYS C 47 -30.27 9.65 21.03
C LYS C 47 -29.91 9.97 22.48
N LEU C 48 -28.66 9.74 22.87
CA LEU C 48 -28.19 10.11 24.19
C LEU C 48 -27.45 11.42 24.10
N ASN C 49 -27.73 12.19 23.04
CA ASN C 49 -27.14 13.53 22.84
C ASN C 49 -25.62 13.59 22.92
N GLN C 50 -24.96 12.52 22.51
CA GLN C 50 -23.50 12.49 22.50
C GLN C 50 -22.94 13.21 21.27
N VAL C 51 -21.69 13.63 21.36
CA VAL C 51 -21.01 14.17 20.18
C VAL C 51 -20.30 13.02 19.49
N VAL C 52 -20.61 12.82 18.22
CA VAL C 52 -20.05 11.69 17.52
C VAL C 52 -19.27 12.08 16.28
N ILE C 53 -18.04 11.58 16.20
CA ILE C 53 -17.22 11.72 15.01
C ILE C 53 -17.16 10.35 14.34
N GLY C 54 -17.47 10.31 13.05
CA GLY C 54 -17.63 9.04 12.35
C GLY C 54 -16.65 8.86 11.19
N LEU C 55 -16.24 7.63 10.99
CA LEU C 55 -15.27 7.32 9.97
C LEU C 55 -15.71 6.06 9.27
N ASP C 56 -15.78 6.11 7.95
CA ASP C 56 -16.06 4.93 7.16
C ASP C 56 -15.56 5.27 5.75
N ASN C 57 -15.32 4.25 4.93
CA ASN C 57 -14.83 4.46 3.56
C ASN C 57 -15.77 3.90 2.49
N PHE C 58 -17.02 3.67 2.88
CA PHE C 58 -18.02 2.97 2.05
C PHE C 58 -17.51 1.74 1.29
N SER C 59 -16.56 1.03 1.89
CA SER C 59 -16.22 -0.31 1.44
C SER C 59 -17.44 -1.22 1.51
N THR C 60 -17.86 -1.59 2.73
CA THR C 60 -19.07 -2.40 2.90
C THR C 60 -20.19 -1.58 3.55
N GLY C 61 -19.86 -0.35 3.93
CA GLY C 61 -20.86 0.54 4.51
C GLY C 61 -21.69 1.25 3.47
N HIS C 62 -22.74 1.93 3.92
CA HIS C 62 -23.65 2.58 2.99
C HIS C 62 -24.05 3.98 3.43
N GLN C 63 -24.05 4.91 2.47
CA GLN C 63 -24.55 6.24 2.75
C GLN C 63 -26.00 6.15 3.21
N TYR C 64 -26.76 5.22 2.64
CA TYR C 64 -28.16 5.08 3.02
C TYR C 64 -28.37 4.69 4.47
N ASN C 65 -27.40 3.98 5.05
CA ASN C 65 -27.45 3.65 6.47
C ASN C 65 -27.32 4.89 7.34
N LEU C 66 -26.46 5.82 6.91
CA LEU C 66 -26.37 7.10 7.61
C LEU C 66 -27.69 7.89 7.45
N ASP C 67 -28.22 7.93 6.22
CA ASP C 67 -29.49 8.60 5.93
C ASP C 67 -30.60 8.11 6.83
N GLU C 68 -30.79 6.80 6.88
CA GLU C 68 -31.83 6.22 7.74
C GLU C 68 -31.68 6.70 9.18
N VAL C 69 -30.45 6.76 9.66
CA VAL C 69 -30.22 7.19 11.04
C VAL C 69 -30.69 8.63 11.23
N LYS C 70 -30.54 9.45 10.19
CA LYS C 70 -30.92 10.85 10.31
C LYS C 70 -32.42 11.02 10.48
N THR C 71 -33.18 10.07 9.96
CA THR C 71 -34.64 10.12 10.09
C THR C 71 -35.12 9.56 11.43
N LEU C 72 -34.23 8.98 12.22
CA LEU C 72 -34.62 8.41 13.49
C LEU C 72 -34.28 9.32 14.68
N VAL C 73 -33.68 10.48 14.42
CA VAL C 73 -33.16 11.29 15.51
C VAL C 73 -33.45 12.77 15.30
N SER C 74 -33.55 13.48 16.43
CA SER C 74 -33.67 14.94 16.48
C SER C 74 -32.68 15.58 15.50
N THR C 75 -32.97 16.79 15.03
CA THR C 75 -32.04 17.48 14.13
C THR C 75 -31.01 18.27 14.92
N GLU C 76 -31.25 18.47 16.22
CA GLU C 76 -30.24 19.00 17.13
C GLU C 76 -29.30 17.87 17.49
N GLN C 77 -29.86 16.67 17.55
CA GLN C 77 -29.08 15.47 17.86
C GLN C 77 -28.12 15.13 16.71
N TRP C 78 -28.60 15.36 15.50
CA TRP C 78 -27.85 15.04 14.29
C TRP C 78 -26.75 16.06 14.08
N SER C 79 -27.00 17.29 14.50
CA SER C 79 -26.04 18.37 14.29
C SER C 79 -24.71 18.06 14.97
N ARG C 80 -24.75 17.13 15.93
CA ARG C 80 -23.56 16.79 16.69
C ARG C 80 -22.73 15.67 16.05
N PHE C 81 -23.17 15.18 14.90
CA PHE C 81 -22.44 14.17 14.17
C PHE C 81 -21.54 14.82 13.15
N CYS C 82 -20.24 14.59 13.28
CA CYS C 82 -19.33 14.96 12.23
C CYS C 82 -18.91 13.70 11.47
N PHE C 83 -19.49 13.47 10.30
CA PHE C 83 -19.08 12.33 9.46
C PHE C 83 -17.86 12.62 8.60
N ILE C 84 -17.01 11.60 8.43
CA ILE C 84 -15.80 11.76 7.62
C ILE C 84 -15.62 10.59 6.68
N GLU C 85 -15.49 10.89 5.40
CA GLU C 85 -15.20 9.86 4.42
C GLU C 85 -13.69 9.63 4.35
N GLY C 86 -13.26 8.49 4.86
CA GLY C 86 -11.83 8.21 4.96
C GLY C 86 -11.48 6.76 5.26
N ASP C 87 -10.17 6.50 5.34
CA ASP C 87 -9.66 5.15 5.49
C ASP C 87 -8.78 4.98 6.75
N ILE C 88 -9.08 3.98 7.56
CA ILE C 88 -8.25 3.69 8.72
C ILE C 88 -6.88 3.19 8.28
N ARG C 89 -6.79 2.84 6.99
CA ARG C 89 -5.52 2.42 6.40
C ARG C 89 -4.53 3.58 6.27
N ASP C 90 -5.04 4.80 6.32
CA ASP C 90 -4.17 5.96 6.23
C ASP C 90 -4.01 6.61 7.60
N LEU C 91 -2.82 6.48 8.16
CA LEU C 91 -2.56 6.86 9.55
C LEU C 91 -2.91 8.31 9.83
N THR C 92 -2.65 9.18 8.85
CA THR C 92 -2.92 10.61 9.00
C THR C 92 -4.41 10.85 9.30
N THR C 93 -5.30 10.21 8.53
CA THR C 93 -6.72 10.26 8.79
C THR C 93 -6.98 9.89 10.24
N CYS C 94 -6.53 8.70 10.62
CA CYS C 94 -6.68 8.24 11.99
C CYS C 94 -6.36 9.31 13.05
N GLU C 95 -5.40 10.19 12.79
CA GLU C 95 -5.03 11.16 13.80
C GLU C 95 -5.95 12.39 13.80
N GLN C 96 -6.35 12.85 12.61
CA GLN C 96 -7.18 14.05 12.52
C GLN C 96 -8.48 13.78 13.26
N VAL C 97 -8.93 12.53 13.12
CA VAL C 97 -10.20 12.07 13.66
C VAL C 97 -10.17 11.80 15.19
N MET C 98 -8.97 11.64 15.75
CA MET C 98 -8.82 11.44 17.19
C MET C 98 -8.95 12.73 17.98
N LYS C 99 -8.64 13.84 17.32
CA LYS C 99 -8.66 15.14 17.98
C LYS C 99 -9.87 15.23 18.89
N GLY C 100 -9.60 15.28 20.20
CA GLY C 100 -10.61 15.61 21.17
C GLY C 100 -11.55 14.48 21.52
N VAL C 101 -11.28 13.28 21.04
CA VAL C 101 -12.16 12.16 21.29
C VAL C 101 -12.00 11.66 22.71
N ASP C 102 -13.09 11.20 23.30
CA ASP C 102 -13.05 10.59 24.63
C ASP C 102 -13.07 9.07 24.53
N HIS C 103 -14.12 8.55 23.91
CA HIS C 103 -14.29 7.11 23.79
C HIS C 103 -14.16 6.67 22.34
N VAL C 104 -13.39 5.61 22.13
CA VAL C 104 -13.27 5.02 20.80
C VAL C 104 -14.06 3.72 20.68
N LEU C 105 -14.87 3.62 19.65
CA LEU C 105 -15.55 2.38 19.30
C LEU C 105 -15.14 1.96 17.89
N HIS C 106 -14.14 1.09 17.82
CA HIS C 106 -13.58 0.66 16.57
C HIS C 106 -14.36 -0.52 15.99
N GLN C 107 -15.10 -0.30 14.91
CA GLN C 107 -15.83 -1.39 14.24
C GLN C 107 -15.40 -1.58 12.79
N ALA C 108 -14.55 -0.69 12.28
CA ALA C 108 -14.14 -0.74 10.87
C ALA C 108 -13.21 -1.92 10.54
N ALA C 109 -13.72 -2.81 9.69
CA ALA C 109 -12.97 -3.98 9.23
C ALA C 109 -13.70 -4.63 8.07
N LEU C 110 -12.98 -5.39 7.27
CA LEU C 110 -13.63 -6.27 6.31
C LEU C 110 -13.90 -7.63 6.97
N GLY C 111 -15.18 -7.96 7.15
CA GLY C 111 -15.56 -9.21 7.77
C GLY C 111 -15.59 -10.37 6.81
N SER C 112 -16.06 -11.53 7.27
CA SER C 112 -16.22 -12.70 6.39
C SER C 112 -15.01 -13.62 6.18
N VAL C 113 -15.18 -14.89 6.50
CA VAL C 113 -14.12 -15.86 6.30
C VAL C 113 -13.79 -16.15 4.83
N PRO C 114 -14.83 -16.37 4.00
CA PRO C 114 -14.50 -16.63 2.59
C PRO C 114 -13.72 -15.48 1.97
N ARG C 115 -14.07 -14.24 2.26
CA ARG C 115 -13.41 -13.08 1.65
C ARG C 115 -11.88 -13.04 1.93
N SER C 116 -11.48 -13.36 3.17
CA SER C 116 -10.08 -13.35 3.54
C SER C 116 -9.38 -14.48 2.82
N ILE C 117 -10.06 -15.62 2.67
CA ILE C 117 -9.48 -16.79 1.98
C ILE C 117 -9.08 -16.49 0.54
N VAL C 118 -9.77 -15.57 -0.11
CA VAL C 118 -9.49 -15.30 -1.51
C VAL C 118 -8.61 -14.08 -1.72
N ASP C 119 -8.86 -13.03 -0.95
CA ASP C 119 -7.98 -11.89 -0.94
C ASP C 119 -7.57 -11.54 0.50
N PRO C 120 -6.53 -12.23 1.01
CA PRO C 120 -5.95 -12.05 2.33
C PRO C 120 -5.19 -10.75 2.43
N ILE C 121 -4.60 -10.31 1.34
CA ILE C 121 -3.83 -9.07 1.34
C ILE C 121 -4.65 -7.85 1.73
N THR C 122 -5.85 -7.76 1.19
CA THR C 122 -6.70 -6.61 1.44
C THR C 122 -7.28 -6.66 2.86
N THR C 123 -7.78 -7.84 3.21
CA THR C 123 -8.20 -8.17 4.59
C THR C 123 -7.11 -7.88 5.60
N ASN C 124 -5.88 -8.26 5.27
CA ASN C 124 -4.79 -7.95 6.17
C ASN C 124 -4.64 -6.45 6.36
N ALA C 125 -4.68 -5.72 5.25
CA ALA C 125 -4.37 -4.30 5.28
C ALA C 125 -5.38 -3.54 6.14
N THR C 126 -6.64 -3.93 6.03
CA THR C 126 -7.68 -3.19 6.71
C THR C 126 -7.77 -3.63 8.15
N ASN C 127 -7.71 -4.94 8.40
CA ASN C 127 -7.93 -5.51 9.74
C ASN C 127 -6.74 -5.44 10.71
N ILE C 128 -5.54 -5.52 10.17
CA ILE C 128 -4.38 -5.38 11.01
C ILE C 128 -3.76 -3.99 10.89
N THR C 129 -3.38 -3.58 9.68
CA THR C 129 -2.74 -2.28 9.49
C THR C 129 -3.69 -1.16 9.90
N GLY C 130 -4.94 -1.31 9.50
CA GLY C 130 -5.98 -0.37 9.84
C GLY C 130 -6.20 -0.33 11.32
N PHE C 131 -6.26 -1.51 11.96
CA PHE C 131 -6.47 -1.61 13.40
C PHE C 131 -5.34 -0.97 14.19
N LEU C 132 -4.10 -1.33 13.85
CA LEU C 132 -2.91 -0.77 14.51
C LEU C 132 -2.90 0.75 14.43
N ASN C 133 -3.22 1.29 13.26
CA ASN C 133 -3.25 2.74 13.07
C ASN C 133 -4.19 3.38 14.12
N ILE C 134 -5.44 2.92 14.14
CA ILE C 134 -6.44 3.50 15.03
C ILE C 134 -5.92 3.37 16.45
N LEU C 135 -5.50 2.17 16.82
CA LEU C 135 -5.01 1.93 18.18
C LEU C 135 -3.85 2.87 18.57
N HIS C 136 -2.91 3.06 17.67
CA HIS C 136 -1.78 3.95 17.93
C HIS C 136 -2.29 5.39 18.05
N ALA C 137 -3.04 5.83 17.06
CA ALA C 137 -3.59 7.17 17.09
C ALA C 137 -4.27 7.46 18.43
N ALA C 138 -5.10 6.54 18.88
CA ALA C 138 -5.83 6.69 20.13
C ALA C 138 -4.91 6.75 21.32
N LYS C 139 -3.89 5.90 21.33
CA LYS C 139 -2.90 5.95 22.40
C LYS C 139 -2.31 7.36 22.52
N ASN C 140 -1.84 7.90 21.40
CA ASN C 140 -1.22 9.24 21.41
C ASN C 140 -2.20 10.35 21.77
N ALA C 141 -3.43 10.23 21.29
CA ALA C 141 -4.45 11.24 21.58
C ALA C 141 -4.79 11.19 23.06
N GLN C 142 -4.37 10.10 23.69
CA GLN C 142 -4.69 9.83 25.10
C GLN C 142 -6.18 9.84 25.41
N VAL C 143 -6.95 9.00 24.71
CA VAL C 143 -8.38 8.84 24.95
C VAL C 143 -8.66 8.20 26.32
N GLN C 144 -9.92 8.15 26.70
CA GLN C 144 -10.30 7.62 28.01
C GLN C 144 -10.61 6.13 27.98
N SER C 145 -11.02 5.65 26.81
CA SER C 145 -11.35 4.25 26.60
C SER C 145 -11.17 3.84 25.15
N PHE C 146 -11.04 2.54 24.93
CA PHE C 146 -10.85 2.02 23.58
C PHE C 146 -11.45 0.63 23.53
N THR C 147 -12.48 0.47 22.71
CA THR C 147 -13.23 -0.77 22.64
C THR C 147 -13.24 -1.19 21.17
N TYR C 148 -12.86 -2.42 20.87
CA TYR C 148 -12.77 -2.82 19.46
C TYR C 148 -13.51 -4.13 19.21
N ALA C 149 -14.01 -4.28 17.99
CA ALA C 149 -14.69 -5.49 17.54
C ALA C 149 -13.72 -6.64 17.26
N ALA C 150 -13.84 -7.70 18.07
CA ALA C 150 -13.09 -8.93 17.87
C ALA C 150 -14.07 -10.02 17.40
N SER C 151 -13.62 -11.25 17.27
CA SER C 151 -14.46 -12.23 16.61
C SER C 151 -14.52 -13.56 17.35
N SER C 152 -15.70 -14.16 17.41
CA SER C 152 -15.77 -15.46 18.04
C SER C 152 -14.88 -16.43 17.30
N SER C 153 -14.38 -16.03 16.13
CA SER C 153 -13.61 -16.93 15.27
C SER C 153 -12.25 -17.27 15.87
N THR C 154 -11.82 -16.44 16.80
CA THR C 154 -10.54 -16.63 17.43
C THR C 154 -10.47 -17.94 18.24
N TYR C 155 -11.61 -18.56 18.52
CA TYR C 155 -11.62 -19.88 19.16
C TYR C 155 -11.02 -20.95 18.24
N GLY C 156 -11.20 -20.77 16.94
CA GLY C 156 -10.64 -21.67 15.95
C GLY C 156 -11.04 -23.11 16.22
N ASP C 157 -10.04 -23.97 16.42
CA ASP C 157 -10.28 -25.40 16.52
C ASP C 157 -10.41 -25.94 17.97
N HIS C 158 -10.53 -25.05 18.95
CA HIS C 158 -10.83 -25.51 20.29
C HIS C 158 -12.18 -26.22 20.33
N PRO C 159 -12.24 -27.37 20.99
CA PRO C 159 -13.44 -28.20 20.95
C PRO C 159 -14.44 -27.93 22.07
N ALA C 160 -14.07 -27.12 23.06
CA ALA C 160 -14.99 -26.82 24.16
C ALA C 160 -16.28 -26.10 23.74
N LEU C 161 -17.41 -26.50 24.33
CA LEU C 161 -18.70 -25.80 24.24
C LEU C 161 -19.36 -25.74 25.61
N PRO C 162 -19.79 -24.56 26.01
CA PRO C 162 -19.62 -23.31 25.28
C PRO C 162 -18.16 -22.84 25.30
N LYS C 163 -17.88 -21.74 24.59
CA LYS C 163 -16.51 -21.21 24.50
C LYS C 163 -16.15 -20.20 25.62
N VAL C 164 -14.95 -20.32 26.18
CA VAL C 164 -14.60 -19.51 27.33
C VAL C 164 -13.34 -18.73 26.98
N GLU C 165 -13.33 -17.44 27.29
CA GLU C 165 -12.30 -16.54 26.78
C GLU C 165 -10.83 -17.00 26.88
N GLU C 166 -10.45 -17.61 28.01
CA GLU C 166 -9.05 -18.03 28.24
C GLU C 166 -8.61 -19.19 27.34
N ASN C 167 -9.56 -19.94 26.81
CA ASN C 167 -9.22 -21.12 26.01
C ASN C 167 -9.56 -21.02 24.52
N ILE C 168 -8.56 -20.63 23.73
CA ILE C 168 -8.74 -20.59 22.29
C ILE C 168 -7.81 -21.62 21.69
N GLY C 169 -8.04 -21.97 20.44
CA GLY C 169 -7.15 -22.89 19.76
C GLY C 169 -6.50 -22.23 18.57
N ASN C 170 -6.31 -23.00 17.51
CA ASN C 170 -5.66 -22.52 16.31
C ASN C 170 -6.66 -21.91 15.34
N PRO C 171 -6.29 -20.77 14.74
CA PRO C 171 -7.10 -20.03 13.74
C PRO C 171 -7.12 -20.75 12.41
N LEU C 172 -8.27 -20.74 11.74
CA LEU C 172 -8.50 -21.60 10.59
C LEU C 172 -8.73 -20.81 9.30
N SER C 173 -8.25 -19.58 9.27
CA SER C 173 -8.43 -18.71 8.10
C SER C 173 -7.74 -17.39 8.36
N PRO C 174 -7.35 -16.70 7.28
CA PRO C 174 -6.80 -15.35 7.36
C PRO C 174 -7.66 -14.39 8.20
N TYR C 175 -8.97 -14.42 7.98
CA TYR C 175 -9.84 -13.60 8.78
C TYR C 175 -9.55 -13.81 10.28
N ALA C 176 -9.63 -15.05 10.75
CA ALA C 176 -9.48 -15.32 12.18
C ALA C 176 -8.16 -14.75 12.71
N VAL C 177 -7.11 -14.88 11.90
CA VAL C 177 -5.78 -14.38 12.23
C VAL C 177 -5.79 -12.88 12.47
N THR C 178 -6.32 -12.10 11.53
CA THR C 178 -6.38 -10.65 11.75
C THR C 178 -7.03 -10.29 13.08
N LYS C 179 -8.11 -10.97 13.43
CA LYS C 179 -8.85 -10.63 14.62
C LYS C 179 -8.06 -11.04 15.84
N TYR C 180 -7.53 -12.25 15.81
CA TYR C 180 -6.64 -12.67 16.89
C TYR C 180 -5.52 -11.62 17.07
N VAL C 181 -4.99 -11.11 15.96
CA VAL C 181 -3.86 -10.19 16.01
C VAL C 181 -4.26 -8.85 16.62
N ASN C 182 -5.51 -8.46 16.42
CA ASN C 182 -6.05 -7.29 17.12
C ASN C 182 -5.88 -7.43 18.65
N GLU C 183 -6.23 -8.59 19.18
CA GLU C 183 -6.19 -8.82 20.61
C GLU C 183 -4.76 -8.74 21.09
N ILE C 184 -3.89 -9.46 20.41
CA ILE C 184 -2.51 -9.52 20.81
C ILE C 184 -1.90 -8.13 20.84
N TYR C 185 -2.13 -7.37 19.80
CA TYR C 185 -1.66 -5.99 19.78
C TYR C 185 -2.23 -5.23 21.00
N ALA C 186 -3.55 -5.25 21.18
CA ALA C 186 -4.17 -4.60 22.33
C ALA C 186 -3.46 -4.94 23.64
N GLN C 187 -3.08 -6.20 23.82
CA GLN C 187 -2.42 -6.60 25.06
C GLN C 187 -1.05 -5.96 25.19
N VAL C 188 -0.25 -6.11 24.15
CA VAL C 188 1.08 -5.52 24.12
C VAL C 188 1.05 -4.03 24.39
N TYR C 189 0.03 -3.36 23.88
CA TYR C 189 -0.15 -1.94 24.15
C TYR C 189 -0.38 -1.63 25.64
N ALA C 190 -1.09 -2.52 26.32
CA ALA C 190 -1.19 -2.44 27.77
C ALA C 190 0.18 -2.59 28.46
N ARG C 191 0.94 -3.60 28.07
CA ARG C 191 2.24 -3.90 28.68
C ARG C 191 3.19 -2.73 28.49
N THR C 192 3.30 -2.29 27.25
CA THR C 192 4.35 -1.34 26.87
C THR C 192 4.04 0.16 26.94
N TYR C 193 2.77 0.55 26.88
CA TYR C 193 2.43 1.97 27.06
C TYR C 193 1.45 2.21 28.20
N GLY C 194 0.99 1.12 28.80
CA GLY C 194 -0.04 1.17 29.83
C GLY C 194 -1.39 1.66 29.33
N PHE C 195 -1.73 1.29 28.10
CA PHE C 195 -2.93 1.80 27.49
C PHE C 195 -3.95 0.68 27.42
N LYS C 196 -5.01 0.78 28.26
CA LYS C 196 -5.94 -0.35 28.52
C LYS C 196 -7.19 -0.39 27.65
N THR C 197 -7.34 -1.48 26.91
CA THR C 197 -8.49 -1.68 26.02
C THR C 197 -9.45 -2.78 26.46
N ILE C 198 -10.55 -2.87 25.73
CA ILE C 198 -11.52 -3.94 25.91
C ILE C 198 -11.90 -4.43 24.52
N GLY C 199 -11.64 -5.72 24.28
CA GLY C 199 -11.96 -6.35 23.01
C GLY C 199 -13.21 -7.20 23.18
N LEU C 200 -14.14 -7.06 22.23
CA LEU C 200 -15.37 -7.81 22.28
C LEU C 200 -15.40 -8.87 21.19
N ARG C 201 -15.38 -10.14 21.61
CA ARG C 201 -15.60 -11.22 20.65
C ARG C 201 -17.09 -11.40 20.33
N TYR C 202 -17.56 -10.72 19.28
CA TYR C 202 -18.91 -10.90 18.77
C TYR C 202 -19.14 -12.32 18.27
N PHE C 203 -20.38 -12.77 18.41
CA PHE C 203 -20.82 -14.07 17.97
C PHE C 203 -22.04 -13.90 17.05
N ASN C 204 -21.84 -13.75 15.75
CA ASN C 204 -23.00 -13.79 14.83
C ASN C 204 -24.11 -12.81 15.21
N VAL C 205 -23.80 -11.52 15.14
CA VAL C 205 -24.73 -10.44 15.42
C VAL C 205 -25.77 -10.30 14.28
N PHE C 206 -27.03 -10.03 14.63
CA PHE C 206 -28.05 -9.77 13.63
C PHE C 206 -28.95 -8.64 14.10
N GLY C 207 -29.76 -8.12 13.17
CA GLY C 207 -30.65 -7.00 13.44
C GLY C 207 -30.73 -5.98 12.31
N ARG C 208 -31.32 -4.83 12.59
CA ARG C 208 -31.59 -3.85 11.52
C ARG C 208 -30.31 -3.36 10.85
N ARG C 209 -30.37 -3.21 9.53
CA ARG C 209 -29.30 -2.65 8.66
C ARG C 209 -28.11 -3.57 8.44
N GLN C 210 -28.36 -4.87 8.51
CA GLN C 210 -27.35 -5.85 8.13
C GLN C 210 -27.56 -6.23 6.67
N ASP C 211 -26.57 -5.88 5.85
CA ASP C 211 -26.68 -6.05 4.41
C ASP C 211 -27.04 -7.48 3.98
N PRO C 212 -28.25 -7.67 3.43
CA PRO C 212 -28.76 -8.97 2.93
C PRO C 212 -28.32 -9.21 1.50
N ASN C 213 -27.77 -8.18 0.86
CA ASN C 213 -27.23 -8.30 -0.48
C ASN C 213 -25.73 -8.56 -0.42
N GLY C 214 -25.23 -9.30 -1.39
CA GLY C 214 -23.80 -9.52 -1.49
C GLY C 214 -23.45 -10.99 -1.52
N ALA C 215 -22.27 -11.28 -2.02
CA ALA C 215 -21.82 -12.65 -2.00
C ALA C 215 -21.60 -13.04 -0.53
N TYR C 216 -21.18 -12.07 0.29
CA TYR C 216 -20.84 -12.34 1.68
C TYR C 216 -21.96 -12.04 2.67
N ALA C 217 -23.20 -11.93 2.18
CA ALA C 217 -24.30 -11.60 3.07
C ALA C 217 -24.35 -12.60 4.23
N ALA C 218 -24.64 -12.10 5.43
CA ALA C 218 -24.75 -12.99 6.57
C ALA C 218 -26.07 -13.73 6.50
N VAL C 219 -26.20 -14.84 7.22
CA VAL C 219 -27.28 -15.79 6.99
C VAL C 219 -28.68 -15.26 7.25
N ILE C 220 -28.93 -14.70 8.43
CA ILE C 220 -30.28 -14.23 8.79
C ILE C 220 -30.85 -13.21 7.82
N PRO C 221 -30.03 -12.22 7.40
CA PRO C 221 -30.55 -11.33 6.35
C PRO C 221 -30.55 -11.95 4.93
N LYS C 222 -29.67 -12.92 4.65
CA LYS C 222 -29.65 -13.63 3.36
C LYS C 222 -30.93 -14.48 3.20
N TRP C 223 -31.30 -15.22 4.24
CA TRP C 223 -32.50 -16.04 4.18
C TRP C 223 -33.76 -15.20 4.16
N THR C 224 -33.75 -14.13 4.96
CA THR C 224 -34.93 -13.30 5.09
C THR C 224 -35.28 -12.63 3.77
N ALA C 225 -34.26 -12.19 3.05
CA ALA C 225 -34.48 -11.55 1.77
C ALA C 225 -34.98 -12.56 0.75
N ALA C 226 -34.53 -13.81 0.87
CA ALA C 226 -34.91 -14.86 -0.07
C ALA C 226 -36.33 -15.35 0.19
N MET C 227 -36.67 -15.48 1.47
CA MET C 227 -38.03 -15.86 1.83
C MET C 227 -39.08 -14.84 1.36
N LEU C 228 -38.64 -13.63 1.04
CA LEU C 228 -39.56 -12.62 0.52
C LEU C 228 -39.62 -12.67 -1.01
N LYS C 229 -38.47 -12.51 -1.66
CA LYS C 229 -38.41 -12.61 -3.12
C LYS C 229 -39.02 -13.93 -3.59
N GLY C 230 -39.12 -14.89 -2.66
CA GLY C 230 -39.62 -16.22 -2.95
C GLY C 230 -38.55 -17.15 -3.50
N ASP C 231 -37.29 -16.72 -3.40
CA ASP C 231 -36.17 -17.51 -3.91
C ASP C 231 -35.88 -18.73 -3.05
N ASP C 232 -34.96 -19.56 -3.54
CA ASP C 232 -34.54 -20.73 -2.80
C ASP C 232 -33.77 -20.30 -1.55
N VAL C 233 -33.80 -21.17 -0.55
CA VAL C 233 -33.07 -20.94 0.69
C VAL C 233 -32.02 -22.04 0.86
N TYR C 234 -30.75 -21.71 0.65
CA TYR C 234 -29.66 -22.69 0.72
C TYR C 234 -29.11 -22.91 2.15
N ILE C 235 -28.99 -24.19 2.53
CA ILE C 235 -28.39 -24.58 3.82
C ILE C 235 -27.00 -25.23 3.67
N ASN C 236 -25.95 -24.43 3.85
CA ASN C 236 -24.58 -24.88 3.59
C ASN C 236 -24.14 -26.04 4.50
N GLY C 237 -24.54 -27.25 4.15
CA GLY C 237 -24.23 -28.43 4.94
C GLY C 237 -25.47 -29.23 5.30
N ASP C 238 -25.32 -30.18 6.23
CA ASP C 238 -26.42 -31.07 6.61
C ASP C 238 -27.48 -30.36 7.44
N GLY C 239 -27.31 -29.05 7.60
CA GLY C 239 -28.24 -28.26 8.37
C GLY C 239 -28.33 -28.75 9.80
N GLU C 240 -27.20 -28.82 10.47
CA GLU C 240 -27.17 -29.14 11.90
C GLU C 240 -26.25 -28.19 12.65
N THR C 241 -25.35 -27.55 11.90
CA THR C 241 -24.54 -26.46 12.42
C THR C 241 -25.36 -25.54 13.34
N SER C 242 -24.78 -25.13 14.47
CA SER C 242 -25.46 -24.24 15.42
C SER C 242 -24.64 -23.00 15.75
N ARG C 243 -25.34 -21.95 16.15
CA ARG C 243 -24.72 -20.65 16.41
C ARG C 243 -25.40 -19.91 17.58
N ASP C 244 -24.69 -18.97 18.19
CA ASP C 244 -25.27 -18.12 19.24
C ASP C 244 -25.65 -16.77 18.67
N PHE C 245 -26.85 -16.69 18.11
CA PHE C 245 -27.26 -15.48 17.38
C PHE C 245 -27.53 -14.36 18.37
N CYS C 246 -26.96 -13.19 18.09
CA CYS C 246 -26.98 -12.09 19.05
C CYS C 246 -27.57 -10.84 18.43
N TYR C 247 -28.71 -10.40 18.97
CA TYR C 247 -29.39 -9.21 18.47
C TYR C 247 -28.56 -7.98 18.79
N ILE C 248 -28.59 -6.97 17.92
CA ILE C 248 -27.70 -5.80 18.04
C ILE C 248 -27.78 -5.13 19.39
N ASP C 249 -28.97 -5.04 19.96
CA ASP C 249 -29.15 -4.30 21.20
C ASP C 249 -28.27 -4.86 22.33
N ASN C 250 -27.89 -6.12 22.25
CA ASN C 250 -26.92 -6.63 23.19
C ASN C 250 -25.52 -6.12 22.93
N VAL C 251 -25.16 -6.10 21.66
CA VAL C 251 -23.86 -5.62 21.23
C VAL C 251 -23.75 -4.13 21.49
N ILE C 252 -24.80 -3.37 21.16
CA ILE C 252 -24.83 -1.95 21.50
C ILE C 252 -24.60 -1.79 23.02
N GLN C 253 -25.37 -2.54 23.83
CA GLN C 253 -25.17 -2.52 25.29
C GLN C 253 -23.74 -2.85 25.68
N MET C 254 -23.17 -3.88 25.07
CA MET C 254 -21.86 -4.31 25.50
C MET C 254 -20.78 -3.25 25.19
N ASN C 255 -20.94 -2.52 24.09
CA ASN C 255 -19.99 -1.44 23.76
C ASN C 255 -19.95 -0.32 24.80
N ILE C 256 -21.13 0.13 25.23
CA ILE C 256 -21.24 1.19 26.22
C ILE C 256 -20.71 0.75 27.60
N LEU C 257 -21.17 -0.41 28.09
CA LEU C 257 -20.65 -0.94 29.35
C LEU C 257 -19.14 -0.86 29.35
N SER C 258 -18.55 -1.24 28.22
CA SER C 258 -17.09 -1.30 28.12
C SER C 258 -16.43 0.06 28.09
N ALA C 259 -16.96 0.98 27.30
CA ALA C 259 -16.30 2.28 27.17
C ALA C 259 -16.21 2.94 28.54
N LEU C 260 -17.23 2.72 29.36
CA LEU C 260 -17.26 3.34 30.67
C LEU C 260 -16.90 2.40 31.83
N ALA C 261 -16.31 1.27 31.47
CA ALA C 261 -16.00 0.24 32.45
C ALA C 261 -14.93 0.75 33.39
N LYS C 262 -14.84 0.17 34.58
CA LYS C 262 -13.83 0.55 35.55
C LYS C 262 -12.46 0.01 35.10
N ASP C 263 -11.39 0.73 35.47
CA ASP C 263 -10.07 0.39 34.98
C ASP C 263 -9.65 -1.06 35.19
N SER C 264 -10.08 -1.68 36.29
CA SER C 264 -9.71 -3.05 36.57
C SER C 264 -10.38 -4.04 35.60
N ALA C 265 -11.38 -3.56 34.87
CA ALA C 265 -12.10 -4.40 33.91
C ALA C 265 -11.47 -4.32 32.53
N LYS C 266 -10.65 -3.31 32.33
CA LYS C 266 -10.02 -3.11 31.03
C LYS C 266 -8.85 -4.08 30.83
N ASP C 267 -8.13 -3.92 29.73
CA ASP C 267 -7.23 -4.97 29.25
C ASP C 267 -7.85 -6.37 29.38
N ASN C 268 -9.08 -6.51 28.90
CA ASN C 268 -9.76 -7.79 28.95
C ASN C 268 -10.48 -8.09 27.65
N ILE C 269 -10.62 -9.38 27.35
CA ILE C 269 -11.43 -9.82 26.23
C ILE C 269 -12.74 -10.38 26.78
N TYR C 270 -13.87 -10.06 26.14
CA TYR C 270 -15.18 -10.57 26.56
C TYR C 270 -16.01 -11.11 25.38
N ASN C 271 -16.55 -12.31 25.53
CA ASN C 271 -17.57 -12.80 24.63
C ASN C 271 -18.81 -11.89 24.63
N VAL C 272 -19.39 -11.64 23.46
CA VAL C 272 -20.64 -10.90 23.38
C VAL C 272 -21.67 -11.73 22.65
N ALA C 273 -22.62 -12.25 23.40
CA ALA C 273 -23.63 -13.14 22.84
C ALA C 273 -24.67 -13.36 23.92
N VAL C 274 -25.46 -14.42 23.80
CA VAL C 274 -26.60 -14.59 24.69
C VAL C 274 -26.50 -15.85 25.55
N GLY C 275 -25.75 -16.84 25.07
CA GLY C 275 -25.52 -18.08 25.80
C GLY C 275 -26.29 -19.27 25.25
N ASP C 276 -27.12 -18.99 24.25
CA ASP C 276 -28.00 -19.99 23.64
C ASP C 276 -27.40 -20.58 22.41
N ARG C 277 -28.06 -21.59 21.87
CA ARG C 277 -27.58 -22.24 20.65
C ARG C 277 -28.74 -22.65 19.74
N THR C 278 -28.78 -22.09 18.52
CA THR C 278 -29.84 -22.35 17.56
C THR C 278 -29.24 -23.03 16.33
N THR C 279 -29.96 -23.99 15.73
CA THR C 279 -29.43 -24.70 14.54
C THR C 279 -29.89 -24.10 13.22
N LEU C 280 -29.09 -24.28 12.17
CA LEU C 280 -29.46 -23.79 10.84
C LEU C 280 -30.85 -24.32 10.42
N ASN C 281 -31.22 -25.51 10.91
CA ASN C 281 -32.56 -26.03 10.66
C ASN C 281 -33.61 -25.30 11.49
N GLU C 282 -33.34 -25.11 12.78
CA GLU C 282 -34.28 -24.42 13.65
C GLU C 282 -34.47 -22.95 13.27
N LEU C 283 -33.37 -22.32 12.84
CA LEU C 283 -33.43 -20.91 12.46
C LEU C 283 -34.42 -20.74 11.31
N SER C 284 -34.26 -21.56 10.27
CA SER C 284 -35.18 -21.54 9.14
C SER C 284 -36.63 -21.60 9.63
N GLY C 285 -36.85 -22.36 10.69
CA GLY C 285 -38.16 -22.39 11.34
C GLY C 285 -38.59 -21.03 11.83
N TYR C 286 -37.85 -20.46 12.78
CA TYR C 286 -38.19 -19.16 13.36
C TYR C 286 -38.31 -18.02 12.35
N ILE C 287 -37.44 -18.00 11.32
CA ILE C 287 -37.49 -16.92 10.32
C ILE C 287 -38.77 -16.96 9.51
N TYR C 288 -39.28 -18.17 9.24
CA TYR C 288 -40.55 -18.35 8.53
C TYR C 288 -41.73 -18.02 9.44
N ASP C 289 -41.86 -18.73 10.55
CA ASP C 289 -42.97 -18.51 11.48
C ASP C 289 -43.20 -17.02 11.71
N GLU C 290 -42.10 -16.29 11.88
CA GLU C 290 -42.14 -14.84 12.15
C GLU C 290 -42.47 -13.99 10.92
N LEU C 291 -42.17 -14.50 9.72
CA LEU C 291 -42.40 -13.77 8.48
C LEU C 291 -43.82 -13.95 7.93
N ASN C 292 -44.44 -15.10 8.19
CA ASN C 292 -45.82 -15.32 7.78
C ASN C 292 -46.82 -14.65 8.72
N LEU C 293 -46.36 -14.26 9.91
CA LEU C 293 -47.13 -13.38 10.77
C LEU C 293 -47.04 -11.93 10.28
N ILE C 294 -46.50 -11.76 9.08
CA ILE C 294 -46.58 -10.51 8.32
C ILE C 294 -46.74 -10.81 6.81
N HIS C 295 -47.36 -11.96 6.54
CA HIS C 295 -48.13 -12.25 5.31
C HIS C 295 -47.42 -12.26 3.95
N HIS C 296 -46.75 -13.36 3.61
CA HIS C 296 -46.08 -13.44 2.32
C HIS C 296 -45.98 -14.87 1.74
N ILE C 302 -36.64 -25.16 0.51
CA ILE C 302 -35.38 -25.41 1.22
C ILE C 302 -34.48 -26.45 0.52
N LYS C 303 -33.38 -25.99 -0.05
CA LYS C 303 -32.40 -26.86 -0.69
C LYS C 303 -31.19 -27.10 0.22
N TYR C 304 -30.48 -28.21 -0.03
CA TYR C 304 -29.28 -28.56 0.74
C TYR C 304 -28.04 -28.65 -0.15
N ARG C 305 -26.91 -28.20 0.38
CA ARG C 305 -25.64 -28.35 -0.34
C ARG C 305 -24.51 -28.81 0.59
N GLU C 306 -23.26 -28.58 0.19
CA GLU C 306 -22.11 -28.96 1.01
C GLU C 306 -21.86 -27.89 2.06
N PHE C 307 -21.02 -28.21 3.04
CA PHE C 307 -20.58 -27.22 4.01
C PHE C 307 -19.65 -26.23 3.32
N ARG C 308 -19.18 -25.23 4.06
CA ARG C 308 -18.15 -24.34 3.55
C ARG C 308 -16.76 -24.73 4.03
N SER C 309 -15.75 -24.41 3.23
CA SER C 309 -14.38 -24.56 3.68
C SER C 309 -14.07 -23.46 4.69
N GLY C 310 -13.76 -23.86 5.91
CA GLY C 310 -13.53 -22.93 6.99
C GLY C 310 -14.77 -22.78 7.86
N ASP C 311 -15.84 -23.48 7.48
CA ASP C 311 -17.09 -23.41 8.23
C ASP C 311 -16.90 -24.04 9.60
N VAL C 312 -17.68 -23.59 10.58
CA VAL C 312 -17.59 -24.08 11.95
C VAL C 312 -18.81 -24.92 12.32
N ARG C 313 -18.62 -25.94 13.15
CA ARG C 313 -19.69 -26.90 13.44
C ARG C 313 -20.69 -26.45 14.51
N HIS C 314 -20.20 -26.22 15.73
CA HIS C 314 -21.06 -25.73 16.81
C HIS C 314 -20.47 -24.50 17.44
N SER C 315 -21.33 -23.56 17.85
CA SER C 315 -20.84 -22.30 18.41
C SER C 315 -21.80 -21.75 19.45
N GLN C 316 -21.35 -21.70 20.69
CA GLN C 316 -22.18 -21.20 21.79
C GLN C 316 -21.26 -20.50 22.80
N ALA C 317 -21.64 -19.31 23.24
CA ALA C 317 -20.76 -18.55 24.13
C ALA C 317 -21.09 -18.72 25.61
N ASP C 318 -20.06 -18.50 26.42
CA ASP C 318 -20.18 -18.43 27.86
C ASP C 318 -20.02 -16.95 28.17
N VAL C 319 -21.11 -16.30 28.54
CA VAL C 319 -21.03 -14.86 28.82
C VAL C 319 -20.89 -14.49 30.30
N THR C 320 -20.47 -15.42 31.16
CA THR C 320 -20.49 -15.09 32.59
C THR C 320 -19.44 -14.03 32.92
N LYS C 321 -18.34 -14.02 32.17
CA LYS C 321 -17.32 -13.01 32.42
C LYS C 321 -17.93 -11.63 32.25
N ALA C 322 -18.63 -11.42 31.13
CA ALA C 322 -19.30 -10.15 30.86
C ALA C 322 -20.26 -9.80 31.98
N ILE C 323 -21.06 -10.78 32.38
CA ILE C 323 -22.04 -10.62 33.43
C ILE C 323 -21.37 -10.22 34.75
N ASP C 324 -20.27 -10.89 35.07
CA ASP C 324 -19.51 -10.64 36.29
C ASP C 324 -18.93 -9.23 36.36
N LEU C 325 -18.04 -8.92 35.41
CA LEU C 325 -17.14 -7.76 35.49
C LEU C 325 -17.71 -6.43 34.94
N LEU C 326 -18.73 -6.55 34.09
CA LEU C 326 -19.29 -5.39 33.41
C LEU C 326 -20.79 -5.26 33.70
N LYS C 327 -21.31 -6.24 34.44
CA LYS C 327 -22.73 -6.26 34.82
C LYS C 327 -23.59 -6.21 33.56
N TYR C 328 -23.26 -7.09 32.62
CA TYR C 328 -23.99 -7.23 31.36
C TYR C 328 -25.30 -7.98 31.52
N ARG C 329 -26.27 -7.69 30.67
CA ARG C 329 -27.56 -8.37 30.73
C ARG C 329 -28.06 -8.66 29.33
N PRO C 330 -27.82 -9.88 28.85
CA PRO C 330 -28.41 -10.32 27.56
C PRO C 330 -29.92 -10.45 27.64
N ASN C 331 -30.65 -9.35 27.51
CA ASN C 331 -32.08 -9.35 27.71
C ASN C 331 -32.88 -9.88 26.51
N ILE C 332 -32.30 -9.77 25.32
CA ILE C 332 -33.03 -10.17 24.11
C ILE C 332 -32.49 -11.43 23.47
N LYS C 333 -33.24 -12.53 23.61
CA LYS C 333 -32.85 -13.80 22.98
C LYS C 333 -33.32 -13.83 21.52
N ILE C 334 -33.05 -14.92 20.83
CA ILE C 334 -33.22 -14.94 19.38
C ILE C 334 -34.65 -14.69 18.87
N ARG C 335 -35.63 -15.41 19.42
CA ARG C 335 -37.02 -15.26 18.97
C ARG C 335 -37.45 -13.80 18.90
N GLU C 336 -37.48 -13.17 20.06
CA GLU C 336 -37.82 -11.77 20.17
C GLU C 336 -37.03 -10.89 19.20
N GLY C 337 -35.77 -11.23 18.98
CA GLY C 337 -34.89 -10.41 18.18
C GLY C 337 -35.29 -10.48 16.73
N LEU C 338 -35.57 -11.68 16.25
CA LEU C 338 -36.11 -11.85 14.90
C LEU C 338 -37.39 -11.04 14.76
N ARG C 339 -38.22 -11.09 15.78
CA ARG C 339 -39.50 -10.39 15.70
C ARG C 339 -39.31 -8.88 15.56
N LEU C 340 -38.29 -8.34 16.23
CA LEU C 340 -38.03 -6.90 16.19
C LEU C 340 -37.38 -6.49 14.88
N SER C 341 -36.89 -7.50 14.16
CA SER C 341 -36.11 -7.26 12.93
C SER C 341 -36.92 -7.29 11.63
N MET C 342 -37.76 -8.32 11.48
CA MET C 342 -38.44 -8.59 10.21
C MET C 342 -39.10 -7.36 9.58
N PRO C 343 -39.79 -6.54 10.38
CA PRO C 343 -40.38 -5.30 9.87
C PRO C 343 -39.37 -4.41 9.13
N TRP C 344 -38.17 -4.28 9.68
CA TRP C 344 -37.15 -3.46 9.04
C TRP C 344 -36.81 -3.95 7.63
N TYR C 345 -36.85 -5.27 7.44
CA TYR C 345 -36.48 -5.89 6.16
C TYR C 345 -37.60 -5.78 5.13
N VAL C 346 -38.84 -5.75 5.62
CA VAL C 346 -39.96 -5.48 4.74
C VAL C 346 -39.82 -4.08 4.16
N ARG C 347 -39.82 -3.06 5.00
CA ARG C 347 -39.60 -1.71 4.52
C ARG C 347 -38.45 -1.70 3.52
N PHE C 348 -37.33 -2.26 3.95
CA PHE C 348 -36.09 -2.14 3.20
C PHE C 348 -36.12 -2.91 1.87
N LEU C 349 -37.00 -3.90 1.78
CA LEU C 349 -37.01 -4.78 0.61
C LEU C 349 -38.13 -4.52 -0.41
N LYS C 350 -39.08 -3.65 -0.06
CA LYS C 350 -40.16 -3.29 -0.98
C LYS C 350 -39.62 -2.84 -2.35
N TYR D 10 -4.52 8.71 -14.71
CA TYR D 10 -5.59 8.31 -13.78
C TYR D 10 -6.97 8.20 -14.42
N MET D 11 -7.64 7.08 -14.14
CA MET D 11 -9.05 6.90 -14.49
C MET D 11 -9.93 6.93 -13.21
N SER D 12 -10.41 8.12 -12.84
CA SER D 12 -10.88 8.41 -11.48
C SER D 12 -12.21 7.79 -11.13
N ARG D 13 -13.25 8.06 -11.92
CA ARG D 13 -14.53 7.42 -11.65
C ARG D 13 -14.35 5.91 -11.74
N TYR D 14 -13.60 5.50 -12.75
CA TYR D 14 -13.27 4.11 -13.00
C TYR D 14 -12.56 3.46 -11.81
N GLU D 15 -11.51 4.11 -11.30
CA GLU D 15 -10.90 3.69 -10.04
C GLU D 15 -11.95 3.58 -8.92
N GLU D 16 -12.70 4.65 -8.69
CA GLU D 16 -13.76 4.64 -7.72
C GLU D 16 -14.69 3.40 -7.87
N ILE D 17 -15.15 3.14 -9.10
CA ILE D 17 -16.04 1.99 -9.35
C ILE D 17 -15.34 0.65 -9.01
N THR D 18 -14.09 0.50 -9.40
CA THR D 18 -13.40 -0.77 -9.15
C THR D 18 -13.18 -1.05 -7.67
N GLN D 19 -12.94 -0.01 -6.88
CA GLN D 19 -12.86 -0.18 -5.43
C GLN D 19 -14.17 -0.74 -4.91
N GLN D 20 -15.27 -0.02 -5.17
CA GLN D 20 -16.58 -0.49 -4.73
C GLN D 20 -16.73 -1.98 -4.98
N LEU D 21 -16.30 -2.45 -6.15
CA LEU D 21 -16.54 -3.83 -6.55
C LEU D 21 -15.70 -4.80 -5.75
N ILE D 22 -14.45 -4.45 -5.56
CA ILE D 22 -13.54 -5.28 -4.81
C ILE D 22 -14.07 -5.55 -3.39
N PHE D 23 -15.02 -4.73 -2.95
CA PHE D 23 -15.61 -4.87 -1.62
C PHE D 23 -16.97 -5.57 -1.60
N SER D 24 -17.87 -5.11 -2.45
CA SER D 24 -19.17 -5.71 -2.58
C SER D 24 -19.18 -6.46 -3.91
N PRO D 25 -18.43 -7.58 -4.01
CA PRO D 25 -18.35 -8.36 -5.24
C PRO D 25 -19.72 -8.85 -5.74
N LYS D 26 -19.87 -8.85 -7.06
CA LYS D 26 -21.12 -9.19 -7.71
C LYS D 26 -20.92 -10.37 -8.64
N THR D 27 -22.02 -10.93 -9.10
CA THR D 27 -22.00 -12.01 -10.08
C THR D 27 -22.21 -11.44 -11.50
N TRP D 28 -21.27 -11.75 -12.40
CA TRP D 28 -21.30 -11.22 -13.74
C TRP D 28 -21.53 -12.32 -14.74
N LEU D 29 -22.19 -11.99 -15.84
CA LEU D 29 -22.26 -12.93 -16.95
C LEU D 29 -21.59 -12.35 -18.19
N ILE D 30 -20.55 -13.01 -18.65
CA ILE D 30 -19.90 -12.63 -19.91
C ILE D 30 -20.18 -13.65 -21.01
N THR D 31 -20.95 -13.25 -22.03
CA THR D 31 -21.06 -14.06 -23.23
C THR D 31 -19.91 -13.70 -24.16
N GLY D 32 -19.49 -14.64 -25.02
CA GLY D 32 -18.33 -14.43 -25.88
C GLY D 32 -17.05 -14.29 -25.07
N VAL D 33 -17.02 -15.00 -23.94
CA VAL D 33 -16.00 -14.88 -22.90
C VAL D 33 -14.67 -15.47 -23.32
N ALA D 34 -14.69 -16.38 -24.29
CA ALA D 34 -13.46 -16.98 -24.82
C ALA D 34 -12.96 -16.19 -26.02
N GLY D 35 -13.76 -15.22 -26.45
CA GLY D 35 -13.33 -14.37 -27.55
C GLY D 35 -12.29 -13.39 -27.07
N PHE D 36 -11.87 -12.50 -27.96
CA PHE D 36 -10.91 -11.45 -27.62
C PHE D 36 -11.44 -10.50 -26.53
N ILE D 37 -12.56 -9.83 -26.79
CA ILE D 37 -13.02 -8.81 -25.82
C ILE D 37 -13.55 -9.47 -24.54
N GLY D 38 -14.20 -10.61 -24.70
CA GLY D 38 -14.74 -11.30 -23.56
C GLY D 38 -13.66 -11.81 -22.64
N SER D 39 -12.58 -12.35 -23.22
CA SER D 39 -11.50 -12.88 -22.38
C SER D 39 -10.76 -11.77 -21.63
N ASN D 40 -10.54 -10.65 -22.30
CA ASN D 40 -10.07 -9.43 -21.63
C ASN D 40 -10.92 -8.98 -20.45
N LEU D 41 -12.24 -8.95 -20.61
CA LEU D 41 -13.15 -8.66 -19.50
C LEU D 41 -13.02 -9.70 -18.38
N LEU D 42 -12.79 -10.96 -18.75
CA LEU D 42 -12.67 -12.01 -17.75
C LEU D 42 -11.47 -11.70 -16.87
N GLU D 43 -10.35 -11.41 -17.52
CA GLU D 43 -9.10 -11.15 -16.82
C GLU D 43 -9.35 -10.07 -15.76
N LYS D 44 -9.91 -8.95 -16.21
CA LYS D 44 -10.16 -7.82 -15.33
C LYS D 44 -11.10 -8.16 -14.16
N LEU D 45 -12.23 -8.76 -14.46
CA LEU D 45 -13.21 -9.07 -13.42
C LEU D 45 -12.70 -10.05 -12.33
N LEU D 46 -11.91 -11.04 -12.73
CA LEU D 46 -11.39 -12.01 -11.79
C LEU D 46 -10.34 -11.37 -10.87
N LYS D 47 -9.55 -10.46 -11.45
CA LYS D 47 -8.58 -9.69 -10.66
C LYS D 47 -9.26 -8.78 -9.64
N LEU D 48 -10.53 -8.49 -9.84
CA LEU D 48 -11.29 -7.70 -8.88
C LEU D 48 -12.11 -8.63 -8.02
N ASN D 49 -11.70 -9.91 -7.99
CA ASN D 49 -12.36 -10.95 -7.18
C ASN D 49 -13.86 -11.08 -7.41
N GLN D 50 -14.32 -10.84 -8.63
CA GLN D 50 -15.74 -10.97 -8.92
C GLN D 50 -16.12 -12.43 -9.18
N VAL D 51 -17.39 -12.74 -9.06
CA VAL D 51 -17.85 -14.06 -9.47
C VAL D 51 -18.29 -13.98 -10.92
N VAL D 52 -17.72 -14.83 -11.76
CA VAL D 52 -18.03 -14.73 -13.16
C VAL D 52 -18.60 -16.02 -13.72
N ILE D 53 -19.72 -15.90 -14.41
CA ILE D 53 -20.29 -17.01 -15.17
C ILE D 53 -20.08 -16.74 -16.64
N GLY D 54 -19.49 -17.68 -17.35
CA GLY D 54 -19.06 -17.45 -18.72
C GLY D 54 -19.74 -18.35 -19.75
N LEU D 55 -19.99 -17.78 -20.92
CA LEU D 55 -20.69 -18.49 -21.96
C LEU D 55 -19.98 -18.24 -23.26
N ASP D 56 -19.66 -19.32 -23.97
CA ASP D 56 -19.11 -19.21 -25.31
C ASP D 56 -19.35 -20.58 -25.96
N ASN D 57 -19.33 -20.62 -27.29
CA ASN D 57 -19.53 -21.89 -28.01
C ASN D 57 -18.34 -22.29 -28.89
N PHE D 58 -17.20 -21.71 -28.60
CA PHE D 58 -15.98 -21.83 -29.42
C PHE D 58 -16.19 -21.73 -30.94
N SER D 59 -17.15 -20.92 -31.34
CA SER D 59 -17.26 -20.50 -32.73
C SER D 59 -15.99 -19.77 -33.16
N THR D 60 -15.79 -18.55 -32.64
CA THR D 60 -14.58 -17.80 -32.94
C THR D 60 -13.73 -17.66 -31.70
N GLY D 61 -14.24 -18.16 -30.58
CA GLY D 61 -13.49 -18.15 -29.34
C GLY D 61 -12.52 -19.33 -29.20
N HIS D 62 -11.66 -19.28 -28.21
CA HIS D 62 -10.64 -20.30 -28.05
C HIS D 62 -10.48 -20.76 -26.62
N GLN D 63 -10.37 -22.07 -26.45
CA GLN D 63 -10.08 -22.61 -25.13
C GLN D 63 -8.74 -22.05 -24.63
N TYR D 64 -7.80 -21.85 -25.55
CA TYR D 64 -6.50 -21.34 -25.14
C TYR D 64 -6.56 -19.92 -24.56
N ASN D 65 -7.53 -19.13 -24.99
CA ASN D 65 -7.77 -17.81 -24.41
C ASN D 65 -8.19 -17.90 -22.96
N LEU D 66 -9.01 -18.89 -22.63
CA LEU D 66 -9.38 -19.12 -21.24
C LEU D 66 -8.15 -19.60 -20.45
N ASP D 67 -7.39 -20.52 -21.03
CA ASP D 67 -6.15 -21.02 -20.40
C ASP D 67 -5.21 -19.91 -20.03
N GLU D 68 -4.89 -19.06 -21.00
CA GLU D 68 -3.99 -17.94 -20.75
C GLU D 68 -4.49 -17.10 -19.58
N VAL D 69 -5.79 -16.88 -19.49
CA VAL D 69 -6.34 -16.08 -18.42
C VAL D 69 -6.07 -16.76 -17.07
N LYS D 70 -6.11 -18.09 -17.06
CA LYS D 70 -5.89 -18.82 -15.81
C LYS D 70 -4.49 -18.64 -15.27
N THR D 71 -3.53 -18.38 -16.16
CA THR D 71 -2.14 -18.15 -15.75
C THR D 71 -1.88 -16.71 -15.31
N LEU D 72 -2.86 -15.84 -15.49
CA LEU D 72 -2.69 -14.43 -15.13
C LEU D 72 -3.36 -14.08 -13.79
N VAL D 73 -3.99 -15.06 -13.15
CA VAL D 73 -4.79 -14.75 -11.97
C VAL D 73 -4.62 -15.79 -10.87
N SER D 74 -4.84 -15.30 -9.64
CA SER D 74 -4.87 -16.15 -8.44
C SER D 74 -5.71 -17.40 -8.69
N THR D 75 -5.44 -18.48 -7.96
CA THR D 75 -6.23 -19.69 -8.13
C THR D 75 -7.48 -19.65 -7.26
N GLU D 76 -7.53 -18.73 -6.29
CA GLU D 76 -8.76 -18.46 -5.55
C GLU D 76 -9.63 -17.57 -6.41
N GLN D 77 -8.98 -16.73 -7.21
CA GLN D 77 -9.66 -15.85 -8.14
C GLN D 77 -10.33 -16.66 -9.26
N TRP D 78 -9.65 -17.71 -9.69
CA TRP D 78 -10.10 -18.54 -10.80
C TRP D 78 -11.23 -19.44 -10.35
N SER D 79 -11.20 -19.82 -9.08
CA SER D 79 -12.21 -20.73 -8.55
C SER D 79 -13.61 -20.14 -8.69
N ARG D 80 -13.67 -18.82 -8.88
CA ARG D 80 -14.95 -18.13 -8.92
C ARG D 80 -15.52 -18.04 -10.35
N PHE D 81 -14.79 -18.60 -11.31
CA PHE D 81 -15.26 -18.64 -12.68
C PHE D 81 -16.00 -19.94 -12.93
N CYS D 82 -17.27 -19.84 -13.30
CA CYS D 82 -17.99 -20.99 -13.81
C CYS D 82 -18.14 -20.87 -15.32
N PHE D 83 -17.28 -21.55 -16.07
CA PHE D 83 -17.39 -21.56 -17.54
C PHE D 83 -18.43 -22.54 -18.05
N ILE D 84 -19.12 -22.16 -19.12
CA ILE D 84 -20.17 -23.00 -19.70
C ILE D 84 -20.04 -23.06 -21.21
N GLU D 85 -19.92 -24.26 -21.76
CA GLU D 85 -19.89 -24.42 -23.21
C GLU D 85 -21.33 -24.51 -23.73
N GLY D 86 -21.74 -23.46 -24.43
CA GLY D 86 -23.12 -23.34 -24.86
C GLY D 86 -23.38 -22.24 -25.90
N ASP D 87 -24.64 -22.16 -26.32
CA ASP D 87 -25.02 -21.29 -27.41
C ASP D 87 -26.11 -20.31 -27.01
N ILE D 88 -25.88 -19.03 -27.25
CA ILE D 88 -26.90 -18.01 -26.98
C ILE D 88 -28.09 -18.19 -27.91
N ARG D 89 -27.90 -19.00 -28.96
CA ARG D 89 -28.98 -19.34 -29.87
C ARG D 89 -30.03 -20.23 -29.23
N ASP D 90 -29.68 -20.88 -28.12
CA ASP D 90 -30.62 -21.76 -27.45
C ASP D 90 -31.11 -21.10 -26.18
N LEU D 91 -32.38 -20.69 -26.20
CA LEU D 91 -32.95 -19.88 -25.14
C LEU D 91 -32.82 -20.51 -23.77
N THR D 92 -32.94 -21.84 -23.71
CA THR D 92 -32.86 -22.54 -22.43
C THR D 92 -31.49 -22.29 -21.77
N THR D 93 -30.41 -22.44 -22.54
CA THR D 93 -29.08 -22.12 -22.06
C THR D 93 -29.09 -20.72 -21.47
N CYS D 94 -29.50 -19.75 -22.27
CA CYS D 94 -29.57 -18.38 -21.79
C CYS D 94 -30.21 -18.23 -20.41
N GLU D 95 -31.18 -19.05 -20.07
CA GLU D 95 -31.84 -18.89 -18.79
C GLU D 95 -31.07 -19.54 -17.63
N GLN D 96 -30.48 -20.71 -17.89
CA GLN D 96 -29.78 -21.42 -16.81
C GLN D 96 -28.64 -20.53 -16.34
N VAL D 97 -28.06 -19.84 -17.31
CA VAL D 97 -26.88 -19.01 -17.10
C VAL D 97 -27.18 -17.65 -16.44
N MET D 98 -28.45 -17.24 -16.47
CA MET D 98 -28.86 -16.00 -15.82
C MET D 98 -29.02 -16.14 -14.32
N LYS D 99 -29.30 -17.37 -13.89
CA LYS D 99 -29.55 -17.64 -12.47
C LYS D 99 -28.56 -16.85 -11.64
N GLY D 100 -29.11 -15.90 -10.86
CA GLY D 100 -28.34 -15.19 -9.84
C GLY D 100 -27.37 -14.14 -10.35
N VAL D 101 -27.43 -13.84 -11.64
CA VAL D 101 -26.51 -12.86 -12.21
C VAL D 101 -26.90 -11.45 -11.81
N ASP D 102 -25.91 -10.59 -11.60
CA ASP D 102 -26.18 -9.19 -11.32
C ASP D 102 -25.98 -8.33 -12.57
N HIS D 103 -24.78 -8.40 -13.14
CA HIS D 103 -24.45 -7.60 -14.30
C HIS D 103 -24.23 -8.48 -15.52
N VAL D 104 -24.82 -8.08 -16.64
CA VAL D 104 -24.62 -8.80 -17.89
C VAL D 104 -23.70 -8.03 -18.83
N LEU D 105 -22.69 -8.71 -19.35
CA LEU D 105 -21.84 -8.15 -20.37
C LEU D 105 -21.90 -9.05 -21.60
N HIS D 106 -22.79 -8.67 -22.51
CA HIS D 106 -23.03 -9.44 -23.71
C HIS D 106 -22.03 -9.11 -24.82
N GLN D 107 -21.11 -10.04 -25.13
CA GLN D 107 -20.15 -9.82 -26.22
C GLN D 107 -20.23 -10.90 -27.30
N ALA D 108 -21.04 -11.93 -27.06
CA ALA D 108 -21.16 -13.03 -28.01
C ALA D 108 -21.88 -12.65 -29.32
N ALA D 109 -21.13 -12.72 -30.42
CA ALA D 109 -21.64 -12.46 -31.76
C ALA D 109 -20.63 -12.90 -32.81
N LEU D 110 -21.10 -13.17 -34.02
CA LEU D 110 -20.20 -13.32 -35.15
C LEU D 110 -19.92 -11.95 -35.81
N GLY D 111 -18.70 -11.46 -35.67
CA GLY D 111 -18.32 -10.16 -36.21
C GLY D 111 -17.99 -10.23 -37.68
N SER D 112 -17.50 -9.11 -38.23
CA SER D 112 -17.02 -9.08 -39.62
C SER D 112 -18.08 -8.81 -40.70
N VAL D 113 -17.84 -7.78 -41.49
CA VAL D 113 -18.74 -7.46 -42.60
C VAL D 113 -18.72 -8.46 -43.75
N PRO D 114 -17.53 -8.89 -44.19
CA PRO D 114 -17.54 -9.87 -45.30
C PRO D 114 -18.29 -11.14 -44.92
N ARG D 115 -18.15 -11.61 -43.68
CA ARG D 115 -18.77 -12.88 -43.26
C ARG D 115 -20.31 -12.83 -43.35
N SER D 116 -20.92 -11.70 -42.96
CA SER D 116 -22.36 -11.55 -43.05
C SER D 116 -22.78 -11.52 -44.51
N ILE D 117 -21.97 -10.88 -45.35
CA ILE D 117 -22.28 -10.75 -46.78
C ILE D 117 -22.39 -12.11 -47.48
N VAL D 118 -21.67 -13.10 -46.98
CA VAL D 118 -21.69 -14.41 -47.62
C VAL D 118 -22.64 -15.40 -46.96
N ASP D 119 -22.67 -15.40 -45.64
CA ASP D 119 -23.65 -16.19 -44.92
C ASP D 119 -24.37 -15.30 -43.90
N PRO D 120 -25.42 -14.60 -44.36
CA PRO D 120 -26.28 -13.74 -43.55
C PRO D 120 -27.15 -14.53 -42.61
N ILE D 121 -27.53 -15.73 -43.02
CA ILE D 121 -28.43 -16.54 -42.22
C ILE D 121 -27.84 -16.87 -40.84
N THR D 122 -26.56 -17.21 -40.85
CA THR D 122 -25.91 -17.65 -39.62
C THR D 122 -25.62 -16.45 -38.73
N THR D 123 -25.11 -15.39 -39.35
CA THR D 123 -24.91 -14.08 -38.72
C THR D 123 -26.22 -13.56 -38.14
N ASN D 124 -27.31 -13.70 -38.89
CA ASN D 124 -28.59 -13.30 -38.33
C ASN D 124 -28.91 -14.08 -37.06
N ALA D 125 -28.69 -15.40 -37.11
CA ALA D 125 -29.17 -16.27 -36.06
C ALA D 125 -28.46 -15.97 -34.76
N THR D 126 -27.17 -15.69 -34.87
CA THR D 126 -26.36 -15.48 -33.69
C THR D 126 -26.53 -14.06 -33.16
N ASN D 127 -26.54 -13.08 -34.06
CA ASN D 127 -26.51 -11.65 -33.69
C ASN D 127 -27.87 -11.06 -33.32
N ILE D 128 -28.92 -11.56 -33.93
CA ILE D 128 -30.24 -11.09 -33.57
C ILE D 128 -30.95 -12.10 -32.66
N THR D 129 -31.12 -13.34 -33.13
CA THR D 129 -31.83 -14.34 -32.36
C THR D 129 -31.11 -14.59 -31.05
N GLY D 130 -29.79 -14.73 -31.15
CA GLY D 130 -28.92 -14.90 -30.01
C GLY D 130 -29.03 -13.73 -29.05
N PHE D 131 -28.96 -12.51 -29.59
CA PHE D 131 -29.06 -11.29 -28.79
C PHE D 131 -30.40 -11.17 -28.07
N LEU D 132 -31.49 -11.34 -28.82
CA LEU D 132 -32.83 -11.28 -28.22
C LEU D 132 -33.01 -12.27 -27.07
N ASN D 133 -32.52 -13.50 -27.24
CA ASN D 133 -32.58 -14.51 -26.19
C ASN D 133 -31.94 -13.98 -24.90
N ILE D 134 -30.68 -13.58 -24.99
CA ILE D 134 -29.94 -13.12 -23.83
C ILE D 134 -30.72 -11.97 -23.20
N LEU D 135 -31.07 -10.97 -24.01
CA LEU D 135 -31.82 -9.81 -23.51
C LEU D 135 -33.12 -10.20 -22.78
N HIS D 136 -33.87 -11.14 -23.35
CA HIS D 136 -35.11 -11.58 -22.75
C HIS D 136 -34.81 -12.31 -21.43
N ALA D 137 -33.90 -13.26 -21.48
CA ALA D 137 -33.51 -14.00 -20.31
C ALA D 137 -33.15 -13.07 -19.16
N ALA D 138 -32.34 -12.05 -19.47
CA ALA D 138 -31.90 -11.08 -18.45
C ALA D 138 -33.04 -10.26 -17.91
N LYS D 139 -33.96 -9.86 -18.80
CA LYS D 139 -35.15 -9.16 -18.32
C LYS D 139 -35.88 -9.98 -17.27
N ASN D 140 -36.17 -11.25 -17.59
CA ASN D 140 -36.91 -12.09 -16.66
C ASN D 140 -36.15 -12.40 -15.38
N ALA D 141 -34.84 -12.61 -15.49
CA ALA D 141 -34.01 -12.86 -14.33
C ALA D 141 -33.96 -11.62 -13.44
N GLN D 142 -34.38 -10.50 -14.01
CA GLN D 142 -34.34 -9.20 -13.33
C GLN D 142 -32.94 -8.80 -12.83
N VAL D 143 -31.97 -8.79 -13.75
CA VAL D 143 -30.61 -8.34 -13.44
C VAL D 143 -30.56 -6.85 -13.11
N GLN D 144 -29.40 -6.39 -12.67
CA GLN D 144 -29.26 -5.00 -12.24
C GLN D 144 -28.79 -4.09 -13.38
N SER D 145 -28.10 -4.67 -14.35
CA SER D 145 -27.59 -3.95 -15.51
C SER D 145 -27.44 -4.87 -16.72
N PHE D 146 -27.36 -4.26 -17.89
CA PHE D 146 -27.23 -5.02 -19.12
C PHE D 146 -26.48 -4.16 -20.11
N THR D 147 -25.31 -4.61 -20.51
CA THR D 147 -24.44 -3.84 -21.38
C THR D 147 -24.09 -4.74 -22.57
N TYR D 148 -24.28 -4.26 -23.79
CA TYR D 148 -24.05 -5.12 -24.95
C TYR D 148 -23.12 -4.46 -25.96
N ALA D 149 -22.38 -5.29 -26.69
CA ALA D 149 -21.52 -4.84 -27.76
C ALA D 149 -22.28 -4.45 -29.04
N ALA D 150 -22.23 -3.16 -29.38
CA ALA D 150 -22.78 -2.64 -30.62
C ALA D 150 -21.63 -2.28 -31.55
N SER D 151 -21.91 -1.66 -32.69
CA SER D 151 -20.86 -1.50 -33.67
C SER D 151 -20.82 -0.11 -34.26
N SER D 152 -19.64 0.44 -34.46
CA SER D 152 -19.55 1.72 -35.12
C SER D 152 -20.16 1.64 -36.50
N SER D 153 -20.45 0.42 -36.96
CA SER D 153 -20.93 0.21 -38.33
C SER D 153 -22.34 0.73 -38.52
N THR D 154 -23.04 0.93 -37.42
CA THR D 154 -24.40 1.42 -37.47
C THR D 154 -24.52 2.85 -38.05
N TYR D 155 -23.40 3.57 -38.15
CA TYR D 155 -23.39 4.88 -38.80
C TYR D 155 -23.67 4.73 -40.29
N GLY D 156 -23.21 3.63 -40.87
CA GLY D 156 -23.47 3.34 -42.27
C GLY D 156 -23.00 4.46 -43.18
N ASP D 157 -23.93 5.02 -43.95
CA ASP D 157 -23.58 6.01 -44.96
C ASP D 157 -23.69 7.49 -44.51
N HIS D 158 -23.85 7.73 -43.22
CA HIS D 158 -23.80 9.10 -42.73
C HIS D 158 -22.42 9.70 -43.00
N PRO D 159 -22.39 10.93 -43.50
CA PRO D 159 -21.12 11.51 -43.94
C PRO D 159 -20.39 12.33 -42.88
N ALA D 160 -21.03 12.57 -41.74
CA ALA D 160 -20.41 13.36 -40.68
C ALA D 160 -19.15 12.73 -40.08
N LEU D 161 -18.14 13.56 -39.80
CA LEU D 161 -16.93 13.19 -39.07
C LEU D 161 -16.58 14.30 -38.09
N PRO D 162 -16.35 13.95 -36.83
CA PRO D 162 -16.50 12.58 -36.31
C PRO D 162 -17.96 12.16 -36.23
N LYS D 163 -18.21 10.91 -35.82
CA LYS D 163 -19.59 10.38 -35.72
C LYS D 163 -20.24 10.62 -34.36
N VAL D 164 -21.51 11.01 -34.37
CA VAL D 164 -22.19 11.39 -33.15
C VAL D 164 -23.43 10.53 -32.99
N GLU D 165 -23.63 9.97 -31.80
CA GLU D 165 -24.62 8.92 -31.59
C GLU D 165 -26.02 9.13 -32.20
N GLU D 166 -26.56 10.34 -32.10
CA GLU D 166 -27.92 10.63 -32.58
C GLU D 166 -28.04 10.56 -34.10
N ASN D 167 -26.92 10.70 -34.81
CA ASN D 167 -26.97 10.77 -36.27
C ASN D 167 -26.37 9.57 -36.98
N ILE D 168 -27.21 8.61 -37.34
CA ILE D 168 -26.76 7.48 -38.11
C ILE D 168 -27.43 7.54 -39.47
N GLY D 169 -26.93 6.77 -40.42
CA GLY D 169 -27.56 6.71 -41.72
C GLY D 169 -28.02 5.31 -42.03
N ASN D 170 -27.90 4.92 -43.29
CA ASN D 170 -28.34 3.62 -43.74
C ASN D 170 -27.22 2.59 -43.61
N PRO D 171 -27.58 1.37 -43.14
CA PRO D 171 -26.66 0.24 -42.96
C PRO D 171 -26.29 -0.39 -44.31
N LEU D 172 -25.04 -0.78 -44.46
CA LEU D 172 -24.50 -1.15 -45.76
C LEU D 172 -24.10 -2.62 -45.87
N SER D 173 -24.69 -3.46 -45.02
CA SER D 173 -24.37 -4.88 -44.96
C SER D 173 -25.22 -5.55 -43.88
N PRO D 174 -25.44 -6.84 -44.04
CA PRO D 174 -26.14 -7.67 -43.05
C PRO D 174 -25.54 -7.51 -41.65
N TYR D 175 -24.23 -7.51 -41.55
CA TYR D 175 -23.63 -7.31 -40.25
C TYR D 175 -24.20 -6.02 -39.61
N ALA D 176 -24.09 -4.89 -40.30
CA ALA D 176 -24.50 -3.61 -39.71
C ALA D 176 -25.96 -3.68 -39.22
N VAL D 177 -26.81 -4.30 -40.02
CA VAL D 177 -28.22 -4.50 -39.67
C VAL D 177 -28.39 -5.22 -38.34
N THR D 178 -27.77 -6.40 -38.17
CA THR D 178 -27.90 -7.10 -36.90
C THR D 178 -27.58 -6.24 -35.69
N LYS D 179 -26.54 -5.42 -35.80
CA LYS D 179 -26.09 -4.62 -34.70
C LYS D 179 -27.06 -3.48 -34.47
N TYR D 180 -27.47 -2.83 -35.55
CA TYR D 180 -28.51 -1.81 -35.45
C TYR D 180 -29.75 -2.41 -34.75
N VAL D 181 -30.09 -3.64 -35.09
CA VAL D 181 -31.30 -4.28 -34.55
C VAL D 181 -31.16 -4.59 -33.07
N ASN D 182 -29.93 -4.86 -32.62
CA ASN D 182 -29.66 -4.96 -31.19
C ASN D 182 -30.12 -3.69 -30.43
N GLU D 183 -29.77 -2.53 -30.97
CA GLU D 183 -30.08 -1.26 -30.32
C GLU D 183 -31.58 -1.05 -30.28
N ILE D 184 -32.20 -1.27 -31.42
CA ILE D 184 -33.63 -1.05 -31.53
C ILE D 184 -34.39 -1.93 -30.55
N TYR D 185 -34.02 -3.20 -30.49
CA TYR D 185 -34.60 -4.08 -29.50
C TYR D 185 -34.36 -3.55 -28.08
N ALA D 186 -33.11 -3.28 -27.73
CA ALA D 186 -32.79 -2.67 -26.44
C ALA D 186 -33.73 -1.50 -26.08
N GLN D 187 -34.01 -0.63 -27.04
CA GLN D 187 -34.88 0.51 -26.77
C GLN D 187 -36.30 0.08 -26.48
N VAL D 188 -36.85 -0.74 -27.35
CA VAL D 188 -38.21 -1.23 -27.18
C VAL D 188 -38.38 -1.93 -25.82
N TYR D 189 -37.35 -2.64 -25.39
CA TYR D 189 -37.37 -3.26 -24.08
C TYR D 189 -37.49 -2.26 -22.93
N ALA D 190 -36.83 -1.11 -23.08
CA ALA D 190 -37.05 0.00 -22.16
C ALA D 190 -38.52 0.48 -22.17
N ARG D 191 -39.07 0.70 -23.36
CA ARG D 191 -40.43 1.24 -23.50
C ARG D 191 -41.43 0.30 -22.87
N THR D 192 -41.34 -0.96 -23.28
CA THR D 192 -42.38 -1.94 -22.97
C THR D 192 -42.24 -2.74 -21.65
N TYR D 193 -41.03 -2.92 -21.13
CA TYR D 193 -40.87 -3.61 -19.84
C TYR D 193 -40.17 -2.75 -18.79
N GLY D 194 -39.71 -1.57 -19.21
CA GLY D 194 -38.94 -0.67 -18.37
C GLY D 194 -37.57 -1.21 -18.00
N PHE D 195 -36.94 -1.91 -18.92
CA PHE D 195 -35.71 -2.61 -18.63
C PHE D 195 -34.60 -1.87 -19.35
N LYS D 196 -33.77 -1.16 -18.57
CA LYS D 196 -32.79 -0.19 -19.13
C LYS D 196 -31.39 -0.74 -19.41
N THR D 197 -30.98 -0.64 -20.66
CA THR D 197 -29.68 -1.12 -21.11
C THR D 197 -28.71 0.00 -21.50
N ILE D 198 -27.47 -0.39 -21.78
CA ILE D 198 -26.45 0.50 -22.32
C ILE D 198 -25.76 -0.25 -23.44
N GLY D 199 -25.85 0.32 -24.64
CA GLY D 199 -25.20 -0.24 -25.81
C GLY D 199 -23.92 0.51 -26.14
N LEU D 200 -22.86 -0.24 -26.39
CA LEU D 200 -21.57 0.36 -26.68
C LEU D 200 -21.19 0.16 -28.16
N ARG D 201 -21.15 1.26 -28.91
CA ARG D 201 -20.65 1.19 -30.29
C ARG D 201 -19.12 1.20 -30.29
N TYR D 202 -18.52 0.01 -30.28
CA TYR D 202 -17.10 -0.16 -30.46
C TYR D 202 -16.63 0.33 -31.84
N PHE D 203 -15.40 0.83 -31.86
CA PHE D 203 -14.76 1.33 -33.07
C PHE D 203 -13.41 0.65 -33.22
N ASN D 204 -13.34 -0.49 -33.87
CA ASN D 204 -12.02 -1.06 -34.19
C ASN D 204 -11.12 -1.25 -32.98
N VAL D 205 -11.55 -2.13 -32.08
CA VAL D 205 -10.80 -2.49 -30.87
C VAL D 205 -9.57 -3.35 -31.22
N PHE D 206 -8.46 -3.11 -30.54
CA PHE D 206 -7.28 -3.96 -30.71
C PHE D 206 -6.61 -4.19 -29.36
N GLY D 207 -5.71 -5.17 -29.31
CA GLY D 207 -5.03 -5.54 -28.08
C GLY D 207 -4.79 -7.04 -27.93
N ARG D 208 -4.40 -7.46 -26.73
CA ARG D 208 -4.01 -8.85 -26.53
C ARG D 208 -5.16 -9.82 -26.80
N ARG D 209 -4.84 -10.95 -27.44
CA ARG D 209 -5.74 -12.08 -27.73
C ARG D 209 -6.78 -11.83 -28.84
N GLN D 210 -6.42 -10.96 -29.78
CA GLN D 210 -7.22 -10.76 -30.96
C GLN D 210 -6.69 -11.65 -32.07
N ASP D 211 -7.52 -12.60 -32.48
CA ASP D 211 -7.10 -13.61 -33.42
C ASP D 211 -6.52 -13.03 -34.71
N PRO D 212 -5.21 -13.25 -34.94
CA PRO D 212 -4.50 -12.79 -36.13
C PRO D 212 -4.61 -13.81 -37.26
N ASN D 213 -5.10 -15.01 -36.92
CA ASN D 213 -5.34 -16.05 -37.91
C ASN D 213 -6.79 -16.00 -38.38
N GLY D 214 -7.01 -16.36 -39.65
CA GLY D 214 -8.36 -16.46 -40.17
C GLY D 214 -8.55 -15.63 -41.40
N ALA D 215 -9.55 -15.99 -42.18
CA ALA D 215 -9.88 -15.16 -43.33
C ALA D 215 -10.36 -13.79 -42.84
N TYR D 216 -11.02 -13.78 -41.68
CA TYR D 216 -11.60 -12.54 -41.14
C TYR D 216 -10.74 -11.85 -40.09
N ALA D 217 -9.46 -12.18 -40.03
CA ALA D 217 -8.60 -11.56 -39.04
C ALA D 217 -8.67 -10.03 -39.16
N ALA D 218 -8.70 -9.35 -38.01
CA ALA D 218 -8.73 -7.89 -38.02
C ALA D 218 -7.34 -7.37 -38.38
N VAL D 219 -7.27 -6.11 -38.78
CA VAL D 219 -6.07 -5.60 -39.45
C VAL D 219 -4.81 -5.58 -38.60
N ILE D 220 -4.87 -4.97 -37.42
CA ILE D 220 -3.68 -4.83 -36.57
C ILE D 220 -3.03 -6.16 -36.22
N PRO D 221 -3.84 -7.19 -35.89
CA PRO D 221 -3.21 -8.50 -35.67
C PRO D 221 -2.85 -9.25 -36.97
N LYS D 222 -3.55 -8.97 -38.07
CA LYS D 222 -3.23 -9.55 -39.39
C LYS D 222 -1.87 -9.03 -39.90
N TRP D 223 -1.65 -7.72 -39.82
CA TRP D 223 -0.38 -7.14 -40.24
C TRP D 223 0.75 -7.54 -39.33
N THR D 224 0.49 -7.55 -38.03
CA THR D 224 1.53 -7.84 -37.05
C THR D 224 2.07 -9.26 -37.22
N ALA D 225 1.18 -10.19 -37.51
CA ALA D 225 1.60 -11.57 -37.70
C ALA D 225 2.38 -11.72 -38.99
N ALA D 226 2.05 -10.91 -39.99
CA ALA D 226 2.71 -10.96 -41.29
C ALA D 226 4.09 -10.31 -41.24
N MET D 227 4.18 -9.18 -40.54
CA MET D 227 5.48 -8.53 -40.34
C MET D 227 6.48 -9.43 -39.61
N LEU D 228 5.99 -10.46 -38.92
CA LEU D 228 6.89 -11.39 -38.24
C LEU D 228 7.27 -12.56 -39.14
N LYS D 229 6.26 -13.29 -39.64
CA LYS D 229 6.51 -14.38 -40.57
C LYS D 229 7.33 -13.88 -41.76
N GLY D 230 7.35 -12.57 -41.96
CA GLY D 230 8.03 -11.95 -43.09
C GLY D 230 7.18 -11.91 -44.35
N ASP D 231 5.89 -12.21 -44.21
CA ASP D 231 4.99 -12.26 -45.35
C ASP D 231 4.65 -10.86 -45.87
N ASP D 232 3.94 -10.84 -46.99
CA ASP D 232 3.48 -9.58 -47.57
C ASP D 232 2.44 -8.94 -46.67
N VAL D 233 2.34 -7.62 -46.74
CA VAL D 233 1.37 -6.86 -46.00
C VAL D 233 0.43 -6.16 -46.98
N TYR D 234 -0.79 -6.66 -47.11
CA TYR D 234 -1.77 -6.11 -48.06
C TYR D 234 -2.57 -4.91 -47.52
N ILE D 235 -2.65 -3.85 -48.32
CA ILE D 235 -3.45 -2.66 -48.01
C ILE D 235 -4.70 -2.52 -48.89
N ASN D 236 -5.85 -2.97 -48.38
CA ASN D 236 -7.09 -3.05 -49.16
C ASN D 236 -7.58 -1.67 -49.63
N GLY D 237 -7.01 -1.17 -50.72
CA GLY D 237 -7.35 0.13 -51.26
C GLY D 237 -6.14 1.03 -51.42
N ASP D 238 -6.37 2.32 -51.66
CA ASP D 238 -5.28 3.27 -51.91
C ASP D 238 -4.49 3.60 -50.66
N GLY D 239 -4.82 2.91 -49.56
CA GLY D 239 -4.14 3.15 -48.30
C GLY D 239 -4.30 4.57 -47.82
N GLU D 240 -5.54 5.03 -47.73
CA GLU D 240 -5.83 6.35 -47.17
C GLU D 240 -6.97 6.28 -46.16
N THR D 241 -7.76 5.21 -46.27
CA THR D 241 -8.77 4.87 -45.28
C THR D 241 -8.25 5.13 -43.85
N SER D 242 -9.10 5.69 -42.99
CA SER D 242 -8.72 5.98 -41.61
C SER D 242 -9.70 5.40 -40.59
N ARG D 243 -9.21 5.15 -39.37
CA ARG D 243 -10.00 4.51 -38.33
C ARG D 243 -9.66 5.04 -36.94
N ASP D 244 -10.55 4.84 -35.98
CA ASP D 244 -10.28 5.25 -34.59
C ASP D 244 -9.93 4.02 -33.78
N PHE D 245 -8.66 3.62 -33.82
CA PHE D 245 -8.20 2.39 -33.18
C PHE D 245 -8.28 2.51 -31.67
N CYS D 246 -8.89 1.52 -31.03
CA CYS D 246 -9.20 1.62 -29.61
C CYS D 246 -8.61 0.42 -28.86
N TYR D 247 -7.65 0.70 -27.99
CA TYR D 247 -7.01 -0.34 -27.17
C TYR D 247 -8.02 -0.93 -26.18
N ILE D 248 -7.90 -2.23 -25.89
CA ILE D 248 -8.91 -2.93 -25.08
C ILE D 248 -9.18 -2.27 -23.75
N ASP D 249 -8.14 -1.75 -23.12
CA ASP D 249 -8.31 -1.20 -21.77
C ASP D 249 -9.33 -0.07 -21.73
N ASN D 250 -9.54 0.61 -22.85
CA ASN D 250 -10.63 1.57 -22.90
C ASN D 250 -11.99 0.91 -22.95
N VAL D 251 -12.10 -0.11 -23.79
CA VAL D 251 -13.33 -0.90 -23.89
C VAL D 251 -13.64 -1.62 -22.57
N ILE D 252 -12.63 -2.24 -21.94
CA ILE D 252 -12.80 -2.83 -20.61
C ILE D 252 -13.34 -1.76 -19.65
N GLN D 253 -12.69 -0.59 -19.61
CA GLN D 253 -13.17 0.53 -18.79
C GLN D 253 -14.62 0.89 -19.12
N MET D 254 -14.94 1.00 -20.40
CA MET D 254 -16.27 1.44 -20.78
C MET D 254 -17.37 0.45 -20.33
N ASN D 255 -17.04 -0.85 -20.35
CA ASN D 255 -18.01 -1.86 -19.89
C ASN D 255 -18.38 -1.74 -18.42
N ILE D 256 -17.38 -1.55 -17.56
CA ILE D 256 -17.57 -1.39 -16.13
C ILE D 256 -18.32 -0.09 -15.77
N LEU D 257 -17.87 1.05 -16.31
CA LEU D 257 -18.57 2.32 -16.12
C LEU D 257 -20.05 2.13 -16.36
N SER D 258 -20.37 1.42 -17.44
CA SER D 258 -21.75 1.21 -17.85
C SER D 258 -22.51 0.29 -16.91
N ALA D 259 -21.94 -0.85 -16.55
CA ALA D 259 -22.70 -1.80 -15.74
C ALA D 259 -23.11 -1.13 -14.43
N LEU D 260 -22.26 -0.26 -13.91
CA LEU D 260 -22.57 0.40 -12.65
C LEU D 260 -23.05 1.85 -12.80
N ALA D 261 -23.44 2.20 -14.01
CA ALA D 261 -23.84 3.56 -14.33
C ALA D 261 -25.14 3.88 -13.60
N LYS D 262 -25.40 5.17 -13.39
CA LYS D 262 -26.62 5.60 -12.72
C LYS D 262 -27.81 5.43 -13.69
N ASP D 263 -28.98 5.16 -13.13
CA ASP D 263 -30.15 4.86 -13.95
C ASP D 263 -30.47 5.88 -15.05
N SER D 264 -30.21 7.15 -14.80
CA SER D 264 -30.48 8.18 -15.80
C SER D 264 -29.53 8.09 -16.99
N ALA D 265 -28.45 7.33 -16.84
CA ALA D 265 -27.47 7.16 -17.92
C ALA D 265 -27.81 5.94 -18.78
N LYS D 266 -28.68 5.08 -18.26
CA LYS D 266 -29.06 3.87 -18.99
C LYS D 266 -30.05 4.18 -20.11
N ASP D 267 -30.56 3.14 -20.77
CA ASP D 267 -31.22 3.30 -22.06
C ASP D 267 -30.50 4.33 -22.97
N ASN D 268 -29.19 4.17 -23.10
CA ASN D 268 -28.40 5.03 -23.96
C ASN D 268 -27.40 4.27 -24.80
N ILE D 269 -27.05 4.85 -25.94
CA ILE D 269 -26.02 4.31 -26.79
C ILE D 269 -24.80 5.23 -26.64
N TYR D 270 -23.61 4.64 -26.54
CA TYR D 270 -22.36 5.40 -26.43
C TYR D 270 -21.26 4.88 -27.37
N ASN D 271 -20.63 5.79 -28.11
CA ASN D 271 -19.41 5.46 -28.83
C ASN D 271 -18.31 5.04 -27.86
N VAL D 272 -17.52 4.04 -28.25
CA VAL D 272 -16.36 3.65 -27.45
C VAL D 272 -15.13 3.69 -28.32
N ALA D 273 -14.31 4.71 -28.10
CA ALA D 273 -13.12 4.92 -28.91
C ALA D 273 -12.30 5.99 -28.23
N VAL D 274 -11.37 6.59 -28.98
CA VAL D 274 -10.44 7.54 -28.38
C VAL D 274 -10.59 8.97 -28.88
N GLY D 275 -11.13 9.10 -30.08
CA GLY D 275 -11.38 10.41 -30.69
C GLY D 275 -10.39 10.78 -31.79
N ASP D 276 -9.41 9.89 -32.00
CA ASP D 276 -8.33 10.12 -32.94
C ASP D 276 -8.60 9.45 -34.26
N ARG D 277 -7.74 9.70 -35.24
CA ARG D 277 -7.90 9.10 -36.55
C ARG D 277 -6.53 8.75 -37.16
N THR D 278 -6.31 7.46 -37.42
CA THR D 278 -5.06 6.97 -37.97
C THR D 278 -5.32 6.35 -39.34
N THR D 279 -4.41 6.52 -40.30
CA THR D 279 -4.60 5.98 -41.66
C THR D 279 -3.94 4.60 -41.85
N LEU D 280 -4.49 3.81 -42.77
CA LEU D 280 -3.91 2.50 -43.09
C LEU D 280 -2.43 2.62 -43.46
N ASN D 281 -2.04 3.76 -44.04
CA ASN D 281 -0.64 4.02 -44.33
C ASN D 281 0.15 4.34 -43.05
N GLU D 282 -0.39 5.23 -42.21
CA GLU D 282 0.28 5.60 -40.97
C GLU D 282 0.38 4.42 -40.00
N LEU D 283 -0.65 3.58 -39.97
CA LEU D 283 -0.67 2.42 -39.09
C LEU D 283 0.50 1.52 -39.41
N SER D 284 0.66 1.20 -40.69
CA SER D 284 1.77 0.37 -41.15
C SER D 284 3.09 0.95 -40.63
N GLY D 285 3.18 2.27 -40.55
CA GLY D 285 4.31 2.93 -39.95
C GLY D 285 4.49 2.53 -38.48
N TYR D 286 3.52 2.88 -37.64
CA TYR D 286 3.59 2.57 -36.21
C TYR D 286 3.81 1.08 -35.88
N ILE D 287 3.16 0.19 -36.63
CA ILE D 287 3.30 -1.26 -36.36
C ILE D 287 4.73 -1.75 -36.60
N TYR D 288 5.40 -1.16 -37.60
CA TYR D 288 6.80 -1.49 -37.89
C TYR D 288 7.73 -0.87 -36.86
N ASP D 289 7.70 0.46 -36.76
CA ASP D 289 8.57 1.18 -35.82
C ASP D 289 8.60 0.47 -34.47
N GLU D 290 7.42 0.04 -34.01
CA GLU D 290 7.26 -0.61 -32.71
C GLU D 290 7.74 -2.07 -32.67
N LEU D 291 7.76 -2.72 -33.84
CA LEU D 291 8.15 -4.12 -33.93
C LEU D 291 9.67 -4.32 -34.11
N ASN D 292 10.33 -3.34 -34.73
CA ASN D 292 11.78 -3.39 -34.87
C ASN D 292 12.50 -2.95 -33.60
N LEU D 293 11.77 -2.30 -32.70
CA LEU D 293 12.26 -2.08 -31.33
C LEU D 293 12.12 -3.36 -30.50
N ILE D 294 11.82 -4.46 -31.18
CA ILE D 294 11.92 -5.81 -30.61
C ILE D 294 12.42 -6.81 -31.69
N HIS D 295 13.19 -6.26 -32.63
CA HIS D 295 14.22 -6.97 -33.41
C HIS D 295 13.80 -8.11 -34.34
N HIS D 296 13.33 -7.77 -35.55
CA HIS D 296 12.95 -8.82 -36.51
C HIS D 296 13.13 -8.41 -37.98
N ILE D 302 5.32 -4.06 -48.72
CA ILE D 302 3.98 -3.48 -48.77
C ILE D 302 3.35 -3.50 -50.17
N LYS D 303 2.33 -4.35 -50.35
CA LYS D 303 1.60 -4.42 -51.61
C LYS D 303 0.26 -3.68 -51.52
N TYR D 304 -0.28 -3.29 -52.68
CA TYR D 304 -1.56 -2.58 -52.75
C TYR D 304 -2.57 -3.35 -53.59
N ARG D 305 -3.83 -3.32 -53.17
CA ARG D 305 -4.91 -3.91 -53.95
C ARG D 305 -6.14 -3.02 -54.00
N GLU D 306 -7.30 -3.60 -54.31
CA GLU D 306 -8.55 -2.85 -54.37
C GLU D 306 -9.11 -2.69 -52.96
N PHE D 307 -10.11 -1.82 -52.82
CA PHE D 307 -10.84 -1.70 -51.56
C PHE D 307 -11.69 -2.93 -51.38
N ARG D 308 -12.40 -3.00 -50.25
CA ARG D 308 -13.40 -4.05 -50.05
C ARG D 308 -14.81 -3.58 -50.37
N SER D 309 -15.65 -4.51 -50.78
CA SER D 309 -17.08 -4.21 -50.91
C SER D 309 -17.68 -4.11 -49.52
N GLY D 310 -18.19 -2.94 -49.20
CA GLY D 310 -18.74 -2.68 -47.88
C GLY D 310 -17.72 -1.95 -47.01
N ASP D 311 -16.54 -1.72 -47.56
CA ASP D 311 -15.48 -1.04 -46.81
C ASP D 311 -15.86 0.40 -46.57
N VAL D 312 -15.36 0.97 -45.48
CA VAL D 312 -15.67 2.35 -45.07
C VAL D 312 -14.47 3.27 -45.28
N ARG D 313 -14.74 4.52 -45.64
CA ARG D 313 -13.67 5.44 -46.01
C ARG D 313 -12.93 6.11 -44.84
N HIS D 314 -13.68 6.88 -44.04
CA HIS D 314 -13.11 7.51 -42.85
C HIS D 314 -13.95 7.20 -41.63
N SER D 315 -13.29 7.04 -40.49
CA SER D 315 -14.01 6.68 -39.27
C SER D 315 -13.35 7.26 -38.04
N GLN D 316 -14.03 8.17 -37.36
CA GLN D 316 -13.50 8.82 -36.16
C GLN D 316 -14.67 9.09 -35.21
N ALA D 317 -14.51 8.76 -33.94
CA ALA D 317 -15.63 8.90 -32.99
C ALA D 317 -15.60 10.20 -32.19
N ASP D 318 -16.80 10.60 -31.78
CA ASP D 318 -16.97 11.71 -30.87
C ASP D 318 -17.34 11.05 -29.54
N VAL D 319 -16.41 11.05 -28.59
CA VAL D 319 -16.69 10.38 -27.33
C VAL D 319 -17.14 11.31 -26.20
N THR D 320 -17.63 12.52 -26.51
CA THR D 320 -17.95 13.43 -25.42
C THR D 320 -19.16 12.94 -24.61
N LYS D 321 -20.07 12.22 -25.26
CA LYS D 321 -21.22 11.72 -24.53
C LYS D 321 -20.72 10.81 -23.40
N ALA D 322 -19.83 9.89 -23.74
CA ALA D 322 -19.26 8.97 -22.78
C ALA D 322 -18.60 9.73 -21.65
N ILE D 323 -17.83 10.75 -22.03
CA ILE D 323 -17.07 11.56 -21.08
C ILE D 323 -18.02 12.29 -20.14
N ASP D 324 -19.10 12.83 -20.71
CA ASP D 324 -20.12 13.55 -19.97
C ASP D 324 -20.84 12.69 -18.93
N LEU D 325 -21.55 11.67 -19.41
CA LEU D 325 -22.57 10.93 -18.62
C LEU D 325 -22.03 9.76 -17.78
N LEU D 326 -20.85 9.27 -18.15
CA LEU D 326 -20.28 8.08 -17.55
C LEU D 326 -18.91 8.40 -16.96
N LYS D 327 -18.43 9.61 -17.20
CA LYS D 327 -17.13 10.06 -16.71
C LYS D 327 -16.03 9.14 -17.24
N TYR D 328 -16.06 8.91 -18.55
CA TYR D 328 -15.10 8.06 -19.26
C TYR D 328 -13.78 8.79 -19.48
N ARG D 329 -12.68 8.04 -19.55
CA ARG D 329 -11.37 8.62 -19.77
C ARG D 329 -10.58 7.73 -20.71
N PRO D 330 -10.60 8.06 -22.01
CA PRO D 330 -9.72 7.39 -22.96
C PRO D 330 -8.24 7.71 -22.71
N ASN D 331 -7.62 7.01 -21.76
CA ASN D 331 -6.26 7.30 -21.37
C ASN D 331 -5.20 6.74 -22.33
N ILE D 332 -5.52 5.68 -23.05
CA ILE D 332 -4.54 5.04 -23.91
C ILE D 332 -4.79 5.26 -25.40
N LYS D 333 -3.98 6.11 -26.03
CA LYS D 333 -4.09 6.35 -27.48
C LYS D 333 -3.34 5.26 -28.26
N ILE D 334 -3.37 5.35 -29.58
CA ILE D 334 -2.89 4.24 -30.40
C ILE D 334 -1.41 3.84 -30.19
N ARG D 335 -0.49 4.80 -30.24
CA ARG D 335 0.93 4.50 -30.13
C ARG D 335 1.21 3.60 -28.93
N GLU D 336 0.94 4.13 -27.75
CA GLU D 336 1.11 3.40 -26.51
C GLU D 336 0.45 2.02 -26.55
N GLY D 337 -0.70 1.94 -27.19
CA GLY D 337 -1.49 0.71 -27.19
C GLY D 337 -0.77 -0.34 -27.99
N LEU D 338 -0.28 0.03 -29.17
CA LEU D 338 0.52 -0.88 -29.97
C LEU D 338 1.72 -1.36 -29.16
N ARG D 339 2.33 -0.43 -28.43
CA ARG D 339 3.52 -0.79 -27.67
C ARG D 339 3.22 -1.82 -26.58
N LEU D 340 2.04 -1.73 -25.98
CA LEU D 340 1.64 -2.66 -24.93
C LEU D 340 1.22 -4.01 -25.51
N SER D 341 1.00 -4.02 -26.82
CA SER D 341 0.47 -5.21 -27.51
C SER D 341 1.53 -6.13 -28.13
N MET D 342 2.48 -5.54 -28.83
CA MET D 342 3.41 -6.31 -29.66
C MET D 342 4.06 -7.49 -28.93
N PRO D 343 4.49 -7.27 -27.67
CA PRO D 343 5.06 -8.38 -26.88
C PRO D 343 4.14 -9.60 -26.80
N TRP D 344 2.84 -9.37 -26.61
CA TRP D 344 1.88 -10.47 -26.54
C TRP D 344 1.88 -11.32 -27.82
N TYR D 345 2.07 -10.67 -28.96
CA TYR D 345 2.04 -11.36 -30.26
C TYR D 345 3.35 -12.13 -30.54
N VAL D 346 4.45 -11.64 -30.00
CA VAL D 346 5.70 -12.36 -30.07
C VAL D 346 5.55 -13.70 -29.34
N ARG D 347 5.27 -13.65 -28.04
CA ARG D 347 5.02 -14.88 -27.30
C ARG D 347 4.10 -15.78 -28.10
N PHE D 348 2.98 -15.22 -28.52
CA PHE D 348 1.91 -15.99 -29.12
C PHE D 348 2.28 -16.57 -30.49
N LEU D 349 3.25 -15.95 -31.15
CA LEU D 349 3.60 -16.33 -32.52
C LEU D 349 4.88 -17.18 -32.68
N LYS D 350 5.64 -17.34 -31.60
CA LYS D 350 6.84 -18.16 -31.63
C LYS D 350 6.56 -19.58 -32.17
#